data_2HXB
# 
_entry.id   2HXB 
# 
_audit_conform.dict_name       mmcif_pdbx.dic 
_audit_conform.dict_version    5.380 
_audit_conform.dict_location   http://mmcif.pdb.org/dictionaries/ascii/mmcif_pdbx.dic 
# 
loop_
_database_2.database_id 
_database_2.database_code 
_database_2.pdbx_database_accession 
_database_2.pdbx_DOI 
PDB   2HXB         pdb_00002hxb 10.2210/pdb2hxb/pdb 
RCSB  RCSB038869   ?            ?                   
WWPDB D_1000038869 ?            ?                   
# 
loop_
_pdbx_database_related.db_name 
_pdbx_database_related.db_id 
_pdbx_database_related.details 
_pdbx_database_related.content_type 
PDB 1OGH 'The same protein in a different spacegroup.'                                              unspecified 
PDB 2HXD 'Mutant enzyme variant E145A DCD-DUT in complex with alpha,beta-imido dUTP and magnesium.' unspecified 
PDB 2HXE 'Mutant enzyme variant E145Q DCD-DUT in complex with pyrophosphate and magnesium.'         unspecified 
# 
_pdbx_database_status.entry_id                        2HXB 
_pdbx_database_status.deposit_site                    RCSB 
_pdbx_database_status.process_site                    PDBJ 
_pdbx_database_status.recvd_initial_deposition_date   2006-08-03 
_pdbx_database_status.status_code                     REL 
_pdbx_database_status.status_code_sf                  REL 
_pdbx_database_status.status_code_mr                  ? 
_pdbx_database_status.SG_entry                        ? 
_pdbx_database_status.pdb_format_compatible           Y 
_pdbx_database_status.status_code_cs                  ? 
_pdbx_database_status.methods_development_category    ? 
_pdbx_database_status.status_code_nmr_data            ? 
# 
loop_
_audit_author.name 
_audit_author.pdbx_ordinal 
'Bynck, J.H.'   1 
'Johansson, E.' 2 
# 
_citation.id                        primary 
_citation.title                     
'Structural evidence for a concerted Bifunctionality in dCTP deaminase-dUTPase from Methanocaldococcus jannaschii' 
_citation.journal_abbrev            'To be Published' 
_citation.journal_volume            ? 
_citation.page_first                ? 
_citation.page_last                 ? 
_citation.year                      ? 
_citation.journal_id_ASTM           ? 
_citation.country                   ? 
_citation.journal_id_ISSN           ? 
_citation.journal_id_CSD            0353 
_citation.book_publisher            ? 
_citation.pdbx_database_id_PubMed   ? 
_citation.pdbx_database_id_DOI      ? 
# 
loop_
_citation_author.citation_id 
_citation_author.name 
_citation_author.ordinal 
_citation_author.identifier_ORCID 
primary 'Bynck, J.H.'   1 ? 
primary 'Willemoes, M.' 2 ? 
primary 'Larsen, S.'    3 ? 
primary 'Johansson, E.' 4 ? 
# 
_cell.length_a           170.896 
_cell.length_b           170.896 
_cell.length_c           170.896 
_cell.angle_alpha        90.000 
_cell.angle_beta         90.000 
_cell.angle_gamma        90.000 
_cell.entry_id           2HXB 
_cell.pdbx_unique_axis   ? 
_cell.Z_PDB              48 
_cell.length_a_esd       ? 
_cell.length_b_esd       ? 
_cell.length_c_esd       ? 
_cell.angle_alpha_esd    ? 
_cell.angle_beta_esd     ? 
_cell.angle_gamma_esd    ? 
# 
_symmetry.space_group_name_H-M             'I 4 3 2' 
_symmetry.entry_id                         2HXB 
_symmetry.pdbx_full_space_group_name_H-M   ? 
_symmetry.Int_Tables_number                211 
_symmetry.cell_setting                     ? 
_symmetry.space_group_name_Hall            ? 
# 
loop_
_entity.id 
_entity.type 
_entity.src_method 
_entity.pdbx_description 
_entity.formula_weight 
_entity.pdbx_number_of_molecules 
_entity.pdbx_ec 
_entity.pdbx_mutation 
_entity.pdbx_fragment 
_entity.details 
1 polymer man 'dCTP deaminase, dUMP-forming' 23461.854 1  3.5.4.30 ? ? ? 
2 water   nat water                          18.015    46 ?        ? ? ? 
# 
_entity_name_com.entity_id   1 
_entity_name_com.name        'Bifunctional deaminase/diphosphatase, MjDCD-DUT, DCD/DUT' 
# 
_entity_poly.entity_id                      1 
_entity_poly.type                           'polypeptide(L)' 
_entity_poly.nstd_linkage                   no 
_entity_poly.nstd_monomer                   no 
_entity_poly.pdbx_seq_one_letter_code       
;MILSDKDIIDYVTSKRIIIKPFNKDFVGPCSYDVTLGDEFIIYDDEVYDLSKELNYKRIKIKNSILVCPLNYNLTEEKIN
YFKEKYNVDYVVEGGVLGTTNEYIELPNDISAQYQGRSSLGRVFLTSHQTAGWIDAGFKGKITLEIVAFDKPVILYKNQR
IGQLIFSKLLSPADVGYSERKTSKYAYQKSVMPSLIHLDNHKKD
;
_entity_poly.pdbx_seq_one_letter_code_can   
;MILSDKDIIDYVTSKRIIIKPFNKDFVGPCSYDVTLGDEFIIYDDEVYDLSKELNYKRIKIKNSILVCPLNYNLTEEKIN
YFKEKYNVDYVVEGGVLGTTNEYIELPNDISAQYQGRSSLGRVFLTSHQTAGWIDAGFKGKITLEIVAFDKPVILYKNQR
IGQLIFSKLLSPADVGYSERKTSKYAYQKSVMPSLIHLDNHKKD
;
_entity_poly.pdbx_strand_id                 A 
_entity_poly.pdbx_target_identifier         ? 
# 
loop_
_entity_poly_seq.entity_id 
_entity_poly_seq.num 
_entity_poly_seq.mon_id 
_entity_poly_seq.hetero 
1 1   MET n 
1 2   ILE n 
1 3   LEU n 
1 4   SER n 
1 5   ASP n 
1 6   LYS n 
1 7   ASP n 
1 8   ILE n 
1 9   ILE n 
1 10  ASP n 
1 11  TYR n 
1 12  VAL n 
1 13  THR n 
1 14  SER n 
1 15  LYS n 
1 16  ARG n 
1 17  ILE n 
1 18  ILE n 
1 19  ILE n 
1 20  LYS n 
1 21  PRO n 
1 22  PHE n 
1 23  ASN n 
1 24  LYS n 
1 25  ASP n 
1 26  PHE n 
1 27  VAL n 
1 28  GLY n 
1 29  PRO n 
1 30  CYS n 
1 31  SER n 
1 32  TYR n 
1 33  ASP n 
1 34  VAL n 
1 35  THR n 
1 36  LEU n 
1 37  GLY n 
1 38  ASP n 
1 39  GLU n 
1 40  PHE n 
1 41  ILE n 
1 42  ILE n 
1 43  TYR n 
1 44  ASP n 
1 45  ASP n 
1 46  GLU n 
1 47  VAL n 
1 48  TYR n 
1 49  ASP n 
1 50  LEU n 
1 51  SER n 
1 52  LYS n 
1 53  GLU n 
1 54  LEU n 
1 55  ASN n 
1 56  TYR n 
1 57  LYS n 
1 58  ARG n 
1 59  ILE n 
1 60  LYS n 
1 61  ILE n 
1 62  LYS n 
1 63  ASN n 
1 64  SER n 
1 65  ILE n 
1 66  LEU n 
1 67  VAL n 
1 68  CYS n 
1 69  PRO n 
1 70  LEU n 
1 71  ASN n 
1 72  TYR n 
1 73  ASN n 
1 74  LEU n 
1 75  THR n 
1 76  GLU n 
1 77  GLU n 
1 78  LYS n 
1 79  ILE n 
1 80  ASN n 
1 81  TYR n 
1 82  PHE n 
1 83  LYS n 
1 84  GLU n 
1 85  LYS n 
1 86  TYR n 
1 87  ASN n 
1 88  VAL n 
1 89  ASP n 
1 90  TYR n 
1 91  VAL n 
1 92  VAL n 
1 93  GLU n 
1 94  GLY n 
1 95  GLY n 
1 96  VAL n 
1 97  LEU n 
1 98  GLY n 
1 99  THR n 
1 100 THR n 
1 101 ASN n 
1 102 GLU n 
1 103 TYR n 
1 104 ILE n 
1 105 GLU n 
1 106 LEU n 
1 107 PRO n 
1 108 ASN n 
1 109 ASP n 
1 110 ILE n 
1 111 SER n 
1 112 ALA n 
1 113 GLN n 
1 114 TYR n 
1 115 GLN n 
1 116 GLY n 
1 117 ARG n 
1 118 SER n 
1 119 SER n 
1 120 LEU n 
1 121 GLY n 
1 122 ARG n 
1 123 VAL n 
1 124 PHE n 
1 125 LEU n 
1 126 THR n 
1 127 SER n 
1 128 HIS n 
1 129 GLN n 
1 130 THR n 
1 131 ALA n 
1 132 GLY n 
1 133 TRP n 
1 134 ILE n 
1 135 ASP n 
1 136 ALA n 
1 137 GLY n 
1 138 PHE n 
1 139 LYS n 
1 140 GLY n 
1 141 LYS n 
1 142 ILE n 
1 143 THR n 
1 144 LEU n 
1 145 GLU n 
1 146 ILE n 
1 147 VAL n 
1 148 ALA n 
1 149 PHE n 
1 150 ASP n 
1 151 LYS n 
1 152 PRO n 
1 153 VAL n 
1 154 ILE n 
1 155 LEU n 
1 156 TYR n 
1 157 LYS n 
1 158 ASN n 
1 159 GLN n 
1 160 ARG n 
1 161 ILE n 
1 162 GLY n 
1 163 GLN n 
1 164 LEU n 
1 165 ILE n 
1 166 PHE n 
1 167 SER n 
1 168 LYS n 
1 169 LEU n 
1 170 LEU n 
1 171 SER n 
1 172 PRO n 
1 173 ALA n 
1 174 ASP n 
1 175 VAL n 
1 176 GLY n 
1 177 TYR n 
1 178 SER n 
1 179 GLU n 
1 180 ARG n 
1 181 LYS n 
1 182 THR n 
1 183 SER n 
1 184 LYS n 
1 185 TYR n 
1 186 ALA n 
1 187 TYR n 
1 188 GLN n 
1 189 LYS n 
1 190 SER n 
1 191 VAL n 
1 192 MET n 
1 193 PRO n 
1 194 SER n 
1 195 LEU n 
1 196 ILE n 
1 197 HIS n 
1 198 LEU n 
1 199 ASP n 
1 200 ASN n 
1 201 HIS n 
1 202 LYS n 
1 203 LYS n 
1 204 ASP n 
# 
_entity_src_gen.entity_id                          1 
_entity_src_gen.pdbx_src_id                        1 
_entity_src_gen.pdbx_alt_source_flag               sample 
_entity_src_gen.pdbx_seq_type                      ? 
_entity_src_gen.pdbx_beg_seq_num                   ? 
_entity_src_gen.pdbx_end_seq_num                   ? 
_entity_src_gen.gene_src_common_name               ? 
_entity_src_gen.gene_src_genus                     Methanocaldococcus 
_entity_src_gen.pdbx_gene_src_gene                 dcd 
_entity_src_gen.gene_src_species                   ? 
_entity_src_gen.gene_src_strain                    ? 
_entity_src_gen.gene_src_tissue                    ? 
_entity_src_gen.gene_src_tissue_fraction           ? 
_entity_src_gen.gene_src_details                   ? 
_entity_src_gen.pdbx_gene_src_fragment             ? 
_entity_src_gen.pdbx_gene_src_scientific_name      'Methanocaldococcus jannaschii' 
_entity_src_gen.pdbx_gene_src_ncbi_taxonomy_id     2190 
_entity_src_gen.pdbx_gene_src_variant              ? 
_entity_src_gen.pdbx_gene_src_cell_line            ? 
_entity_src_gen.pdbx_gene_src_atcc                 ? 
_entity_src_gen.pdbx_gene_src_organ                ? 
_entity_src_gen.pdbx_gene_src_organelle            ? 
_entity_src_gen.pdbx_gene_src_cell                 ? 
_entity_src_gen.pdbx_gene_src_cellular_location    ? 
_entity_src_gen.host_org_common_name               ? 
_entity_src_gen.pdbx_host_org_scientific_name      'Escherichia coli BL21(DE3)' 
_entity_src_gen.pdbx_host_org_ncbi_taxonomy_id     469008 
_entity_src_gen.host_org_genus                     Escherichia 
_entity_src_gen.pdbx_host_org_gene                 ? 
_entity_src_gen.pdbx_host_org_organ                ? 
_entity_src_gen.host_org_species                   'Escherichia coli' 
_entity_src_gen.pdbx_host_org_tissue               ? 
_entity_src_gen.pdbx_host_org_tissue_fraction      ? 
_entity_src_gen.pdbx_host_org_strain               'BL21(DE3)' 
_entity_src_gen.pdbx_host_org_variant              ? 
_entity_src_gen.pdbx_host_org_cell_line            ? 
_entity_src_gen.pdbx_host_org_atcc                 ? 
_entity_src_gen.pdbx_host_org_culture_collection   ? 
_entity_src_gen.pdbx_host_org_cell                 ? 
_entity_src_gen.pdbx_host_org_organelle            ? 
_entity_src_gen.pdbx_host_org_cellular_location    ? 
_entity_src_gen.pdbx_host_org_vector_type          plasmid 
_entity_src_gen.pdbx_host_org_vector               ? 
_entity_src_gen.host_org_details                   ? 
_entity_src_gen.expression_system_id               ? 
_entity_src_gen.plasmid_name                       pET3a 
_entity_src_gen.plasmid_details                    ? 
_entity_src_gen.pdbx_description                   ? 
# 
_struct_ref.id                         1 
_struct_ref.db_name                    UNP 
_struct_ref.db_code                    DCD_METJA 
_struct_ref.pdbx_db_accession          Q57872 
_struct_ref.entity_id                  1 
_struct_ref.pdbx_seq_one_letter_code   
;MILSDKDIIDYVTSKRIIIKPFNKDFVGPCSYDVTLGDEFIIYDDEVYDLSKELNYKRIKIKNSILVCPLNYNLTEEKIN
YFKEKYNVDYVVEGGVLGTTNEYIELPNDISAQYQGRSSLGRVFLTSHQTAGWIDAGFKGKITLEIVAFDKPVILYKNQR
IGQLIFSKLLSPADVGYSERKTSKYAYQKSVMPSLIHLDNHKKD
;
_struct_ref.pdbx_align_begin           1 
_struct_ref.pdbx_db_isoform            ? 
# 
_struct_ref_seq.align_id                      1 
_struct_ref_seq.ref_id                        1 
_struct_ref_seq.pdbx_PDB_id_code              2HXB 
_struct_ref_seq.pdbx_strand_id                A 
_struct_ref_seq.seq_align_beg                 1 
_struct_ref_seq.pdbx_seq_align_beg_ins_code   ? 
_struct_ref_seq.seq_align_end                 204 
_struct_ref_seq.pdbx_seq_align_end_ins_code   ? 
_struct_ref_seq.pdbx_db_accession             Q57872 
_struct_ref_seq.db_align_beg                  1 
_struct_ref_seq.pdbx_db_align_beg_ins_code    ? 
_struct_ref_seq.db_align_end                  204 
_struct_ref_seq.pdbx_db_align_end_ins_code    ? 
_struct_ref_seq.pdbx_auth_seq_align_beg       1 
_struct_ref_seq.pdbx_auth_seq_align_end       204 
# 
loop_
_chem_comp.id 
_chem_comp.type 
_chem_comp.mon_nstd_flag 
_chem_comp.name 
_chem_comp.pdbx_synonyms 
_chem_comp.formula 
_chem_comp.formula_weight 
ALA 'L-peptide linking' y ALANINE         ? 'C3 H7 N O2'     89.093  
ARG 'L-peptide linking' y ARGININE        ? 'C6 H15 N4 O2 1' 175.209 
ASN 'L-peptide linking' y ASPARAGINE      ? 'C4 H8 N2 O3'    132.118 
ASP 'L-peptide linking' y 'ASPARTIC ACID' ? 'C4 H7 N O4'     133.103 
CYS 'L-peptide linking' y CYSTEINE        ? 'C3 H7 N O2 S'   121.158 
GLN 'L-peptide linking' y GLUTAMINE       ? 'C5 H10 N2 O3'   146.144 
GLU 'L-peptide linking' y 'GLUTAMIC ACID' ? 'C5 H9 N O4'     147.129 
GLY 'peptide linking'   y GLYCINE         ? 'C2 H5 N O2'     75.067  
HIS 'L-peptide linking' y HISTIDINE       ? 'C6 H10 N3 O2 1' 156.162 
HOH non-polymer         . WATER           ? 'H2 O'           18.015  
ILE 'L-peptide linking' y ISOLEUCINE      ? 'C6 H13 N O2'    131.173 
LEU 'L-peptide linking' y LEUCINE         ? 'C6 H13 N O2'    131.173 
LYS 'L-peptide linking' y LYSINE          ? 'C6 H15 N2 O2 1' 147.195 
MET 'L-peptide linking' y METHIONINE      ? 'C5 H11 N O2 S'  149.211 
PHE 'L-peptide linking' y PHENYLALANINE   ? 'C9 H11 N O2'    165.189 
PRO 'L-peptide linking' y PROLINE         ? 'C5 H9 N O2'     115.130 
SER 'L-peptide linking' y SERINE          ? 'C3 H7 N O3'     105.093 
THR 'L-peptide linking' y THREONINE       ? 'C4 H9 N O3'     119.119 
TRP 'L-peptide linking' y TRYPTOPHAN      ? 'C11 H12 N2 O2'  204.225 
TYR 'L-peptide linking' y TYROSINE        ? 'C9 H11 N O3'    181.189 
VAL 'L-peptide linking' y VALINE          ? 'C5 H11 N O2'    117.146 
# 
_exptl.crystals_number   1 
_exptl.entry_id          2HXB 
_exptl.method            'X-RAY DIFFRACTION' 
# 
_exptl_crystal.id                    1 
_exptl_crystal.density_Matthews      4.44 
_exptl_crystal.density_meas          ? 
_exptl_crystal.density_percent_sol   72 
_exptl_crystal.description           ? 
_exptl_crystal.F_000                 ? 
_exptl_crystal.preparation           ? 
# 
_exptl_crystal_grow.crystal_id      1 
_exptl_crystal_grow.method          'VAPOR DIFFUSION, HANGING DROP' 
_exptl_crystal_grow.pH              7.5 
_exptl_crystal_grow.temp            298 
_exptl_crystal_grow.temp_details    ? 
_exptl_crystal_grow.pdbx_details    
'30 % PEG400, 0.2M calcium chloride dihydrate, 0.1M HEPES, pH 7.5, VAPOR DIFFUSION, HANGING DROP, temperature 298K' 
_exptl_crystal_grow.pdbx_pH_range   . 
# 
_diffrn.id                     1 
_diffrn.ambient_temp           100 
_diffrn.ambient_temp_details   ? 
_diffrn.crystal_id             1 
# 
_diffrn_detector.diffrn_id              1 
_diffrn_detector.detector               CCD 
_diffrn_detector.type                   MARRESEARCH 
_diffrn_detector.pdbx_collection_date   2003-03-21 
_diffrn_detector.details                ? 
# 
_diffrn_radiation.diffrn_id                        1 
_diffrn_radiation.wavelength_id                    1 
_diffrn_radiation.pdbx_diffrn_protocol             'SINGLE WAVELENGTH' 
_diffrn_radiation.monochromator                    'Monochromator 0.900' 
_diffrn_radiation.pdbx_monochromatic_or_laue_m_l   M 
_diffrn_radiation.pdbx_scattering_type             x-ray 
# 
_diffrn_radiation_wavelength.id           1 
_diffrn_radiation_wavelength.wavelength   1.0070 
_diffrn_radiation_wavelength.wt           1.0 
# 
_diffrn_source.diffrn_id                   1 
_diffrn_source.source                      SYNCHROTRON 
_diffrn_source.type                        'MAX II BEAMLINE I711' 
_diffrn_source.pdbx_wavelength             ? 
_diffrn_source.pdbx_wavelength_list        1.0070 
_diffrn_source.pdbx_synchrotron_site       'MAX II' 
_diffrn_source.pdbx_synchrotron_beamline   I711 
# 
_reflns.entry_id                     2HXB 
_reflns.observed_criterion_sigma_F   ? 
_reflns.observed_criterion_sigma_I   ? 
_reflns.d_resolution_high            2.55 
_reflns.d_resolution_low             30 
_reflns.number_all                   ? 
_reflns.number_obs                   14069 
_reflns.percent_possible_obs         100 
_reflns.pdbx_Rmerge_I_obs            0.0127 
_reflns.pdbx_Rsym_value              ? 
_reflns.pdbx_netI_over_sigmaI        19.4 
_reflns.B_iso_Wilson_estimate        ? 
_reflns.pdbx_redundancy              13.5 
_reflns.R_free_details               ? 
_reflns.limit_h_max                  ? 
_reflns.limit_h_min                  ? 
_reflns.limit_k_max                  ? 
_reflns.limit_k_min                  ? 
_reflns.limit_l_max                  ? 
_reflns.limit_l_min                  ? 
_reflns.observed_criterion_F_max     ? 
_reflns.observed_criterion_F_min     ? 
_reflns.pdbx_chi_squared             ? 
_reflns.pdbx_scaling_rejects         ? 
_reflns.pdbx_ordinal                 1 
_reflns.pdbx_diffrn_id               1 
# 
_reflns_shell.d_res_high             2.55 
_reflns_shell.d_res_low              2.61 
_reflns_shell.percent_possible_obs   ? 
_reflns_shell.percent_possible_all   100 
_reflns_shell.Rmerge_I_obs           0.482 
_reflns_shell.meanI_over_sigI_obs    4.8 
_reflns_shell.pdbx_Rsym_value        ? 
_reflns_shell.pdbx_redundancy        ? 
_reflns_shell.number_unique_all      14069 
_reflns_shell.number_measured_all    ? 
_reflns_shell.number_measured_obs    ? 
_reflns_shell.number_unique_obs      ? 
_reflns_shell.pdbx_chi_squared       ? 
_reflns_shell.pdbx_ordinal           1 
_reflns_shell.pdbx_diffrn_id         1 
# 
_refine.entry_id                                 2HXB 
_refine.ls_d_res_high                            2.550 
_refine.ls_d_res_low                             25.000 
_refine.pdbx_ls_sigma_F                          0.00 
_refine.ls_percent_reflns_obs                    99.010 
_refine.ls_number_reflns_obs                     14059 
_refine.pdbx_ls_cross_valid_method               THROUGHOUT 
_refine.pdbx_R_Free_selection_details            RANDOM 
_refine.details                                  'HYDROGENS HAVE BEEN ADDED IN THE RIDING POSITIONS' 
_refine.ls_R_factor_all                          0.2 
_refine.ls_R_factor_R_work                       0.185 
_refine.ls_R_factor_R_free                       0.198 
_refine.ls_percent_reflns_R_free                 5.000 
_refine.ls_number_reflns_R_free                  708 
_refine.B_iso_mean                               21.602 
_refine.correlation_coeff_Fo_to_Fc               0.928 
_refine.correlation_coeff_Fo_to_Fc_free          0.928 
_refine.pdbx_overall_ESU_R                       0.209 
_refine.pdbx_overall_ESU_R_Free                  0.183 
_refine.overall_SU_ML                            0.113 
_refine.overall_SU_B                             5.096 
_refine.solvent_model_details                    MASK 
_refine.pdbx_solvent_vdw_probe_radii             1.400 
_refine.pdbx_solvent_ion_probe_radii             0.800 
_refine.pdbx_solvent_shrinkage_radii             0.800 
_refine.pdbx_stereochemistry_target_values       'MAXIMUM LIKELIHOOD' 
_refine.pdbx_ls_sigma_I                          ? 
_refine.ls_number_reflns_all                     ? 
_refine.ls_R_factor_obs                          ? 
_refine.ls_redundancy_reflns_obs                 ? 
_refine.pdbx_data_cutoff_high_absF               ? 
_refine.pdbx_data_cutoff_low_absF                ? 
_refine.ls_number_parameters                     ? 
_refine.ls_number_restraints                     ? 
_refine.ls_R_factor_R_free_error                 ? 
_refine.ls_R_factor_R_free_error_details         ? 
_refine.pdbx_method_to_determine_struct          'MOLECULAR REPLACEMENT' 
_refine.pdbx_starting_model                      'PDB ENTRY 1OGH' 
_refine.pdbx_stereochem_target_val_spec_case     ? 
_refine.solvent_model_param_bsol                 ? 
_refine.solvent_model_param_ksol                 ? 
_refine.occupancy_max                            ? 
_refine.occupancy_min                            ? 
_refine.pdbx_isotropic_thermal_model             Isotropic 
_refine.aniso_B[1][1]                            ? 
_refine.aniso_B[1][2]                            ? 
_refine.aniso_B[1][3]                            ? 
_refine.aniso_B[2][2]                            ? 
_refine.aniso_B[2][3]                            ? 
_refine.aniso_B[3][3]                            ? 
_refine.B_iso_min                                ? 
_refine.B_iso_max                                ? 
_refine.overall_SU_R_Cruickshank_DPI             ? 
_refine.overall_SU_R_free                        ? 
_refine.pdbx_data_cutoff_high_rms_absF           ? 
_refine.ls_wR_factor_R_free                      ? 
_refine.ls_wR_factor_R_work                      ? 
_refine.overall_FOM_free_R_set                   ? 
_refine.overall_FOM_work_R_set                   ? 
_refine.pdbx_refine_id                           'X-RAY DIFFRACTION' 
_refine.pdbx_diffrn_id                           1 
_refine.pdbx_TLS_residual_ADP_flag               ? 
_refine.pdbx_overall_phase_error                 ? 
_refine.pdbx_overall_SU_R_free_Cruickshank_DPI   ? 
_refine.pdbx_overall_SU_R_Blow_DPI               ? 
_refine.pdbx_overall_SU_R_free_Blow_DPI          ? 
# 
_refine_hist.pdbx_refine_id                   'X-RAY DIFFRACTION' 
_refine_hist.cycle_id                         LAST 
_refine_hist.pdbx_number_atoms_protein        1414 
_refine_hist.pdbx_number_atoms_nucleic_acid   0 
_refine_hist.pdbx_number_atoms_ligand         0 
_refine_hist.number_atoms_solvent             46 
_refine_hist.number_atoms_total               1460 
_refine_hist.d_res_high                       2.550 
_refine_hist.d_res_low                        25.000 
# 
loop_
_refine_ls_restr.type 
_refine_ls_restr.number 
_refine_ls_restr.dev_ideal 
_refine_ls_restr.dev_ideal_target 
_refine_ls_restr.weight 
_refine_ls_restr.pdbx_refine_id 
_refine_ls_restr.pdbx_restraint_function 
r_bond_refined_d         1442 0.019 0.022 ? 'X-RAY DIFFRACTION' ? 
r_bond_other_d           1316 0.002 0.020 ? 'X-RAY DIFFRACTION' ? 
r_angle_refined_deg      1951 1.620 1.971 ? 'X-RAY DIFFRACTION' ? 
r_angle_other_deg        3078 0.847 3.000 ? 'X-RAY DIFFRACTION' ? 
r_dihedral_angle_1_deg   174  6.917 5.000 ? 'X-RAY DIFFRACTION' ? 
r_chiral_restr           221  0.093 0.200 ? 'X-RAY DIFFRACTION' ? 
r_gen_planes_refined     1573 0.006 0.020 ? 'X-RAY DIFFRACTION' ? 
r_gen_planes_other       283  0.002 0.020 ? 'X-RAY DIFFRACTION' ? 
r_nbd_refined            218  0.187 0.200 ? 'X-RAY DIFFRACTION' ? 
r_nbd_other              1408 0.237 0.200 ? 'X-RAY DIFFRACTION' ? 
r_nbtor_other            894  0.087 0.200 ? 'X-RAY DIFFRACTION' ? 
r_xyhbond_nbd_refined    43   0.113 0.200 ? 'X-RAY DIFFRACTION' ? 
r_symmetry_vdw_refined   14   0.119 0.200 ? 'X-RAY DIFFRACTION' ? 
r_symmetry_vdw_other     87   0.296 0.200 ? 'X-RAY DIFFRACTION' ? 
r_symmetry_hbond_refined 17   0.144 0.200 ? 'X-RAY DIFFRACTION' ? 
# 
_refine_ls_shell.d_res_high                       2.550 
_refine_ls_shell.d_res_low                        2.616 
_refine_ls_shell.pdbx_total_number_of_bins_used   20 
_refine_ls_shell.percent_reflns_obs               ? 
_refine_ls_shell.number_reflns_R_work             966 
_refine_ls_shell.R_factor_all                     ? 
_refine_ls_shell.R_factor_R_work                  0.254 
_refine_ls_shell.R_factor_R_free                  0.308 
_refine_ls_shell.percent_reflns_R_free            ? 
_refine_ls_shell.number_reflns_R_free             47 
_refine_ls_shell.R_factor_R_free_error            ? 
_refine_ls_shell.number_reflns_all                ? 
_refine_ls_shell.number_reflns_obs                1013 
_refine_ls_shell.redundancy_reflns_obs            ? 
_refine_ls_shell.pdbx_refine_id                   'X-RAY DIFFRACTION' 
# 
_struct.entry_id                  2HXB 
_struct.title                     'dCTP deaminase-dUTPase from Methanocaldococcus jannaschii' 
_struct.pdbx_model_details        ? 
_struct.pdbx_CASP_flag            ? 
_struct.pdbx_model_type_details   ? 
# 
_struct_keywords.entry_id        2HXB 
_struct_keywords.pdbx_keywords   HYDROLASE 
_struct_keywords.text            'beta barrel, Hydrolase' 
# 
loop_
_struct_asym.id 
_struct_asym.pdbx_blank_PDB_chainid_flag 
_struct_asym.pdbx_modified 
_struct_asym.entity_id 
_struct_asym.details 
A N N 1 ? 
B N N 2 ? 
# 
loop_
_struct_conf.conf_type_id 
_struct_conf.id 
_struct_conf.pdbx_PDB_helix_id 
_struct_conf.beg_label_comp_id 
_struct_conf.beg_label_asym_id 
_struct_conf.beg_label_seq_id 
_struct_conf.pdbx_beg_PDB_ins_code 
_struct_conf.end_label_comp_id 
_struct_conf.end_label_asym_id 
_struct_conf.end_label_seq_id 
_struct_conf.pdbx_end_PDB_ins_code 
_struct_conf.beg_auth_comp_id 
_struct_conf.beg_auth_asym_id 
_struct_conf.beg_auth_seq_id 
_struct_conf.end_auth_comp_id 
_struct_conf.end_auth_asym_id 
_struct_conf.end_auth_seq_id 
_struct_conf.pdbx_PDB_helix_class 
_struct_conf.details 
_struct_conf.pdbx_PDB_helix_length 
HELX_P HELX_P1 1 SER A 4   ? SER A 14  ? SER A 4   SER A 14  1 ? 11 
HELX_P HELX_P2 2 ASN A 23  ? VAL A 27  ? ASN A 23  VAL A 27  5 ? 5  
HELX_P HELX_P3 3 THR A 75  ? ASN A 87  ? THR A 75  ASN A 87  1 ? 13 
HELX_P HELX_P4 4 ARG A 117 ? VAL A 123 ? ARG A 117 VAL A 123 1 ? 7  
# 
_struct_conf_type.id          HELX_P 
_struct_conf_type.criteria    ? 
_struct_conf_type.reference   ? 
# 
_struct_mon_prot_cis.pdbx_id                1 
_struct_mon_prot_cis.label_comp_id          LYS 
_struct_mon_prot_cis.label_seq_id           20 
_struct_mon_prot_cis.label_asym_id          A 
_struct_mon_prot_cis.label_alt_id           . 
_struct_mon_prot_cis.pdbx_PDB_ins_code      ? 
_struct_mon_prot_cis.auth_comp_id           LYS 
_struct_mon_prot_cis.auth_seq_id            20 
_struct_mon_prot_cis.auth_asym_id           A 
_struct_mon_prot_cis.pdbx_label_comp_id_2   PRO 
_struct_mon_prot_cis.pdbx_label_seq_id_2    21 
_struct_mon_prot_cis.pdbx_label_asym_id_2   A 
_struct_mon_prot_cis.pdbx_PDB_ins_code_2    ? 
_struct_mon_prot_cis.pdbx_auth_comp_id_2    PRO 
_struct_mon_prot_cis.pdbx_auth_seq_id_2     21 
_struct_mon_prot_cis.pdbx_auth_asym_id_2    A 
_struct_mon_prot_cis.pdbx_PDB_model_num     1 
_struct_mon_prot_cis.pdbx_omega_angle       -6.72 
# 
loop_
_struct_sheet.id 
_struct_sheet.type 
_struct_sheet.number_strands 
_struct_sheet.details 
A ? 4 ? 
B ? 4 ? 
C ? 2 ? 
D ? 3 ? 
# 
loop_
_struct_sheet_order.sheet_id 
_struct_sheet_order.range_id_1 
_struct_sheet_order.range_id_2 
_struct_sheet_order.offset 
_struct_sheet_order.sense 
A 1 2 ? anti-parallel 
A 2 3 ? anti-parallel 
A 3 4 ? anti-parallel 
B 1 2 ? anti-parallel 
B 2 3 ? anti-parallel 
B 3 4 ? anti-parallel 
C 1 2 ? anti-parallel 
D 1 2 ? parallel      
D 2 3 ? anti-parallel 
# 
loop_
_struct_sheet_range.sheet_id 
_struct_sheet_range.id 
_struct_sheet_range.beg_label_comp_id 
_struct_sheet_range.beg_label_asym_id 
_struct_sheet_range.beg_label_seq_id 
_struct_sheet_range.pdbx_beg_PDB_ins_code 
_struct_sheet_range.end_label_comp_id 
_struct_sheet_range.end_label_asym_id 
_struct_sheet_range.end_label_seq_id 
_struct_sheet_range.pdbx_end_PDB_ins_code 
_struct_sheet_range.beg_auth_comp_id 
_struct_sheet_range.beg_auth_asym_id 
_struct_sheet_range.beg_auth_seq_id 
_struct_sheet_range.end_auth_comp_id 
_struct_sheet_range.end_auth_asym_id 
_struct_sheet_range.end_auth_seq_id 
A 1 ILE A 18  ? LYS A 20  ? ILE A 18  LYS A 20  
A 2 VAL A 96  ? GLU A 105 ? VAL A 96  GLU A 105 
A 3 LYS A 139 ? ALA A 148 ? LYS A 139 ALA A 148 
A 4 LEU A 125 ? THR A 126 ? LEU A 125 THR A 126 
B 1 TYR A 32  ? THR A 35  ? TYR A 32  THR A 35  
B 2 ARG A 160 ? LYS A 168 ? ARG A 160 LYS A 168 
B 3 ILE A 110 ? GLY A 116 ? ILE A 110 GLY A 116 
B 4 TRP A 133 ? ILE A 134 ? TRP A 133 ILE A 134 
C 1 GLU A 39  ? TYR A 43  ? GLU A 39  TYR A 43  
C 2 TYR A 56  ? LYS A 60  ? TYR A 56  LYS A 60  
D 1 TYR A 90  ? GLU A 93  ? TYR A 90  GLU A 93  
D 2 SER A 64  ? CYS A 68  ? SER A 64  CYS A 68  
D 3 VAL A 153 ? TYR A 156 ? VAL A 153 TYR A 156 
# 
loop_
_pdbx_struct_sheet_hbond.sheet_id 
_pdbx_struct_sheet_hbond.range_id_1 
_pdbx_struct_sheet_hbond.range_id_2 
_pdbx_struct_sheet_hbond.range_1_label_atom_id 
_pdbx_struct_sheet_hbond.range_1_label_comp_id 
_pdbx_struct_sheet_hbond.range_1_label_asym_id 
_pdbx_struct_sheet_hbond.range_1_label_seq_id 
_pdbx_struct_sheet_hbond.range_1_PDB_ins_code 
_pdbx_struct_sheet_hbond.range_1_auth_atom_id 
_pdbx_struct_sheet_hbond.range_1_auth_comp_id 
_pdbx_struct_sheet_hbond.range_1_auth_asym_id 
_pdbx_struct_sheet_hbond.range_1_auth_seq_id 
_pdbx_struct_sheet_hbond.range_2_label_atom_id 
_pdbx_struct_sheet_hbond.range_2_label_comp_id 
_pdbx_struct_sheet_hbond.range_2_label_asym_id 
_pdbx_struct_sheet_hbond.range_2_label_seq_id 
_pdbx_struct_sheet_hbond.range_2_PDB_ins_code 
_pdbx_struct_sheet_hbond.range_2_auth_atom_id 
_pdbx_struct_sheet_hbond.range_2_auth_comp_id 
_pdbx_struct_sheet_hbond.range_2_auth_asym_id 
_pdbx_struct_sheet_hbond.range_2_auth_seq_id 
A 1 2 N LYS A 20  ? N LYS A 20  O TYR A 103 ? O TYR A 103 
A 2 3 N VAL A 96  ? N VAL A 96  O ILE A 146 ? O ILE A 146 
A 3 4 O VAL A 147 ? O VAL A 147 N THR A 126 ? N THR A 126 
B 1 2 N VAL A 34  ? N VAL A 34  O GLY A 162 ? O GLY A 162 
B 2 3 O SER A 167 ? O SER A 167 N SER A 111 ? N SER A 111 
B 3 4 N ALA A 112 ? N ALA A 112 O ILE A 134 ? O ILE A 134 
C 1 2 N ILE A 42  ? N ILE A 42  O LYS A 57  ? O LYS A 57  
D 1 2 O TYR A 90  ? O TYR A 90  N LEU A 66  ? N LEU A 66  
D 2 3 N VAL A 67  ? N VAL A 67  O VAL A 153 ? O VAL A 153 
# 
_atom_sites.entry_id                    2HXB 
_atom_sites.fract_transf_matrix[1][1]   0.00526855 
_atom_sites.fract_transf_matrix[1][2]   0.00148038 
_atom_sites.fract_transf_matrix[1][3]   -0.00207286 
_atom_sites.fract_transf_matrix[2][1]   -0.00103107 
_atom_sites.fract_transf_matrix[2][2]   -0.00311520 
_atom_sites.fract_transf_matrix[2][3]   -0.00484544 
_atom_sites.fract_transf_matrix[3][1]   -0.00232920 
_atom_sites.fract_transf_matrix[3][2]   0.00472757 
_atom_sites.fract_transf_matrix[3][3]   -0.00254379 
_atom_sites.fract_transf_vector[1]      0.326802 
_atom_sites.fract_transf_vector[2]      0.289766 
_atom_sites.fract_transf_vector[3]      0.600994 
# 
loop_
_atom_type.symbol 
C 
N 
O 
S 
# 
loop_
_atom_site.group_PDB 
_atom_site.id 
_atom_site.type_symbol 
_atom_site.label_atom_id 
_atom_site.label_alt_id 
_atom_site.label_comp_id 
_atom_site.label_asym_id 
_atom_site.label_entity_id 
_atom_site.label_seq_id 
_atom_site.pdbx_PDB_ins_code 
_atom_site.Cartn_x 
_atom_site.Cartn_y 
_atom_site.Cartn_z 
_atom_site.occupancy 
_atom_site.B_iso_or_equiv 
_atom_site.pdbx_formal_charge 
_atom_site.auth_seq_id 
_atom_site.auth_comp_id 
_atom_site.auth_asym_id 
_atom_site.auth_atom_id 
_atom_site.pdbx_PDB_model_num 
ATOM   1    N N   . MET A 1 1   ? -16.314 16.794  -1.674  1.00 23.69 ? 1   MET A N   1 
ATOM   2    C CA  . MET A 1 1   ? -15.444 17.735  -0.954  1.00 23.21 ? 1   MET A CA  1 
ATOM   3    C C   . MET A 1 1   ? -14.408 17.008  -0.132  1.00 19.69 ? 1   MET A C   1 
ATOM   4    O O   . MET A 1 1   ? -14.727 16.116  0.640   1.00 18.42 ? 1   MET A O   1 
ATOM   5    C CB  . MET A 1 1   ? -16.278 18.534  0.002   1.00 23.47 ? 1   MET A CB  1 
ATOM   6    C CG  . MET A 1 1   ? -17.252 19.466  -0.698  1.00 34.40 ? 1   MET A CG  1 
ATOM   7    S SD  . MET A 1 1   ? -16.722 21.043  -0.393  1.00 44.66 ? 1   MET A SD  1 
ATOM   8    C CE  . MET A 1 1   ? -17.750 22.026  -1.605  1.00 44.55 ? 1   MET A CE  1 
ATOM   9    N N   . ILE A 1 2   ? -13.162 17.430  -0.262  1.00 16.76 ? 2   ILE A N   1 
ATOM   10   C CA  . ILE A 1 2   ? -12.049 16.704  0.289   1.00 16.14 ? 2   ILE A CA  1 
ATOM   11   C C   . ILE A 1 2   ? -11.645 17.283  1.613   1.00 14.78 ? 2   ILE A C   1 
ATOM   12   O O   . ILE A 1 2   ? -11.491 18.503  1.745   1.00 14.35 ? 2   ILE A O   1 
ATOM   13   C CB  . ILE A 1 2   ? -10.907 16.775  -0.721  1.00 15.53 ? 2   ILE A CB  1 
ATOM   14   C CG1 . ILE A 1 2   ? -11.296 15.932  -1.940  1.00 18.45 ? 2   ILE A CG1 1 
ATOM   15   C CG2 . ILE A 1 2   ? -9.591  16.304  -0.104  1.00 16.14 ? 2   ILE A CG2 1 
ATOM   16   C CD1 . ILE A 1 2   ? -10.280 16.081  -3.056  1.00 21.65 ? 2   ILE A CD1 1 
ATOM   17   N N   . LEU A 1 3   ? -11.476 16.416  2.601   1.00 14.03 ? 3   LEU A N   1 
ATOM   18   C CA  . LEU A 1 3   ? -11.097 16.842  3.949   1.00 13.78 ? 3   LEU A CA  1 
ATOM   19   C C   . LEU A 1 3   ? -9.698  17.439  3.990   1.00 14.65 ? 3   LEU A C   1 
ATOM   20   O O   . LEU A 1 3   ? -8.755  16.870  3.408   1.00 13.76 ? 3   LEU A O   1 
ATOM   21   C CB  . LEU A 1 3   ? -11.172 15.666  4.927   1.00 13.33 ? 3   LEU A CB  1 
ATOM   22   C CG  . LEU A 1 3   ? -12.547 15.403  5.554   1.00 15.14 ? 3   LEU A CG  1 
ATOM   23   C CD1 . LEU A 1 3   ? -13.640 15.191  4.527   1.00 18.68 ? 3   LEU A CD1 1 
ATOM   24   C CD2 . LEU A 1 3   ? -12.467 14.189  6.430   1.00 15.92 ? 3   LEU A CD2 1 
ATOM   25   N N   . SER A 1 4   ? -9.562  18.582  4.668   1.00 14.29 ? 4   SER A N   1 
ATOM   26   C CA  . SER A 1 4   ? -8.263  19.193  4.904   1.00 13.22 ? 4   SER A CA  1 
ATOM   27   C C   . SER A 1 4   ? -7.619  18.598  6.145   1.00 14.31 ? 4   SER A C   1 
ATOM   28   O O   . SER A 1 4   ? -8.230  17.808  6.850   1.00 13.66 ? 4   SER A O   1 
ATOM   29   C CB  . SER A 1 4   ? -8.437  20.678  5.140   1.00 14.24 ? 4   SER A CB  1 
ATOM   30   O OG  . SER A 1 4   ? -9.250  20.878  6.315   1.00 14.01 ? 4   SER A OG  1 
ATOM   31   N N   . ASP A 1 5   ? -6.395  18.999  6.423   1.00 14.51 ? 5   ASP A N   1 
ATOM   32   C CA  . ASP A 1 5   ? -5.702  18.609  7.638   1.00 15.04 ? 5   ASP A CA  1 
ATOM   33   C C   . ASP A 1 5   ? -6.590  18.813  8.852   1.00 15.44 ? 5   ASP A C   1 
ATOM   34   O O   . ASP A 1 5   ? -6.765  17.885  9.667   1.00 15.61 ? 5   ASP A O   1 
ATOM   35   C CB  . ASP A 1 5   ? -4.376  19.402  7.832   1.00 15.14 ? 5   ASP A CB  1 
ATOM   36   C CG  . ASP A 1 5   ? -4.460  20.858  7.383   1.00 17.04 ? 5   ASP A CG  1 
ATOM   37   O OD1 . ASP A 1 5   ? -5.522  21.475  7.496   1.00 18.81 ? 5   ASP A OD1 1 
ATOM   38   O OD2 . ASP A 1 5   ? -3.542  21.508  6.888   1.00 21.57 ? 5   ASP A OD2 1 
ATOM   39   N N   . LYS A 1 6   ? -7.179  19.997  8.993   1.00 15.81 ? 6   LYS A N   1 
ATOM   40   C CA  . LYS A 1 6   ? -7.960  20.238  10.191  1.00 17.80 ? 6   LYS A CA  1 
ATOM   41   C C   . LYS A 1 6   ? -9.173  19.310  10.240  1.00 16.82 ? 6   LYS A C   1 
ATOM   42   O O   . LYS A 1 6   ? -9.582  18.897  11.343  1.00 14.92 ? 6   LYS A O   1 
ATOM   43   C CB  . LYS A 1 6   ? -8.281  21.741  10.450  1.00 19.75 ? 6   LYS A CB  1 
ATOM   44   C CG  . LYS A 1 6   ? -8.491  22.671  9.230   1.00 28.22 ? 6   LYS A CG  1 
ATOM   45   C CD  . LYS A 1 6   ? -8.741  24.182  9.640   1.00 32.38 ? 6   LYS A CD  1 
ATOM   46   C CE  . LYS A 1 6   ? -7.678  25.127  9.094   1.00 36.80 ? 6   LYS A CE  1 
ATOM   47   N NZ  . LYS A 1 6   ? -6.296  24.451  9.036   1.00 34.38 ? 6   LYS A NZ  1 
ATOM   48   N N   . ASP A 1 7   ? -9.718  18.893  9.093   1.00 16.45 ? 7   ASP A N   1 
ATOM   49   C CA  . ASP A 1 7   ? -10.864 17.980  9.147   1.00 15.20 ? 7   ASP A CA  1 
ATOM   50   C C   . ASP A 1 7   ? -10.451 16.561  9.512   1.00 14.60 ? 7   ASP A C   1 
ATOM   51   O O   . ASP A 1 7   ? -11.116 15.889  10.331  1.00 14.09 ? 7   ASP A O   1 
ATOM   52   C CB  . ASP A 1 7   ? -11.630 17.954  7.847   1.00 16.77 ? 7   ASP A CB  1 
ATOM   53   C CG  . ASP A 1 7   ? -12.091 19.339  7.402   1.00 16.71 ? 7   ASP A CG  1 
ATOM   54   O OD1 . ASP A 1 7   ? -12.773 20.044  8.182   1.00 18.47 ? 7   ASP A OD1 1 
ATOM   55   O OD2 . ASP A 1 7   ? -11.755 19.820  6.300   1.00 18.02 ? 7   ASP A OD2 1 
ATOM   56   N N   . ILE A 1 8   ? -9.326  16.108  8.928   1.00 12.95 ? 8   ILE A N   1 
ATOM   57   C CA  . ILE A 1 8   ? -8.801  14.781  9.224   1.00 14.42 ? 8   ILE A CA  1 
ATOM   58   C C   . ILE A 1 8   ? -8.578  14.684  10.740  1.00 14.96 ? 8   ILE A C   1 
ATOM   59   O O   . ILE A 1 8   ? -8.979  13.710  11.376  1.00 15.14 ? 8   ILE A O   1 
ATOM   60   C CB  . ILE A 1 8   ? -7.496  14.524  8.415   1.00 14.51 ? 8   ILE A CB  1 
ATOM   61   C CG1 . ILE A 1 8   ? -7.788  14.317  6.917   1.00 15.39 ? 8   ILE A CG1 1 
ATOM   62   C CG2 . ILE A 1 8   ? -6.733  13.290  8.931   1.00 14.33 ? 8   ILE A CG2 1 
ATOM   63   C CD1 . ILE A 1 8   ? -6.592  14.643  6.009   1.00 17.25 ? 8   ILE A CD1 1 
ATOM   64   N N   . ILE A 1 9   ? -7.965  15.681  11.347  1.00 16.19 ? 9   ILE A N   1 
ATOM   65   C CA  . ILE A 1 9   ? -7.697  15.603  12.780  1.00 16.61 ? 9   ILE A CA  1 
ATOM   66   C C   . ILE A 1 9   ? -8.984  15.497  13.615  1.00 15.26 ? 9   ILE A C   1 
ATOM   67   O O   . ILE A 1 9   ? -9.037  14.723  14.584  1.00 14.58 ? 9   ILE A O   1 
ATOM   68   C CB  . ILE A 1 9   ? -6.832  16.835  13.248  1.00 16.57 ? 9   ILE A CB  1 
ATOM   69   C CG1 . ILE A 1 9   ? -5.399  16.697  12.726  1.00 21.43 ? 9   ILE A CG1 1 
ATOM   70   C CG2 . ILE A 1 9   ? -6.793  16.964  14.782  1.00 19.78 ? 9   ILE A CG2 1 
ATOM   71   C CD1 . ILE A 1 9   ? -4.735  18.039  12.562  1.00 26.87 ? 9   ILE A CD1 1 
ATOM   72   N N   . ASP A 1 10  ? -10.004 16.284  13.278  1.00 14.30 ? 10  ASP A N   1 
ATOM   73   C CA  . ASP A 1 10  ? -11.309 16.231  13.960  1.00 15.21 ? 10  ASP A CA  1 
ATOM   74   C C   . ASP A 1 10  ? -11.948 14.876  13.826  1.00 14.37 ? 10  ASP A C   1 
ATOM   75   O O   . ASP A 1 10  ? -12.393 14.290  14.822  1.00 14.58 ? 10  ASP A O   1 
ATOM   76   C CB  . ASP A 1 10  ? -12.316 17.202  13.303  1.00 14.70 ? 10  ASP A CB  1 
ATOM   77   C CG  . ASP A 1 10  ? -12.053 18.670  13.612  1.00 18.17 ? 10  ASP A CG  1 
ATOM   78   O OD1 . ASP A 1 10  ? -11.229 18.969  14.557  1.00 17.23 ? 10  ASP A OD1 1 
ATOM   79   O OD2 . ASP A 1 10  ? -12.647 19.584  12.969  1.00 17.76 ? 10  ASP A OD2 1 
ATOM   80   N N   . TYR A 1 11  ? -12.067 14.375  12.596  1.00 14.35 ? 11  TYR A N   1 
ATOM   81   C CA  . TYR A 1 11  ? -12.726 13.083  12.386  1.00 14.44 ? 11  TYR A CA  1 
ATOM   82   C C   . TYR A 1 11  ? -12.002 11.977  13.147  1.00 14.73 ? 11  TYR A C   1 
ATOM   83   O O   . TYR A 1 11  ? -12.609 10.986  13.591  1.00 16.95 ? 11  TYR A O   1 
ATOM   84   C CB  . TYR A 1 11  ? -12.785 12.724  10.902  1.00 13.19 ? 11  TYR A CB  1 
ATOM   85   C CG  . TYR A 1 11  ? -13.914 13.376  10.184  1.00 13.86 ? 11  TYR A CG  1 
ATOM   86   C CD1 . TYR A 1 11  ? -14.043 14.776  10.131  1.00 17.57 ? 11  TYR A CD1 1 
ATOM   87   C CD2 . TYR A 1 11  ? -14.862 12.620  9.546   1.00 15.09 ? 11  TYR A CD2 1 
ATOM   88   C CE1 . TYR A 1 11  ? -15.107 15.387  9.436   1.00 15.88 ? 11  TYR A CE1 1 
ATOM   89   C CE2 . TYR A 1 11  ? -15.921 13.233  8.876   1.00 15.20 ? 11  TYR A CE2 1 
ATOM   90   C CZ  . TYR A 1 11  ? -16.041 14.597  8.845   1.00 18.39 ? 11  TYR A CZ  1 
ATOM   91   O OH  . TYR A 1 11  ? -17.103 15.134  8.158   1.00 16.16 ? 11  TYR A OH  1 
ATOM   92   N N   . VAL A 1 12  ? -10.696 12.118  13.272  1.00 14.73 ? 12  VAL A N   1 
ATOM   93   C CA  . VAL A 1 12  ? -9.911  11.111  13.979  1.00 15.46 ? 12  VAL A CA  1 
ATOM   94   C C   . VAL A 1 12  ? -10.051 11.343  15.485  1.00 15.40 ? 12  VAL A C   1 
ATOM   95   O O   . VAL A 1 12  ? -10.205 10.396  16.280  1.00 16.47 ? 12  VAL A O   1 
ATOM   96   C CB  . VAL A 1 12  ? -8.427  11.132  13.538  1.00 16.14 ? 12  VAL A CB  1 
ATOM   97   C CG1 . VAL A 1 12  ? -7.561  10.341  14.505  1.00 17.00 ? 12  VAL A CG1 1 
ATOM   98   C CG2 . VAL A 1 12  ? -8.284  10.587  12.127  1.00 17.87 ? 12  VAL A CG2 1 
ATOM   99   N N   . THR A 1 13  ? -10.031 12.603  15.886  1.00 16.06 ? 13  THR A N   1 
ATOM   100  C CA  . THR A 1 13  ? -10.209 12.901  17.301  1.00 17.07 ? 13  THR A CA  1 
ATOM   101  C C   . THR A 1 13  ? -11.536 12.351  17.864  1.00 17.63 ? 13  THR A C   1 
ATOM   102  O O   . THR A 1 13  ? -11.547 11.792  18.942  1.00 16.60 ? 13  THR A O   1 
ATOM   103  C CB  . THR A 1 13  ? -10.088 14.374  17.514  1.00 16.61 ? 13  THR A CB  1 
ATOM   104  O OG1 . THR A 1 13  ? -8.735  14.757  17.212  1.00 16.35 ? 13  THR A OG1 1 
ATOM   105  C CG2 . THR A 1 13  ? -10.290 14.729  19.013  1.00 19.37 ? 13  THR A CG2 1 
ATOM   106  N N   . SER A 1 14  ? -12.634 12.433  17.114  1.00 16.81 ? 14  SER A N   1 
ATOM   107  C CA  . SER A 1 14  ? -13.951 11.969  17.611  1.00 17.54 ? 14  SER A CA  1 
ATOM   108  C C   . SER A 1 14  ? -14.277 10.536  17.200  1.00 17.28 ? 14  SER A C   1 
ATOM   109  O O   . SER A 1 14  ? -15.395 10.089  17.409  1.00 15.42 ? 14  SER A O   1 
ATOM   110  C CB  . SER A 1 14  ? -15.043 12.872  17.072  1.00 18.65 ? 14  SER A CB  1 
ATOM   111  O OG  . SER A 1 14  ? -14.893 13.030  15.666  1.00 17.92 ? 14  SER A OG  1 
ATOM   112  N N   . LYS A 1 15  ? -13.326 9.825   16.587  1.00 17.50 ? 15  LYS A N   1 
ATOM   113  C CA  . LYS A 1 15  ? -13.514 8.402   16.254  1.00 19.42 ? 15  LYS A CA  1 
ATOM   114  C C   . LYS A 1 15  ? -14.487 8.200   15.084  1.00 18.68 ? 15  LYS A C   1 
ATOM   115  O O   . LYS A 1 15  ? -15.002 7.081   14.859  1.00 18.41 ? 15  LYS A O   1 
ATOM   116  C CB  . LYS A 1 15  ? -14.007 7.584   17.467  1.00 20.78 ? 15  LYS A CB  1 
ATOM   117  C CG  . LYS A 1 15  ? -12.930 7.011   18.357  1.00 27.08 ? 15  LYS A CG  1 
ATOM   118  C CD  . LYS A 1 15  ? -12.298 8.102   19.188  1.00 31.43 ? 15  LYS A CD  1 
ATOM   119  C CE  . LYS A 1 15  ? -11.555 7.524   20.399  1.00 34.41 ? 15  LYS A CE  1 
ATOM   120  N NZ  . LYS A 1 15  ? -10.871 6.254   20.012  1.00 34.68 ? 15  LYS A NZ  1 
ATOM   121  N N   . ARG A 1 16  ? -14.726 9.270   14.340  1.00 17.63 ? 16  ARG A N   1 
ATOM   122  C CA  . ARG A 1 16  ? -15.476 9.175   13.079  1.00 16.22 ? 16  ARG A CA  1 
ATOM   123  C C   . ARG A 1 16  ? -14.684 8.404   12.008  1.00 15.46 ? 16  ARG A C   1 
ATOM   124  O O   . ARG A 1 16  ? -15.262 7.565   11.328  1.00 14.81 ? 16  ARG A O   1 
ATOM   125  C CB  . ARG A 1 16  ? -15.837 10.573  12.588  1.00 15.80 ? 16  ARG A CB  1 
ATOM   126  C CG  . ARG A 1 16  ? -16.824 11.250  13.534  1.00 15.42 ? 16  ARG A CG  1 
ATOM   127  C CD  . ARG A 1 16  ? -17.152 12.720  13.171  1.00 15.97 ? 16  ARG A CD  1 
ATOM   128  N NE  . ARG A 1 16  ? -17.948 12.814  11.941  1.00 15.55 ? 16  ARG A NE  1 
ATOM   129  C CZ  . ARG A 1 16  ? -18.392 13.971  11.440  1.00 17.24 ? 16  ARG A CZ  1 
ATOM   130  N NH1 . ARG A 1 16  ? -18.125 15.138  12.066  1.00 16.47 ? 16  ARG A NH1 1 
ATOM   131  N NH2 . ARG A 1 16  ? -19.119 13.969  10.297  1.00 15.19 ? 16  ARG A NH2 1 
ATOM   132  N N   . ILE A 1 17  ? -13.381 8.703   11.859  1.00 14.69 ? 17  ILE A N   1 
ATOM   133  C CA  . ILE A 1 17  ? -12.471 7.898   11.049  1.00 15.32 ? 17  ILE A CA  1 
ATOM   134  C C   . ILE A 1 17  ? -11.447 7.303   12.014  1.00 15.83 ? 17  ILE A C   1 
ATOM   135  O O   . ILE A 1 17  ? -10.844 8.013   12.787  1.00 18.24 ? 17  ILE A O   1 
ATOM   136  C CB  . ILE A 1 17  ? -11.718 8.770   9.986   1.00 13.37 ? 17  ILE A CB  1 
ATOM   137  C CG1 . ILE A 1 17  ? -12.685 9.419   9.020   1.00 16.03 ? 17  ILE A CG1 1 
ATOM   138  C CG2 . ILE A 1 17  ? -10.762 7.924   9.172   1.00 16.94 ? 17  ILE A CG2 1 
ATOM   139  C CD1 . ILE A 1 17  ? -12.014 10.331  8.063   1.00 16.36 ? 17  ILE A CD1 1 
ATOM   140  N N   . ILE A 1 18  ? -11.263 5.992   11.952  1.00 16.55 ? 18  ILE A N   1 
ATOM   141  C CA  . ILE A 1 18  ? -10.293 5.289   12.758  1.00 16.87 ? 18  ILE A CA  1 
ATOM   142  C C   . ILE A 1 18  ? -9.055  5.105   11.905  1.00 16.40 ? 18  ILE A C   1 
ATOM   143  O O   . ILE A 1 18  ? -9.140  4.682   10.741  1.00 16.19 ? 18  ILE A O   1 
ATOM   144  C CB  . ILE A 1 18  ? -10.860 3.907   13.161  1.00 16.70 ? 18  ILE A CB  1 
ATOM   145  C CG1 . ILE A 1 18  ? -12.149 4.041   14.023  1.00 19.98 ? 18  ILE A CG1 1 
ATOM   146  C CG2 . ILE A 1 18  ? -9.812  3.069   13.896  1.00 19.13 ? 18  ILE A CG2 1 
ATOM   147  C CD1 . ILE A 1 18  ? -11.920 4.551   15.406  1.00 20.91 ? 18  ILE A CD1 1 
ATOM   148  N N   . ILE A 1 19  ? -7.923  5.506   12.455  1.00 15.99 ? 19  ILE A N   1 
ATOM   149  C CA  . ILE A 1 19  ? -6.613  5.220   11.901  1.00 16.45 ? 19  ILE A CA  1 
ATOM   150  C C   . ILE A 1 19  ? -5.736  4.719   13.055  1.00 17.90 ? 19  ILE A C   1 
ATOM   151  O O   . ILE A 1 19  ? -5.386  5.502   13.920  1.00 18.04 ? 19  ILE A O   1 
ATOM   152  C CB  . ILE A 1 19  ? -5.965  6.471   11.270  1.00 16.59 ? 19  ILE A CB  1 
ATOM   153  C CG1 . ILE A 1 19  ? -6.936  7.163   10.291  1.00 15.68 ? 19  ILE A CG1 1 
ATOM   154  C CG2 . ILE A 1 19  ? -4.670  6.050   10.574  1.00 16.79 ? 19  ILE A CG2 1 
ATOM   155  C CD1 . ILE A 1 19  ? -6.382  8.410   9.637   1.00 18.26 ? 19  ILE A CD1 1 
ATOM   156  N N   . LYS A 1 20  ? -5.389  3.432   13.059  1.00 17.82 ? 20  LYS A N   1 
ATOM   157  C CA  . LYS A 1 20  ? -4.515  2.844   14.089  1.00 19.74 ? 20  LYS A CA  1 
ATOM   158  C C   . LYS A 1 20  ? -3.327  2.117   13.419  1.00 19.75 ? 20  LYS A C   1 
ATOM   159  O O   . LYS A 1 20  ? -3.592  1.208   12.634  1.00 19.61 ? 20  LYS A O   1 
ATOM   160  C CB  . LYS A 1 20  ? -5.286  1.802   14.911  1.00 20.81 ? 20  LYS A CB  1 
ATOM   161  C CG  . LYS A 1 20  ? -6.431  2.356   15.747  1.00 26.53 ? 20  LYS A CG  1 
ATOM   162  C CD  . LYS A 1 20  ? -7.366  1.247   16.320  1.00 33.99 ? 20  LYS A CD  1 
ATOM   163  C CE  . LYS A 1 20  ? -6.591  0.072   16.961  1.00 40.12 ? 20  LYS A CE  1 
ATOM   164  N NZ  . LYS A 1 20  ? -7.523  -0.824  17.692  1.00 45.37 ? 20  LYS A NZ  1 
ATOM   165  N N   . PRO A 1 21  ? -2.067  2.454   13.737  1.00 20.11 ? 21  PRO A N   1 
ATOM   166  C CA  . PRO A 1 21  ? -1.691  3.589   14.597  1.00 20.65 ? 21  PRO A CA  1 
ATOM   167  C C   . PRO A 1 21  ? -1.843  4.936   13.865  1.00 20.28 ? 21  PRO A C   1 
ATOM   168  O O   . PRO A 1 21  ? -1.758  4.990   12.627  1.00 20.25 ? 21  PRO A O   1 
ATOM   169  C CB  . PRO A 1 21  ? -0.196  3.345   14.881  1.00 21.16 ? 21  PRO A CB  1 
ATOM   170  C CG  . PRO A 1 21  ? 0.315   2.594   13.695  1.00 23.16 ? 21  PRO A CG  1 
ATOM   171  C CD  . PRO A 1 21  ? -0.873  1.726   13.278  1.00 20.71 ? 21  PRO A CD  1 
ATOM   172  N N   . PHE A 1 22  ? -2.070  5.998   14.641  1.00 20.84 ? 22  PHE A N   1 
ATOM   173  C CA  . PHE A 1 22  ? -2.212  7.370   14.144  1.00 19.49 ? 22  PHE A CA  1 
ATOM   174  C C   . PHE A 1 22  ? -0.999  8.222   14.532  1.00 20.52 ? 22  PHE A C   1 
ATOM   175  O O   . PHE A 1 22  ? -0.569  8.217   15.679  1.00 19.98 ? 22  PHE A O   1 
ATOM   176  C CB  . PHE A 1 22  ? -3.437  8.008   14.763  1.00 19.64 ? 22  PHE A CB  1 
ATOM   177  C CG  . PHE A 1 22  ? -3.661  9.417   14.332  1.00 18.54 ? 22  PHE A CG  1 
ATOM   178  C CD1 . PHE A 1 22  ? -3.997  9.701   13.014  1.00 18.28 ? 22  PHE A CD1 1 
ATOM   179  C CD2 . PHE A 1 22  ? -3.547  10.458  15.237  1.00 19.91 ? 22  PHE A CD2 1 
ATOM   180  C CE1 . PHE A 1 22  ? -4.205  10.974  12.597  1.00 18.76 ? 22  PHE A CE1 1 
ATOM   181  C CE2 . PHE A 1 22  ? -3.751  11.773  14.833  1.00 19.59 ? 22  PHE A CE2 1 
ATOM   182  C CZ  . PHE A 1 22  ? -4.090  12.043  13.499  1.00 17.98 ? 22  PHE A CZ  1 
ATOM   183  N N   . ASN A 1 23  ? -0.497  9.007   13.584  1.00 19.22 ? 23  ASN A N   1 
ATOM   184  C CA  . ASN A 1 23  ? 0.573   9.929   13.838  1.00 20.31 ? 23  ASN A CA  1 
ATOM   185  C C   . ASN A 1 23  ? 0.263   11.305  13.189  1.00 19.68 ? 23  ASN A C   1 
ATOM   186  O O   . ASN A 1 23  ? 0.184   11.459  11.974  1.00 18.48 ? 23  ASN A O   1 
ATOM   187  C CB  . ASN A 1 23  ? 1.884   9.323   13.345  1.00 21.18 ? 23  ASN A CB  1 
ATOM   188  C CG  . ASN A 1 23  ? 3.100   10.223  13.631  1.00 26.43 ? 23  ASN A CG  1 
ATOM   189  O OD1 . ASN A 1 23  ? 2.983   11.444  13.813  1.00 33.58 ? 23  ASN A OD1 1 
ATOM   190  N ND2 . ASN A 1 23  ? 4.272   9.617   13.631  1.00 31.27 ? 23  ASN A ND2 1 
ATOM   191  N N   . LYS A 1 24  ? 0.123   12.303  14.043  1.00 20.93 ? 24  LYS A N   1 
ATOM   192  C CA  . LYS A 1 24  ? -0.167  13.694  13.672  1.00 22.14 ? 24  LYS A CA  1 
ATOM   193  C C   . LYS A 1 24  ? 0.674   14.254  12.510  1.00 20.82 ? 24  LYS A C   1 
ATOM   194  O O   . LYS A 1 24  ? 0.160   14.973  11.671  1.00 19.03 ? 24  LYS A O   1 
ATOM   195  C CB  . LYS A 1 24  ? -0.013  14.606  14.927  1.00 24.47 ? 24  LYS A CB  1 
ATOM   196  C CG  . LYS A 1 24  ? -1.228  15.501  15.164  1.00 31.50 ? 24  LYS A CG  1 
ATOM   197  C CD  . LYS A 1 24  ? -0.970  16.653  16.234  1.00 37.04 ? 24  LYS A CD  1 
ATOM   198  C CE  . LYS A 1 24  ? -1.051  18.142  15.660  1.00 40.72 ? 24  LYS A CE  1 
ATOM   199  N NZ  . LYS A 1 24  ? -2.338  18.468  14.985  1.00 40.70 ? 24  LYS A NZ  1 
ATOM   200  N N   . ASP A 1 25  ? 1.974   13.964  12.497  1.00 20.03 ? 25  ASP A N   1 
ATOM   201  C CA  . ASP A 1 25  ? 2.883   14.523  11.486  1.00 20.99 ? 25  ASP A CA  1 
ATOM   202  C C   . ASP A 1 25  ? 2.666   13.941  10.096  1.00 19.39 ? 25  ASP A C   1 
ATOM   203  O O   . ASP A 1 25  ? 3.245   14.452  9.142   1.00 19.70 ? 25  ASP A O   1 
ATOM   204  C CB  . ASP A 1 25  ? 4.361   14.257  11.861  1.00 23.06 ? 25  ASP A CB  1 
ATOM   205  C CG  . ASP A 1 25  ? 4.755   14.810  13.255  1.00 28.23 ? 25  ASP A CG  1 
ATOM   206  O OD1 . ASP A 1 25  ? 4.300   15.923  13.635  1.00 34.73 ? 25  ASP A OD1 1 
ATOM   207  O OD2 . ASP A 1 25  ? 5.533   14.203  14.027  1.00 36.93 ? 25  ASP A OD2 1 
ATOM   208  N N   . PHE A 1 26  ? 1.912   12.831  10.007  1.00 17.34 ? 26  PHE A N   1 
ATOM   209  C CA  . PHE A 1 26  ? 1.562   12.204  8.738   1.00 17.28 ? 26  PHE A CA  1 
ATOM   210  C C   . PHE A 1 26  ? 0.371   12.899  8.071   1.00 16.22 ? 26  PHE A C   1 
ATOM   211  O O   . PHE A 1 26  ? 0.005   12.578  6.928   1.00 16.62 ? 26  PHE A O   1 
ATOM   212  C CB  . PHE A 1 26  ? 1.253   10.711  8.930   1.00 17.47 ? 26  PHE A CB  1 
ATOM   213  C CG  . PHE A 1 26  ? 2.474   9.818   9.202   1.00 19.69 ? 26  PHE A CG  1 
ATOM   214  C CD1 . PHE A 1 26  ? 3.773   10.321  9.246   1.00 20.21 ? 26  PHE A CD1 1 
ATOM   215  C CD2 . PHE A 1 26  ? 2.296   8.482   9.461   1.00 21.94 ? 26  PHE A CD2 1 
ATOM   216  C CE1 . PHE A 1 26  ? 4.875   9.469   9.518   1.00 25.50 ? 26  PHE A CE1 1 
ATOM   217  C CE2 . PHE A 1 26  ? 3.367   7.658   9.725   1.00 23.31 ? 26  PHE A CE2 1 
ATOM   218  C CZ  . PHE A 1 26  ? 4.649   8.141   9.751   1.00 23.72 ? 26  PHE A CZ  1 
ATOM   219  N N   . VAL A 1 27  ? -0.238  13.854  8.775   1.00 16.70 ? 27  VAL A N   1 
ATOM   220  C CA  . VAL A 1 27  ? -1.312  14.665  8.197   1.00 16.13 ? 27  VAL A CA  1 
ATOM   221  C C   . VAL A 1 27  ? -0.729  15.741  7.290   1.00 17.50 ? 27  VAL A C   1 
ATOM   222  O O   . VAL A 1 27  ? 0.014   16.572  7.753   1.00 16.78 ? 27  VAL A O   1 
ATOM   223  C CB  . VAL A 1 27  ? -2.097  15.419  9.277   1.00 17.18 ? 27  VAL A CB  1 
ATOM   224  C CG1 . VAL A 1 27  ? -3.108  16.363  8.604   1.00 15.00 ? 27  VAL A CG1 1 
ATOM   225  C CG2 . VAL A 1 27  ? -2.784  14.461  10.224  1.00 16.89 ? 27  VAL A CG2 1 
ATOM   226  N N   . GLY A 1 28  ? -1.065  15.741  6.018   1.00 15.94 ? 28  GLY A N   1 
ATOM   227  C CA  . GLY A 1 28  ? -0.651  16.799  5.111   1.00 16.50 ? 28  GLY A CA  1 
ATOM   228  C C   . GLY A 1 28  ? -1.816  17.721  4.843   1.00 15.92 ? 28  GLY A C   1 
ATOM   229  O O   . GLY A 1 28  ? -2.883  17.620  5.480   1.00 15.89 ? 28  GLY A O   1 
ATOM   230  N N   . PRO A 1 29  ? -1.625  18.671  3.954   1.00 16.72 ? 29  PRO A N   1 
ATOM   231  C CA  . PRO A 1 29  ? -2.668  19.652  3.682   1.00 16.64 ? 29  PRO A CA  1 
ATOM   232  C C   . PRO A 1 29  ? -4.062  19.056  3.479   1.00 16.32 ? 29  PRO A C   1 
ATOM   233  O O   . PRO A 1 29  ? -5.036  19.644  3.947   1.00 15.15 ? 29  PRO A O   1 
ATOM   234  C CB  . PRO A 1 29  ? -2.153  20.336  2.417   1.00 17.51 ? 29  PRO A CB  1 
ATOM   235  C CG  . PRO A 1 29  ? -0.618  20.275  2.541   1.00 19.71 ? 29  PRO A CG  1 
ATOM   236  C CD  . PRO A 1 29  ? -0.363  18.966  3.242   1.00 17.74 ? 29  PRO A CD  1 
ATOM   237  N N   . CYS A 1 30  ? -4.163  17.936  2.777   1.00 15.70 ? 30  CYS A N   1 
ATOM   238  C CA  . CYS A 1 30  ? -5.436  17.302  2.482   1.00 15.93 ? 30  CYS A CA  1 
ATOM   239  C C   . CYS A 1 30  ? -5.293  15.791  2.174   1.00 16.27 ? 30  CYS A C   1 
ATOM   240  O O   . CYS A 1 30  ? -5.909  15.232  1.281   1.00 15.08 ? 30  CYS A O   1 
ATOM   241  C CB  . CYS A 1 30  ? -6.112  18.043  1.338   1.00 16.54 ? 30  CYS A CB  1 
ATOM   242  S SG  . CYS A 1 30  ? -5.135  18.157  -0.185  1.00 20.32 ? 30  CYS A SG  1 
ATOM   243  N N   . SER A 1 31  ? -4.464  15.142  2.967   1.00 15.27 ? 31  SER A N   1 
ATOM   244  C CA  . SER A 1 31  ? -4.263  13.712  2.893   1.00 16.00 ? 31  SER A CA  1 
ATOM   245  C C   . SER A 1 31  ? -3.624  13.236  4.189   1.00 15.97 ? 31  SER A C   1 
ATOM   246  O O   . SER A 1 31  ? -3.315  14.012  5.071   1.00 15.22 ? 31  SER A O   1 
ATOM   247  C CB  . SER A 1 31  ? -3.390  13.339  1.692   1.00 17.71 ? 31  SER A CB  1 
ATOM   248  O OG  . SER A 1 31  ? -2.102  13.865  1.879   1.00 17.46 ? 31  SER A OG  1 
ATOM   249  N N   . TYR A 1 32  ? -3.520  11.929  4.316   1.00 15.96 ? 32  TYR A N   1 
ATOM   250  C CA  . TYR A 1 32  ? -2.915  11.292  5.494   1.00 15.25 ? 32  TYR A CA  1 
ATOM   251  C C   . TYR A 1 32  ? -1.963  10.228  4.964   1.00 16.24 ? 32  TYR A C   1 
ATOM   252  O O   . TYR A 1 32  ? -2.347  9.344   4.173   1.00 15.05 ? 32  TYR A O   1 
ATOM   253  C CB  . TYR A 1 32  ? -3.972  10.656  6.387   1.00 14.87 ? 32  TYR A CB  1 
ATOM   254  C CG  . TYR A 1 32  ? -3.297  10.035  7.580   1.00 14.32 ? 32  TYR A CG  1 
ATOM   255  C CD1 . TYR A 1 32  ? -2.949  8.700   7.578   1.00 14.25 ? 32  TYR A CD1 1 
ATOM   256  C CD2 . TYR A 1 32  ? -2.946  10.813  8.687   1.00 15.83 ? 32  TYR A CD2 1 
ATOM   257  C CE1 . TYR A 1 32  ? -2.270  8.138   8.644   1.00 14.93 ? 32  TYR A CE1 1 
ATOM   258  C CE2 . TYR A 1 32  ? -2.279  10.276  9.748   1.00 17.18 ? 32  TYR A CE2 1 
ATOM   259  C CZ  . TYR A 1 32  ? -1.934  8.929   9.731   1.00 15.18 ? 32  TYR A CZ  1 
ATOM   260  O OH  . TYR A 1 32  ? -1.301  8.358   10.795  1.00 17.60 ? 32  TYR A OH  1 
ATOM   261  N N   . ASP A 1 33  ? -0.717  10.332  5.355   1.00 15.29 ? 33  ASP A N   1 
ATOM   262  C CA  . ASP A 1 33  ? 0.320   9.426   4.837   1.00 16.36 ? 33  ASP A CA  1 
ATOM   263  C C   . ASP A 1 33  ? 0.273   8.093   5.557   1.00 15.63 ? 33  ASP A C   1 
ATOM   264  O O   . ASP A 1 33  ? 0.147   8.054   6.766   1.00 16.65 ? 33  ASP A O   1 
ATOM   265  C CB  . ASP A 1 33  ? 1.706   9.968   5.102   1.00 15.84 ? 33  ASP A CB  1 
ATOM   266  C CG  . ASP A 1 33  ? 2.100   11.115  4.190   1.00 22.29 ? 33  ASP A CG  1 
ATOM   267  O OD1 . ASP A 1 33  ? 1.534   11.357  3.123   1.00 21.90 ? 33  ASP A OD1 1 
ATOM   268  O OD2 . ASP A 1 33  ? 3.035   11.842  4.480   1.00 29.21 ? 33  ASP A OD2 1 
ATOM   269  N N   . VAL A 1 34  ? 0.404   7.009   4.801   1.00 15.68 ? 34  VAL A N   1 
ATOM   270  C CA  . VAL A 1 34  ? 0.387   5.660   5.345   1.00 15.07 ? 34  VAL A CA  1 
ATOM   271  C C   . VAL A 1 34  ? 1.730   4.967   5.078   1.00 14.73 ? 34  VAL A C   1 
ATOM   272  O O   . VAL A 1 34  ? 2.491   5.408   4.216   1.00 15.68 ? 34  VAL A O   1 
ATOM   273  C CB  . VAL A 1 34  ? -0.818  4.853   4.793   1.00 14.91 ? 34  VAL A CB  1 
ATOM   274  C CG1 . VAL A 1 34  ? -2.112  5.462   5.290   1.00 15.12 ? 34  VAL A CG1 1 
ATOM   275  C CG2 . VAL A 1 34  ? -0.841  4.836   3.276   1.00 15.70 ? 34  VAL A CG2 1 
ATOM   276  N N   . THR A 1 35  ? 2.012   3.910   5.847   1.00 16.44 ? 35  THR A N   1 
ATOM   277  C CA  . THR A 1 35  ? 3.313   3.284   5.857   1.00 16.18 ? 35  THR A CA  1 
ATOM   278  C C   . THR A 1 35  ? 3.281   1.807   5.455   1.00 16.85 ? 35  THR A C   1 
ATOM   279  O O   . THR A 1 35  ? 2.249   1.134   5.555   1.00 17.35 ? 35  THR A O   1 
ATOM   280  C CB  . THR A 1 35  ? 3.988   3.419   7.251   1.00 16.65 ? 35  THR A CB  1 
ATOM   281  O OG1 . THR A 1 35  ? 3.163   2.839   8.283   1.00 16.81 ? 35  THR A OG1 1 
ATOM   282  C CG2 . THR A 1 35  ? 4.183   4.881   7.625   1.00 17.89 ? 35  THR A CG2 1 
ATOM   283  N N   . LEU A 1 36  ? 4.448   1.333   5.023   1.00 17.93 ? 36  LEU A N   1 
ATOM   284  C CA  . LEU A 1 36  ? 4.624   0.013   4.446   1.00 16.99 ? 36  LEU A CA  1 
ATOM   285  C C   . LEU A 1 36  ? 4.785   -1.027  5.561   1.00 18.10 ? 36  LEU A C   1 
ATOM   286  O O   . LEU A 1 36  ? 5.722   -0.985  6.371   1.00 18.94 ? 36  LEU A O   1 
ATOM   287  C CB  . LEU A 1 36  ? 5.846   -0.010  3.511   1.00 17.10 ? 36  LEU A CB  1 
ATOM   288  C CG  . LEU A 1 36  ? 6.104   -1.300  2.703   1.00 16.43 ? 36  LEU A CG  1 
ATOM   289  C CD1 . LEU A 1 36  ? 4.916   -1.738  1.873   1.00 17.65 ? 36  LEU A CD1 1 
ATOM   290  C CD2 . LEU A 1 36  ? 7.297   -1.127  1.815   1.00 17.86 ? 36  LEU A CD2 1 
ATOM   291  N N   . GLY A 1 37  ? 3.821   -1.932  5.637   1.00 17.81 ? 37  GLY A N   1 
ATOM   292  C CA  . GLY A 1 37  ? 3.943   -3.092  6.490   1.00 18.27 ? 37  GLY A CA  1 
ATOM   293  C C   . GLY A 1 37  ? 5.082   -4.015  6.028   1.00 18.76 ? 37  GLY A C   1 
ATOM   294  O O   . GLY A 1 37  ? 5.608   -3.926  4.892   1.00 17.60 ? 37  GLY A O   1 
ATOM   295  N N   . ASP A 1 38  ? 5.461   -4.902  6.937   1.00 19.62 ? 38  ASP A N   1 
ATOM   296  C CA  . ASP A 1 38  ? 6.552   -5.827  6.702   1.00 19.95 ? 38  ASP A CA  1 
ATOM   297  C C   . ASP A 1 38  ? 6.155   -7.130  5.990   1.00 20.86 ? 38  ASP A C   1 
ATOM   298  O O   . ASP A 1 38  ? 7.023   -7.885  5.628   1.00 20.27 ? 38  ASP A O   1 
ATOM   299  C CB  . ASP A 1 38  ? 7.345   -6.097  7.997   1.00 20.84 ? 38  ASP A CB  1 
ATOM   300  C CG  . ASP A 1 38  ? 6.552   -6.830  9.056   1.00 23.40 ? 38  ASP A CG  1 
ATOM   301  O OD1 . ASP A 1 38  ? 5.379   -7.200  8.858   1.00 23.23 ? 38  ASP A OD1 1 
ATOM   302  O OD2 . ASP A 1 38  ? 7.056   -7.089  10.155  1.00 26.05 ? 38  ASP A OD2 1 
ATOM   303  N N   . GLU A 1 39  ? 4.869   -7.366  5.781   1.00 20.78 ? 39  GLU A N   1 
ATOM   304  C CA  . GLU A 1 39  ? 4.388   -8.574  5.132   1.00 22.12 ? 39  GLU A CA  1 
ATOM   305  C C   . GLU A 1 39  ? 3.910   -8.391  3.699   1.00 21.86 ? 39  GLU A C   1 
ATOM   306  O O   . GLU A 1 39  ? 3.161   -7.470  3.384   1.00 22.60 ? 39  GLU A O   1 
ATOM   307  C CB  . GLU A 1 39  ? 3.324   -9.260  6.005   1.00 22.86 ? 39  GLU A CB  1 
ATOM   308  C CG  . GLU A 1 39  ? 4.017   -10.109 7.087   1.00 29.66 ? 39  GLU A CG  1 
ATOM   309  C CD  . GLU A 1 39  ? 3.099   -10.895 8.000   1.00 38.59 ? 39  GLU A CD  1 
ATOM   310  O OE1 . GLU A 1 39  ? 2.124   -11.489 7.530   1.00 43.64 ? 39  GLU A OE1 1 
ATOM   311  O OE2 . GLU A 1 39  ? 3.401   -10.960 9.203   1.00 43.70 ? 39  GLU A OE2 1 
ATOM   312  N N   . PHE A 1 40  ? 4.360   -9.328  2.850   1.00 20.95 ? 40  PHE A N   1 
ATOM   313  C CA  . PHE A 1 40  ? 4.056   -9.376  1.420   1.00 21.29 ? 40  PHE A CA  1 
ATOM   314  C C   . PHE A 1 40  ? 3.644   -10.773 1.003   1.00 22.05 ? 40  PHE A C   1 
ATOM   315  O O   . PHE A 1 40  ? 4.063   -11.754 1.579   1.00 22.94 ? 40  PHE A O   1 
ATOM   316  C CB  . PHE A 1 40  ? 5.276   -8.957  0.600   1.00 20.47 ? 40  PHE A CB  1 
ATOM   317  C CG  . PHE A 1 40  ? 5.786   -7.622  0.948   1.00 19.74 ? 40  PHE A CG  1 
ATOM   318  C CD1 . PHE A 1 40  ? 6.600   -7.438  2.055   1.00 20.18 ? 40  PHE A CD1 1 
ATOM   319  C CD2 . PHE A 1 40  ? 5.460   -6.519  0.189   1.00 19.41 ? 40  PHE A CD2 1 
ATOM   320  C CE1 . PHE A 1 40  ? 7.070   -6.166  2.378   1.00 21.69 ? 40  PHE A CE1 1 
ATOM   321  C CE2 . PHE A 1 40  ? 5.947   -5.241  0.522   1.00 18.64 ? 40  PHE A CE2 1 
ATOM   322  C CZ  . PHE A 1 40  ? 6.731   -5.069  1.585   1.00 19.91 ? 40  PHE A CZ  1 
ATOM   323  N N   . ILE A 1 41  ? 2.806   -10.870 -0.022  1.00 23.05 ? 41  ILE A N   1 
ATOM   324  C CA  . ILE A 1 41  ? 2.526   -12.182 -0.618  1.00 23.43 ? 41  ILE A CA  1 
ATOM   325  C C   . ILE A 1 41  ? 2.712   -12.138 -2.116  1.00 22.39 ? 41  ILE A C   1 
ATOM   326  O O   . ILE A 1 41  ? 2.505   -11.113 -2.708  1.00 20.81 ? 41  ILE A O   1 
ATOM   327  C CB  . ILE A 1 41  ? 1.141   -12.718 -0.208  1.00 24.45 ? 41  ILE A CB  1 
ATOM   328  C CG1 . ILE A 1 41  ? 0.002   -11.777 -0.593  1.00 31.20 ? 41  ILE A CG1 1 
ATOM   329  C CG2 . ILE A 1 41  ? 1.097   -13.015 1.310   1.00 26.84 ? 41  ILE A CG2 1 
ATOM   330  C CD1 . ILE A 1 41  ? -1.384  -12.438 -0.364  1.00 33.50 ? 41  ILE A CD1 1 
ATOM   331  N N   . ILE A 1 42  ? 3.199   -13.251 -2.663  1.00 22.99 ? 42  ILE A N   1 
ATOM   332  C CA  . ILE A 1 42  ? 3.590   -13.446 -4.054  1.00 25.25 ? 42  ILE A CA  1 
ATOM   333  C C   . ILE A 1 42  ? 2.788   -14.621 -4.558  1.00 24.89 ? 42  ILE A C   1 
ATOM   334  O O   . ILE A 1 42  ? 2.778   -15.705 -3.955  1.00 24.83 ? 42  ILE A O   1 
ATOM   335  C CB  . ILE A 1 42  ? 5.089   -13.863 -4.191  1.00 27.03 ? 42  ILE A CB  1 
ATOM   336  C CG1 . ILE A 1 42  ? 6.007   -13.052 -3.296  1.00 31.48 ? 42  ILE A CG1 1 
ATOM   337  C CG2 . ILE A 1 42  ? 5.549   -13.836 -5.665  1.00 29.08 ? 42  ILE A CG2 1 
ATOM   338  C CD1 . ILE A 1 42  ? 6.394   -11.803 -3.885  1.00 35.12 ? 42  ILE A CD1 1 
ATOM   339  N N   . TYR A 1 43  ? 2.137   -14.443 -5.687  1.00 24.48 ? 43  TYR A N   1 
ATOM   340  C CA  . TYR A 1 43  ? 1.321   -15.496 -6.274  1.00 25.64 ? 43  TYR A CA  1 
ATOM   341  C C   . TYR A 1 43  ? 2.189   -16.608 -6.867  1.00 25.90 ? 43  TYR A C   1 
ATOM   342  O O   . TYR A 1 43  ? 3.206   -16.362 -7.466  1.00 24.17 ? 43  TYR A O   1 
ATOM   343  C CB  . TYR A 1 43  ? 0.412   -14.886 -7.329  1.00 25.93 ? 43  TYR A CB  1 
ATOM   344  C CG  . TYR A 1 43  ? -0.616  -15.837 -7.887  1.00 27.59 ? 43  TYR A CG  1 
ATOM   345  C CD1 . TYR A 1 43  ? -1.548  -16.449 -7.047  1.00 29.98 ? 43  TYR A CD1 1 
ATOM   346  C CD2 . TYR A 1 43  ? -0.673  -16.114 -9.258  1.00 27.34 ? 43  TYR A CD2 1 
ATOM   347  C CE1 . TYR A 1 43  ? -2.485  -17.305 -7.548  1.00 29.24 ? 43  TYR A CE1 1 
ATOM   348  C CE2 . TYR A 1 43  ? -1.605  -16.945 -9.767  1.00 27.94 ? 43  TYR A CE2 1 
ATOM   349  C CZ  . TYR A 1 43  ? -2.528  -17.550 -8.907  1.00 26.61 ? 43  TYR A CZ  1 
ATOM   350  O OH  . TYR A 1 43  ? -3.504  -18.397 -9.402  1.00 29.43 ? 43  TYR A OH  1 
ATOM   351  N N   . ASP A 1 44  ? 1.750   -17.834 -6.681  1.00 26.88 ? 44  ASP A N   1 
ATOM   352  C CA  . ASP A 1 44  ? 2.544   -19.014 -6.938  1.00 29.79 ? 44  ASP A CA  1 
ATOM   353  C C   . ASP A 1 44  ? 2.031   -19.908 -8.086  1.00 29.76 ? 44  ASP A C   1 
ATOM   354  O O   . ASP A 1 44  ? 2.717   -20.845 -8.426  1.00 32.94 ? 44  ASP A O   1 
ATOM   355  C CB  . ASP A 1 44  ? 2.656   -19.806 -5.608  1.00 31.43 ? 44  ASP A CB  1 
ATOM   356  C CG  . ASP A 1 44  ? 3.745   -20.878 -5.636  1.00 34.72 ? 44  ASP A CG  1 
ATOM   357  O OD1 . ASP A 1 44  ? 4.913   -20.504 -5.833  1.00 38.00 ? 44  ASP A OD1 1 
ATOM   358  O OD2 . ASP A 1 44  ? 3.522   -22.103 -5.483  1.00 43.19 ? 44  ASP A OD2 1 
ATOM   359  N N   . ASP A 1 45  ? 0.858   -19.636 -8.677  1.00 29.25 ? 45  ASP A N   1 
ATOM   360  C CA  . ASP A 1 45  ? 0.305   -20.466 -9.772  1.00 28.54 ? 45  ASP A CA  1 
ATOM   361  C C   . ASP A 1 45  ? 0.546   -19.847 -11.120 1.00 27.11 ? 45  ASP A C   1 
ATOM   362  O O   . ASP A 1 45  ? 0.927   -18.691 -11.216 1.00 27.11 ? 45  ASP A O   1 
ATOM   363  C CB  . ASP A 1 45  ? -1.202  -20.748 -9.624  1.00 29.13 ? 45  ASP A CB  1 
ATOM   364  C CG  . ASP A 1 45  ? -1.553  -21.390 -8.302  1.00 30.55 ? 45  ASP A CG  1 
ATOM   365  O OD1 . ASP A 1 45  ? -0.902  -22.429 -7.945  1.00 33.35 ? 45  ASP A OD1 1 
ATOM   366  O OD2 . ASP A 1 45  ? -2.454  -20.882 -7.542  1.00 29.34 ? 45  ASP A OD2 1 
ATOM   367  N N   . GLU A 1 46  ? 0.345   -20.635 -12.167 1.00 26.34 ? 46  GLU A N   1 
ATOM   368  C CA  . GLU A 1 46  ? 0.623   -20.221 -13.549 1.00 26.23 ? 46  GLU A CA  1 
ATOM   369  C C   . GLU A 1 46  ? -0.308  -19.082 -14.069 1.00 24.99 ? 46  GLU A C   1 
ATOM   370  O O   . GLU A 1 46  ? 0.138   -18.161 -14.719 1.00 24.71 ? 46  GLU A O   1 
ATOM   371  C CB  . GLU A 1 46  ? 0.540   -21.457 -14.457 1.00 26.71 ? 46  GLU A CB  1 
ATOM   372  C CG  . GLU A 1 46  ? 0.883   -21.264 -15.938 1.00 28.67 ? 46  GLU A CG  1 
ATOM   373  C CD  . GLU A 1 46  ? 0.532   -22.489 -16.798 1.00 31.85 ? 46  GLU A CD  1 
ATOM   374  O OE1 . GLU A 1 46  ? -0.544  -23.105 -16.583 1.00 29.09 ? 46  GLU A OE1 1 
ATOM   375  O OE2 . GLU A 1 46  ? 1.337   -22.827 -17.680 1.00 36.65 ? 46  GLU A OE2 1 
ATOM   376  N N   . VAL A 1 47  ? -1.603  -19.201 -13.782 1.00 23.37 ? 47  VAL A N   1 
ATOM   377  C CA  . VAL A 1 47  ? -2.587  -18.188 -14.107 1.00 23.41 ? 47  VAL A CA  1 
ATOM   378  C C   . VAL A 1 47  ? -3.503  -17.919 -12.935 1.00 22.49 ? 47  VAL A C   1 
ATOM   379  O O   . VAL A 1 47  ? -3.647  -18.725 -12.050 1.00 21.78 ? 47  VAL A O   1 
ATOM   380  C CB  . VAL A 1 47  ? -3.451  -18.539 -15.335 1.00 24.18 ? 47  VAL A CB  1 
ATOM   381  C CG1 . VAL A 1 47  ? -2.587  -19.072 -16.455 1.00 24.09 ? 47  VAL A CG1 1 
ATOM   382  C CG2 . VAL A 1 47  ? -4.526  -19.508 -14.983 1.00 26.34 ? 47  VAL A CG2 1 
ATOM   383  N N   . TYR A 1 48  ? -4.109  -16.743 -12.955 1.00 21.15 ? 48  TYR A N   1 
ATOM   384  C CA  . TYR A 1 48  ? -5.107  -16.371 -11.985 1.00 20.60 ? 48  TYR A CA  1 
ATOM   385  C C   . TYR A 1 48  ? -6.466  -16.743 -12.498 1.00 20.84 ? 48  TYR A C   1 
ATOM   386  O O   . TYR A 1 48  ? -7.012  -16.086 -13.372 1.00 20.23 ? 48  TYR A O   1 
ATOM   387  C CB  . TYR A 1 48  ? -5.116  -14.884 -11.779 1.00 20.79 ? 48  TYR A CB  1 
ATOM   388  C CG  . TYR A 1 48  ? -3.968  -14.299 -11.025 1.00 21.20 ? 48  TYR A CG  1 
ATOM   389  C CD1 . TYR A 1 48  ? -3.907  -14.372 -9.636  1.00 27.43 ? 48  TYR A CD1 1 
ATOM   390  C CD2 . TYR A 1 48  ? -2.990  -13.572 -11.696 1.00 19.54 ? 48  TYR A CD2 1 
ATOM   391  C CE1 . TYR A 1 48  ? -2.905  -13.742 -8.943  1.00 27.18 ? 48  TYR A CE1 1 
ATOM   392  C CE2 . TYR A 1 48  ? -1.960  -12.967 -11.009 1.00 20.84 ? 48  TYR A CE2 1 
ATOM   393  C CZ  . TYR A 1 48  ? -1.922  -13.028 -9.637  1.00 24.65 ? 48  TYR A CZ  1 
ATOM   394  O OH  . TYR A 1 48  ? -0.876  -12.423 -8.988  1.00 27.23 ? 48  TYR A OH  1 
ATOM   395  N N   . ASP A 1 49  ? -7.001  -17.789 -11.904 1.00 21.54 ? 49  ASP A N   1 
ATOM   396  C CA  . ASP A 1 49  ? -8.303  -18.362 -12.226 1.00 21.81 ? 49  ASP A CA  1 
ATOM   397  C C   . ASP A 1 49  ? -9.095  -18.231 -10.912 1.00 21.59 ? 49  ASP A C   1 
ATOM   398  O O   . ASP A 1 49  ? -8.889  -19.004 -9.951  1.00 22.09 ? 49  ASP A O   1 
ATOM   399  C CB  . ASP A 1 49  ? -8.094  -19.822 -12.693 1.00 23.02 ? 49  ASP A CB  1 
ATOM   400  C CG  . ASP A 1 49  ? -9.413  -20.589 -12.996 1.00 23.56 ? 49  ASP A CG  1 
ATOM   401  O OD1 . ASP A 1 49  ? -10.533 -19.990 -12.843 1.00 27.32 ? 49  ASP A OD1 1 
ATOM   402  O OD2 . ASP A 1 49  ? -9.379  -21.801 -13.378 1.00 29.37 ? 49  ASP A OD2 1 
ATOM   403  N N   . LEU A 1 50  ? -9.963  -17.222 -10.876 1.00 22.58 ? 50  LEU A N   1 
ATOM   404  C CA  . LEU A 1 50  ? -10.663 -16.772 -9.672  1.00 22.96 ? 50  LEU A CA  1 
ATOM   405  C C   . LEU A 1 50  ? -11.844 -17.642 -9.292  1.00 22.20 ? 50  LEU A C   1 
ATOM   406  O O   . LEU A 1 50  ? -12.554 -17.344 -8.339  1.00 21.84 ? 50  LEU A O   1 
ATOM   407  C CB  . LEU A 1 50  ? -11.136 -15.329 -9.856  1.00 23.98 ? 50  LEU A CB  1 
ATOM   408  C CG  . LEU A 1 50  ? -9.943  -14.371 -10.038 1.00 26.41 ? 50  LEU A CG  1 
ATOM   409  C CD1 . LEU A 1 50  ? -10.342 -12.999 -10.502 1.00 29.75 ? 50  LEU A CD1 1 
ATOM   410  C CD2 . LEU A 1 50  ? -9.155  -14.255 -8.717  1.00 28.96 ? 50  LEU A CD2 1 
ATOM   411  N N   . SER A 1 51  ? -12.062 -18.713 -10.036 1.00 21.70 ? 51  SER A N   1 
ATOM   412  C CA  . SER A 1 51  ? -12.994 -19.751 -9.637  1.00 21.79 ? 51  SER A CA  1 
ATOM   413  C C   . SER A 1 51  ? -12.268 -20.823 -8.814  1.00 21.51 ? 51  SER A C   1 
ATOM   414  O O   . SER A 1 51  ? -12.866 -21.838 -8.425  1.00 20.20 ? 51  SER A O   1 
ATOM   415  C CB  . SER A 1 51  ? -13.519 -20.434 -10.908 1.00 21.45 ? 51  SER A CB  1 
ATOM   416  O OG  . SER A 1 51  ? -12.607 -21.471 -11.312 1.00 20.85 ? 51  SER A OG  1 
ATOM   417  N N   . LYS A 1 52  ? -10.958 -20.671 -8.630  1.00 22.81 ? 52  LYS A N   1 
ATOM   418  C CA  . LYS A 1 52  ? -10.184 -21.555 -7.746  1.00 23.00 ? 52  LYS A CA  1 
ATOM   419  C C   . LYS A 1 52  ? -9.625  -20.762 -6.586  1.00 23.53 ? 52  LYS A C   1 
ATOM   420  O O   . LYS A 1 52  ? -9.579  -19.515 -6.572  1.00 21.91 ? 52  LYS A O   1 
ATOM   421  C CB  . LYS A 1 52  ? -9.039  -22.259 -8.490  1.00 24.16 ? 52  LYS A CB  1 
ATOM   422  C CG  . LYS A 1 52  ? -9.576  -23.119 -9.656  1.00 27.16 ? 52  LYS A CG  1 
ATOM   423  C CD  . LYS A 1 52  ? -8.904  -24.476 -9.774  1.00 29.36 ? 52  LYS A CD  1 
ATOM   424  C CE  . LYS A 1 52  ? -9.317  -25.171 -11.113 1.00 32.39 ? 52  LYS A CE  1 
ATOM   425  N NZ  . LYS A 1 52  ? -8.117  -25.800 -11.814 1.00 36.04 ? 52  LYS A NZ  1 
ATOM   426  N N   . GLU A 1 53  ? -9.236  -21.513 -5.589  1.00 23.07 ? 53  GLU A N   1 
ATOM   427  C CA  . GLU A 1 53  ? -8.547  -20.971 -4.453  1.00 24.46 ? 53  GLU A CA  1 
ATOM   428  C C   . GLU A 1 53  ? -7.089  -20.700 -4.887  1.00 25.04 ? 53  GLU A C   1 
ATOM   429  O O   . GLU A 1 53  ? -6.490  -21.520 -5.556  1.00 24.51 ? 53  GLU A O   1 
ATOM   430  C CB  . GLU A 1 53  ? -8.641  -21.963 -3.273  1.00 24.93 ? 53  GLU A CB  1 
ATOM   431  C CG  . GLU A 1 53  ? -8.383  -21.253 -1.948  1.00 26.73 ? 53  GLU A CG  1 
ATOM   432  C CD  . GLU A 1 53  ? -8.376  -22.218 -0.730  1.00 31.87 ? 53  GLU A CD  1 
ATOM   433  O OE1 . GLU A 1 53  ? -9.039  -23.321 -0.829  1.00 34.57 ? 53  GLU A OE1 1 
ATOM   434  O OE2 . GLU A 1 53  ? -7.702  -21.859 0.308   1.00 33.52 ? 53  GLU A OE2 1 
ATOM   435  N N   . LEU A 1 54  ? -6.553  -19.557 -4.485  1.00 24.38 ? 54  LEU A N   1 
ATOM   436  C CA  . LEU A 1 54  ? -5.226  -19.119 -4.890  1.00 25.21 ? 54  LEU A CA  1 
ATOM   437  C C   . LEU A 1 54  ? -4.079  -19.531 -3.940  1.00 25.02 ? 54  LEU A C   1 
ATOM   438  O O   . LEU A 1 54  ? -4.230  -19.551 -2.728  1.00 25.22 ? 54  LEU A O   1 
ATOM   439  C CB  . LEU A 1 54  ? -5.245  -17.619 -5.056  1.00 25.14 ? 54  LEU A CB  1 
ATOM   440  C CG  . LEU A 1 54  ? -6.324  -17.031 -5.967  1.00 27.49 ? 54  LEU A CG  1 
ATOM   441  C CD1 . LEU A 1 54  ? -6.318  -15.488 -5.834  1.00 30.49 ? 54  LEU A CD1 1 
ATOM   442  C CD2 . LEU A 1 54  ? -6.157  -17.477 -7.411  1.00 28.44 ? 54  LEU A CD2 1 
ATOM   443  N N   . ASN A 1 55  ? -2.937  -19.856 -4.524  1.00 25.88 ? 55  ASN A N   1 
ATOM   444  C CA  . ASN A 1 55  ? -1.752  -20.244 -3.773  1.00 27.25 ? 55  ASN A CA  1 
ATOM   445  C C   . ASN A 1 55  ? -0.711  -19.155 -3.777  1.00 26.84 ? 55  ASN A C   1 
ATOM   446  O O   . ASN A 1 55  ? -0.317  -18.703 -4.819  1.00 26.62 ? 55  ASN A O   1 
ATOM   447  C CB  . ASN A 1 55  ? -1.147  -21.548 -4.319  1.00 28.18 ? 55  ASN A CB  1 
ATOM   448  C CG  . ASN A 1 55  ? -2.153  -22.692 -4.351  1.00 32.20 ? 55  ASN A CG  1 
ATOM   449  O OD1 . ASN A 1 55  ? -2.650  -23.089 -3.323  1.00 38.94 ? 55  ASN A OD1 1 
ATOM   450  N ND2 . ASN A 1 55  ? -2.444  -23.203 -5.531  1.00 35.29 ? 55  ASN A ND2 1 
ATOM   451  N N   . TYR A 1 56  ? -0.272  -18.770 -2.590  1.00 27.69 ? 56  TYR A N   1 
ATOM   452  C CA  . TYR A 1 56  ? 0.666   -17.692 -2.381  1.00 29.43 ? 56  TYR A CA  1 
ATOM   453  C C   . TYR A 1 56  ? 1.843   -18.139 -1.527  1.00 30.13 ? 56  TYR A C   1 
ATOM   454  O O   . TYR A 1 56  ? 1.786   -19.111 -0.797  1.00 29.97 ? 56  TYR A O   1 
ATOM   455  C CB  . TYR A 1 56  ? -0.047  -16.538 -1.669  1.00 29.78 ? 56  TYR A CB  1 
ATOM   456  C CG  . TYR A 1 56  ? -0.904  -15.679 -2.569  1.00 34.30 ? 56  TYR A CG  1 
ATOM   457  C CD1 . TYR A 1 56  ? -2.280  -15.923 -2.724  1.00 39.59 ? 56  TYR A CD1 1 
ATOM   458  C CD2 . TYR A 1 56  ? -0.344  -14.594 -3.269  1.00 38.30 ? 56  TYR A CD2 1 
ATOM   459  C CE1 . TYR A 1 56  ? -3.061  -15.116 -3.557  1.00 42.38 ? 56  TYR A CE1 1 
ATOM   460  C CE2 . TYR A 1 56  ? -1.119  -13.800 -4.123  1.00 41.09 ? 56  TYR A CE2 1 
ATOM   461  C CZ  . TYR A 1 56  ? -2.479  -14.064 -4.259  1.00 43.60 ? 56  TYR A CZ  1 
ATOM   462  O OH  . TYR A 1 56  ? -3.220  -13.267 -5.075  1.00 47.97 ? 56  TYR A OH  1 
ATOM   463  N N   . LYS A 1 57  ? 2.924   -17.396 -1.627  1.00 30.57 ? 57  LYS A N   1 
ATOM   464  C CA  . LYS A 1 57  ? 4.026   -17.486 -0.695  1.00 32.43 ? 57  LYS A CA  1 
ATOM   465  C C   . LYS A 1 57  ? 4.073   -16.176 0.064   1.00 32.73 ? 57  LYS A C   1 
ATOM   466  O O   . LYS A 1 57  ? 3.894   -15.136 -0.506  1.00 30.37 ? 57  LYS A O   1 
ATOM   467  C CB  . LYS A 1 57  ? 5.334   -17.719 -1.423  1.00 33.51 ? 57  LYS A CB  1 
ATOM   468  C CG  . LYS A 1 57  ? 5.387   -19.024 -2.107  1.00 36.61 ? 57  LYS A CG  1 
ATOM   469  C CD  . LYS A 1 57  ? 6.721   -19.293 -2.748  1.00 42.48 ? 57  LYS A CD  1 
ATOM   470  C CE  . LYS A 1 57  ? 6.851   -20.729 -3.183  1.00 46.04 ? 57  LYS A CE  1 
ATOM   471  N NZ  . LYS A 1 57  ? 7.908   -20.752 -4.169  1.00 48.84 ? 57  LYS A NZ  1 
ATOM   472  N N   . ARG A 1 58  ? 4.356   -16.246 1.346   1.00 33.65 ? 58  ARG A N   1 
ATOM   473  C CA  . ARG A 1 58  ? 4.415   -15.098 2.211   1.00 34.35 ? 58  ARG A CA  1 
ATOM   474  C C   . ARG A 1 58  ? 5.871   -14.797 2.638   1.00 33.80 ? 58  ARG A C   1 
ATOM   475  O O   . ARG A 1 58  ? 6.633   -15.692 2.923   1.00 34.07 ? 58  ARG A O   1 
ATOM   476  C CB  . ARG A 1 58  ? 3.493   -15.377 3.395   1.00 35.71 ? 58  ARG A CB  1 
ATOM   477  C CG  . ARG A 1 58  ? 3.332   -14.297 4.384   1.00 39.85 ? 58  ARG A CG  1 
ATOM   478  C CD  . ARG A 1 58  ? 2.278   -14.646 5.458   1.00 43.33 ? 58  ARG A CD  1 
ATOM   479  N NE  . ARG A 1 58  ? 0.890   -14.608 4.963   1.00 47.55 ? 58  ARG A NE  1 
ATOM   480  C CZ  . ARG A 1 58  ? 0.142   -13.513 4.836   1.00 50.51 ? 58  ARG A CZ  1 
ATOM   481  N NH1 . ARG A 1 58  ? 0.605   -12.313 5.144   1.00 52.96 ? 58  ARG A NH1 1 
ATOM   482  N NH2 . ARG A 1 58  ? -1.082  -13.625 4.374   1.00 52.20 ? 58  ARG A NH2 1 
ATOM   483  N N   . ILE A 1 59  ? 6.239   -13.514 2.620   1.00 30.96 ? 59  ILE A N   1 
ATOM   484  C CA  . ILE A 1 59  ? 7.492   -13.054 3.165   1.00 30.70 ? 59  ILE A CA  1 
ATOM   485  C C   . ILE A 1 59  ? 7.297   -11.950 4.172   1.00 29.39 ? 59  ILE A C   1 
ATOM   486  O O   . ILE A 1 59  ? 6.394   -11.139 4.085   1.00 26.04 ? 59  ILE A O   1 
ATOM   487  C CB  . ILE A 1 59  ? 8.483   -12.578 2.087   1.00 31.91 ? 59  ILE A CB  1 
ATOM   488  C CG1 . ILE A 1 59  ? 7.884   -11.457 1.238   1.00 34.73 ? 59  ILE A CG1 1 
ATOM   489  C CG2 . ILE A 1 59  ? 8.973   -13.758 1.229   1.00 32.12 ? 59  ILE A CG2 1 
ATOM   490  C CD1 . ILE A 1 59  ? 8.742   -11.043 0.121   1.00 36.63 ? 59  ILE A CD1 1 
ATOM   491  N N   . LYS A 1 60  ? 8.196   -11.940 5.137   1.00 27.37 ? 60  LYS A N   1 
ATOM   492  C CA  . LYS A 1 60  ? 8.228   -10.965 6.187   1.00 26.97 ? 60  LYS A CA  1 
ATOM   493  C C   . LYS A 1 60  ? 9.605   -10.301 6.175   1.00 26.71 ? 60  LYS A C   1 
ATOM   494  O O   . LYS A 1 60  ? 10.570  -10.885 6.577   1.00 26.91 ? 60  LYS A O   1 
ATOM   495  C CB  . LYS A 1 60  ? 7.950   -11.676 7.508   1.00 28.31 ? 60  LYS A CB  1 
ATOM   496  C CG  . LYS A 1 60  ? 7.944   -10.768 8.725   1.00 28.97 ? 60  LYS A CG  1 
ATOM   497  C CD  . LYS A 1 60  ? 7.240   -11.448 9.863   1.00 34.41 ? 60  LYS A CD  1 
ATOM   498  C CE  . LYS A 1 60  ? 7.470   -10.734 11.174  1.00 36.78 ? 60  LYS A CE  1 
ATOM   499  N NZ  . LYS A 1 60  ? 6.185   -10.111 11.564  1.00 42.76 ? 60  LYS A NZ  1 
ATOM   500  N N   . ILE A 1 61  ? 9.689   -9.087  5.658   1.00 24.57 ? 61  ILE A N   1 
ATOM   501  C CA  . ILE A 1 61  ? 10.969  -8.361  5.645   1.00 24.47 ? 61  ILE A CA  1 
ATOM   502  C C   . ILE A 1 61  ? 11.382  -7.823  7.021   1.00 24.79 ? 61  ILE A C   1 
ATOM   503  O O   . ILE A 1 61  ? 10.565  -7.539  7.857   1.00 23.93 ? 61  ILE A O   1 
ATOM   504  C CB  . ILE A 1 61  ? 10.967  -7.225  4.589   1.00 23.00 ? 61  ILE A CB  1 
ATOM   505  C CG1 . ILE A 1 61  ? 10.021  -6.096  4.993   1.00 22.78 ? 61  ILE A CG1 1 
ATOM   506  C CG2 . ILE A 1 61  ? 10.580  -7.761  3.224   1.00 24.68 ? 61  ILE A CG2 1 
ATOM   507  C CD1 . ILE A 1 61  ? 10.249  -4.873  4.227   1.00 23.26 ? 61  ILE A CD1 1 
ATOM   508  N N   . LYS A 1 62  ? 12.677  -7.698  7.232   1.00 26.82 ? 62  LYS A N   1 
ATOM   509  C CA  . LYS A 1 62  ? 13.252  -7.108  8.456   1.00 28.33 ? 62  LYS A CA  1 
ATOM   510  C C   . LYS A 1 62  ? 13.700  -5.690  8.187   1.00 27.83 ? 62  LYS A C   1 
ATOM   511  O O   . LYS A 1 62  ? 13.571  -4.855  9.052   1.00 27.49 ? 62  LYS A O   1 
ATOM   512  C CB  . LYS A 1 62  ? 14.430  -7.929  9.005   1.00 29.59 ? 62  LYS A CB  1 
ATOM   513  C CG  . LYS A 1 62  ? 14.511  -9.412  8.521   1.00 35.40 ? 62  LYS A CG  1 
ATOM   514  C CD  . LYS A 1 62  ? 13.270  -10.300 8.893   1.00 41.67 ? 62  LYS A CD  1 
ATOM   515  C CE  . LYS A 1 62  ? 13.466  -11.825 8.493   1.00 44.23 ? 62  LYS A CE  1 
ATOM   516  N NZ  . LYS A 1 62  ? 13.318  -12.124 7.006   1.00 45.65 ? 62  LYS A NZ  1 
ATOM   517  N N   . ASN A 1 63  ? 14.198  -5.406  6.990   1.00 27.24 ? 63  ASN A N   1 
ATOM   518  C CA  . ASN A 1 63  ? 14.586  -4.047  6.624   1.00 27.79 ? 63  ASN A CA  1 
ATOM   519  C C   . ASN A 1 63  ? 14.075  -3.552  5.300   1.00 25.43 ? 63  ASN A C   1 
ATOM   520  O O   . ASN A 1 63  ? 13.476  -2.483  5.246   1.00 23.50 ? 63  ASN A O   1 
ATOM   521  C CB  . ASN A 1 63  ? 16.109  -3.849  6.692   1.00 28.91 ? 63  ASN A CB  1 
ATOM   522  C CG  . ASN A 1 63  ? 16.609  -3.812  8.125   1.00 35.06 ? 63  ASN A CG  1 
ATOM   523  O OD1 . ASN A 1 63  ? 17.342  -4.702  8.557   1.00 41.96 ? 63  ASN A OD1 1 
ATOM   524  N ND2 . ASN A 1 63  ? 16.161  -2.812  8.890   1.00 39.49 ? 63  ASN A ND2 1 
ATOM   525  N N   . SER A 1 64  ? 14.304  -4.320  4.248   1.00 22.75 ? 64  SER A N   1 
ATOM   526  C CA  . SER A 1 64  ? 14.076  -3.862  2.899   1.00 22.69 ? 64  SER A CA  1 
ATOM   527  C C   . SER A 1 64  ? 13.858  -4.982  1.866   1.00 22.42 ? 64  SER A C   1 
ATOM   528  O O   . SER A 1 64  ? 14.235  -6.124  2.055   1.00 24.52 ? 64  SER A O   1 
ATOM   529  C CB  . SER A 1 64  ? 15.254  -3.000  2.458   1.00 23.09 ? 64  SER A CB  1 
ATOM   530  O OG  . SER A 1 64  ? 16.442  -3.762  2.344   1.00 23.30 ? 64  SER A OG  1 
ATOM   531  N N   . ILE A 1 65  ? 13.267  -4.596  0.744   1.00 21.56 ? 65  ILE A N   1 
ATOM   532  C CA  . ILE A 1 65  ? 13.018  -5.495  -0.359  1.00 20.28 ? 65  ILE A CA  1 
ATOM   533  C C   . ILE A 1 65  ? 13.310  -4.806  -1.694  1.00 20.84 ? 65  ILE A C   1 
ATOM   534  O O   . ILE A 1 65  ? 13.118  -3.596  -1.854  1.00 19.24 ? 65  ILE A O   1 
ATOM   535  C CB  . ILE A 1 65  ? 11.563  -6.019  -0.268  1.00 20.10 ? 65  ILE A CB  1 
ATOM   536  C CG1 . ILE A 1 65  ? 11.307  -7.058  -1.349  1.00 20.18 ? 65  ILE A CG1 1 
ATOM   537  C CG2 . ILE A 1 65  ? 10.540  -4.878  -0.368  1.00 21.24 ? 65  ILE A CG2 1 
ATOM   538  C CD1 . ILE A 1 65  ? 9.869   -7.610  -1.342  1.00 22.05 ? 65  ILE A CD1 1 
ATOM   539  N N   . LEU A 1 66  ? 13.799  -5.586  -2.640  1.00 20.27 ? 66  LEU A N   1 
ATOM   540  C CA  . LEU A 1 66  ? 13.998  -5.116  -3.985  1.00 20.28 ? 66  LEU A CA  1 
ATOM   541  C C   . LEU A 1 66  ? 12.861  -5.612  -4.868  1.00 20.23 ? 66  LEU A C   1 
ATOM   542  O O   . LEU A 1 66  ? 12.599  -6.821  -4.965  1.00 21.53 ? 66  LEU A O   1 
ATOM   543  C CB  . LEU A 1 66  ? 15.357  -5.568  -4.515  1.00 20.78 ? 66  LEU A CB  1 
ATOM   544  C CG  . LEU A 1 66  ? 15.764  -4.961  -5.882  1.00 19.61 ? 66  LEU A CG  1 
ATOM   545  C CD1 . LEU A 1 66  ? 15.922  -3.469  -5.834  1.00 20.41 ? 66  LEU A CD1 1 
ATOM   546  C CD2 . LEU A 1 66  ? 17.055  -5.590  -6.340  1.00 20.98 ? 66  LEU A CD2 1 
ATOM   547  N N   . VAL A 1 67  ? 12.170  -4.671  -5.504  1.00 19.43 ? 67  VAL A N   1 
ATOM   548  C CA  . VAL A 1 67  ? 11.014  -5.019  -6.316  1.00 19.10 ? 67  VAL A CA  1 
ATOM   549  C C   . VAL A 1 67  ? 11.442  -4.838  -7.745  1.00 19.04 ? 67  VAL A C   1 
ATOM   550  O O   . VAL A 1 67  ? 11.839  -3.763  -8.119  1.00 19.41 ? 67  VAL A O   1 
ATOM   551  C CB  . VAL A 1 67  ? 9.815   -4.132  -5.997  1.00 19.28 ? 67  VAL A CB  1 
ATOM   552  C CG1 . VAL A 1 67  ? 8.628   -4.430  -6.965  1.00 18.73 ? 67  VAL A CG1 1 
ATOM   553  C CG2 . VAL A 1 67  ? 9.411   -4.301  -4.559  1.00 18.83 ? 67  VAL A CG2 1 
ATOM   554  N N   . CYS A 1 68  ? 11.390  -5.891  -8.547  1.00 18.88 ? 68  CYS A N   1 
ATOM   555  C CA  . CYS A 1 68  ? 11.876  -5.815  -9.931  1.00 18.70 ? 68  CYS A CA  1 
ATOM   556  C C   . CYS A 1 68  ? 10.696  -5.778  -10.867 1.00 19.89 ? 68  CYS A C   1 
ATOM   557  O O   . CYS A 1 68  ? 9.671   -6.401  -10.595 1.00 19.70 ? 68  CYS A O   1 
ATOM   558  C CB  . CYS A 1 68  ? 12.784  -7.007  -10.277 1.00 19.61 ? 68  CYS A CB  1 
ATOM   559  S SG  . CYS A 1 68  ? 14.277  -7.143  -9.270  1.00 20.62 ? 68  CYS A SG  1 
ATOM   560  N N   . PRO A 1 69  ? 10.827  -5.064  -11.975 1.00 19.73 ? 69  PRO A N   1 
ATOM   561  C CA  . PRO A 1 69  ? 9.842   -5.157  -13.057 1.00 21.21 ? 69  PRO A CA  1 
ATOM   562  C C   . PRO A 1 69  ? 9.624   -6.591  -13.508 1.00 22.58 ? 69  PRO A C   1 
ATOM   563  O O   . PRO A 1 69  ? 10.500  -7.446  -13.351 1.00 22.10 ? 69  PRO A O   1 
ATOM   564  C CB  . PRO A 1 69  ? 10.457  -4.328  -14.179 1.00 22.49 ? 69  PRO A CB  1 
ATOM   565  C CG  . PRO A 1 69  ? 11.371  -3.376  -13.509 1.00 21.53 ? 69  PRO A CG  1 
ATOM   566  C CD  . PRO A 1 69  ? 11.939  -4.142  -12.322 1.00 21.09 ? 69  PRO A CD  1 
ATOM   567  N N   . LEU A 1 70  ? 8.409   -6.863  -13.983 1.00 23.96 ? 70  LEU A N   1 
ATOM   568  C CA  . LEU A 1 70  ? 8.068   -8.131  -14.632 1.00 26.11 ? 70  LEU A CA  1 
ATOM   569  C C   . LEU A 1 70  ? 9.062   -8.394  -15.723 1.00 28.04 ? 70  LEU A C   1 
ATOM   570  O O   . LEU A 1 70  ? 9.453   -7.485  -16.443 1.00 28.49 ? 70  LEU A O   1 
ATOM   571  C CB  . LEU A 1 70  ? 6.649   -8.095  -15.263 1.00 25.23 ? 70  LEU A CB  1 
ATOM   572  C CG  . LEU A 1 70  ? 6.041   -9.430  -15.748 1.00 26.93 ? 70  LEU A CG  1 
ATOM   573  C CD1 . LEU A 1 70  ? 5.758   -10.451 -14.602 1.00 27.71 ? 70  LEU A CD1 1 
ATOM   574  C CD2 . LEU A 1 70  ? 4.788   -9.189  -16.487 1.00 27.62 ? 70  LEU A CD2 1 
ATOM   575  N N   . ASN A 1 71  ? 9.448   -9.661  -15.825 1.00 31.85 ? 71  ASN A N   1 
ATOM   576  C CA  . ASN A 1 71  ? 10.318  -10.166 -16.887 1.00 34.41 ? 71  ASN A CA  1 
ATOM   577  C C   . ASN A 1 71  ? 11.757  -9.599  -16.801 1.00 36.04 ? 71  ASN A C   1 
ATOM   578  O O   . ASN A 1 71  ? 12.455  -9.420  -17.806 1.00 35.93 ? 71  ASN A O   1 
ATOM   579  C CB  . ASN A 1 71  ? 9.652   -10.001 -18.285 1.00 35.37 ? 71  ASN A CB  1 
ATOM   580  C CG  . ASN A 1 71  ? 8.657   -11.153 -18.606 1.00 37.01 ? 71  ASN A CG  1 
ATOM   581  O OD1 . ASN A 1 71  ? 7.538   -10.902 -19.070 1.00 41.17 ? 71  ASN A OD1 1 
ATOM   582  N ND2 . ASN A 1 71  ? 9.077   -12.423 -18.358 1.00 41.01 ? 71  ASN A ND2 1 
ATOM   583  N N   . TYR A 1 72  ? 12.179  -9.349  -15.567 1.00 37.60 ? 72  TYR A N   1 
ATOM   584  C CA  . TYR A 1 72  ? 13.575  -9.097  -15.269 1.00 37.85 ? 72  TYR A CA  1 
ATOM   585  C C   . TYR A 1 72  ? 14.269  -10.449 -15.373 1.00 40.53 ? 72  TYR A C   1 
ATOM   586  O O   . TYR A 1 72  ? 15.439  -10.510 -15.677 1.00 42.05 ? 72  TYR A O   1 
ATOM   587  C CB  . TYR A 1 72  ? 13.738  -8.445  -13.880 1.00 37.53 ? 72  TYR A CB  1 
ATOM   588  C CG  . TYR A 1 72  ? 14.919  -7.515  -13.736 1.00 34.94 ? 72  TYR A CG  1 
ATOM   589  C CD1 . TYR A 1 72  ? 14.902  -6.196  -14.247 1.00 33.82 ? 72  TYR A CD1 1 
ATOM   590  C CD2 . TYR A 1 72  ? 16.066  -7.946  -13.086 1.00 33.83 ? 72  TYR A CD2 1 
ATOM   591  C CE1 . TYR A 1 72  ? 16.020  -5.347  -14.102 1.00 32.74 ? 72  TYR A CE1 1 
ATOM   592  C CE2 . TYR A 1 72  ? 17.178  -7.110  -12.934 1.00 33.51 ? 72  TYR A CE2 1 
ATOM   593  C CZ  . TYR A 1 72  ? 17.153  -5.828  -13.432 1.00 33.46 ? 72  TYR A CZ  1 
ATOM   594  O OH  . TYR A 1 72  ? 18.300  -5.085  -13.218 1.00 35.45 ? 72  TYR A OH  1 
ATOM   595  N N   . ASN A 1 73  ? 13.512  -11.530 -15.197 1.00 43.50 ? 73  ASN A N   1 
ATOM   596  C CA  . ASN A 1 73  ? 14.038  -12.912 -15.281 1.00 44.85 ? 73  ASN A CA  1 
ATOM   597  C C   . ASN A 1 73  ? 15.181  -13.148 -14.297 1.00 44.64 ? 73  ASN A C   1 
ATOM   598  O O   . ASN A 1 73  ? 16.356  -13.213 -14.668 1.00 46.29 ? 73  ASN A O   1 
ATOM   599  C CB  . ASN A 1 73  ? 14.440  -13.323 -16.717 1.00 46.20 ? 73  ASN A CB  1 
ATOM   600  C CG  . ASN A 1 73  ? 13.255  -13.302 -17.688 1.00 48.56 ? 73  ASN A CG  1 
ATOM   601  O OD1 . ASN A 1 73  ? 12.109  -13.679 -17.348 1.00 54.10 ? 73  ASN A OD1 1 
ATOM   602  N ND2 . ASN A 1 73  ? 13.522  -12.824 -18.898 1.00 52.02 ? 73  ASN A ND2 1 
ATOM   603  N N   . LEU A 1 74  ? 14.781  -13.256 -13.035 1.00 43.71 ? 74  LEU A N   1 
ATOM   604  C CA  . LEU A 1 74  ? 15.679  -13.472 -11.925 1.00 42.37 ? 74  LEU A CA  1 
ATOM   605  C C   . LEU A 1 74  ? 16.057  -14.938 -11.850 1.00 43.19 ? 74  LEU A C   1 
ATOM   606  O O   . LEU A 1 74  ? 15.196  -15.800 -11.820 1.00 44.44 ? 74  LEU A O   1 
ATOM   607  C CB  . LEU A 1 74  ? 14.979  -13.095 -10.616 1.00 41.30 ? 74  LEU A CB  1 
ATOM   608  C CG  . LEU A 1 74  ? 14.706  -11.613 -10.427 1.00 37.17 ? 74  LEU A CG  1 
ATOM   609  C CD1 . LEU A 1 74  ? 13.766  -11.394 -9.230  1.00 33.99 ? 74  LEU A CD1 1 
ATOM   610  C CD2 . LEU A 1 74  ? 16.019  -10.850 -10.268 1.00 34.51 ? 74  LEU A CD2 1 
ATOM   611  N N   . THR A 1 75  ? 17.353  -15.203 -11.797 1.00 43.29 ? 75  THR A N   1 
ATOM   612  C CA  . THR A 1 75  ? 17.886  -16.533 -11.480 1.00 42.90 ? 75  THR A CA  1 
ATOM   613  C C   . THR A 1 75  ? 18.315  -16.507 -10.000 1.00 43.80 ? 75  THR A C   1 
ATOM   614  O O   . THR A 1 75  ? 18.323  -15.437 -9.399  1.00 43.93 ? 75  THR A O   1 
ATOM   615  C CB  . THR A 1 75  ? 19.068  -16.801 -12.396 1.00 42.97 ? 75  THR A CB  1 
ATOM   616  O OG1 . THR A 1 75  ? 20.080  -15.804 -12.174 1.00 40.50 ? 75  THR A OG1 1 
ATOM   617  C CG2 . THR A 1 75  ? 18.670  -16.610 -13.866 1.00 43.31 ? 75  THR A CG2 1 
ATOM   618  N N   . GLU A 1 76  ? 18.649  -17.653 -9.399  1.00 43.99 ? 76  GLU A N   1 
ATOM   619  C CA  . GLU A 1 76  ? 19.201  -17.638 -8.041  1.00 44.07 ? 76  GLU A CA  1 
ATOM   620  C C   . GLU A 1 76  ? 20.471  -16.788 -7.980  1.00 42.78 ? 76  GLU A C   1 
ATOM   621  O O   . GLU A 1 76  ? 20.635  -16.017 -7.048  1.00 42.25 ? 76  GLU A O   1 
ATOM   622  C CB  . GLU A 1 76  ? 19.454  -19.046 -7.485  1.00 45.06 ? 76  GLU A CB  1 
ATOM   623  C CG  . GLU A 1 76  ? 18.188  -19.715 -6.978  1.00 48.75 ? 76  GLU A CG  1 
ATOM   624  C CD  . GLU A 1 76  ? 18.437  -21.109 -6.429  1.00 53.03 ? 76  GLU A CD  1 
ATOM   625  O OE1 . GLU A 1 76  ? 19.441  -21.300 -5.709  1.00 55.59 ? 76  GLU A OE1 1 
ATOM   626  O OE2 . GLU A 1 76  ? 17.621  -22.020 -6.715  1.00 55.46 ? 76  GLU A OE2 1 
ATOM   627  N N   . GLU A 1 77  ? 21.331  -16.905 -8.983  1.00 41.18 ? 77  GLU A N   1 
ATOM   628  C CA  . GLU A 1 77  ? 22.555  -16.110 -9.056  1.00 40.46 ? 77  GLU A CA  1 
ATOM   629  C C   . GLU A 1 77  ? 22.289  -14.590 -8.998  1.00 38.52 ? 77  GLU A C   1 
ATOM   630  O O   . GLU A 1 77  ? 22.989  -13.855 -8.301  1.00 37.52 ? 77  GLU A O   1 
ATOM   631  C CB  . GLU A 1 77  ? 23.361  -16.448 -10.334 1.00 41.40 ? 77  GLU A CB  1 
ATOM   632  C CG  . GLU A 1 77  ? 24.867  -16.231 -10.194 1.00 45.33 ? 77  GLU A CG  1 
ATOM   633  C CD  . GLU A 1 77  ? 25.624  -16.078 -11.532 1.00 52.05 ? 77  GLU A CD  1 
ATOM   634  O OE1 . GLU A 1 77  ? 26.283  -15.019 -11.728 1.00 54.95 ? 77  GLU A OE1 1 
ATOM   635  O OE2 . GLU A 1 77  ? 25.611  -17.019 -12.377 1.00 56.55 ? 77  GLU A OE2 1 
ATOM   636  N N   . LYS A 1 78  ? 21.284  -14.136 -9.734  1.00 36.76 ? 78  LYS A N   1 
ATOM   637  C CA  . LYS A 1 78  ? 20.939  -12.723 -9.797  1.00 35.20 ? 78  LYS A CA  1 
ATOM   638  C C   . LYS A 1 78  ? 20.371  -12.235 -8.439  1.00 33.43 ? 78  LYS A C   1 
ATOM   639  O O   . LYS A 1 78  ? 20.764  -11.195 -7.938  1.00 33.58 ? 78  LYS A O   1 
ATOM   640  C CB  . LYS A 1 78  ? 19.954  -12.471 -10.981 1.00 35.52 ? 78  LYS A CB  1 
ATOM   641  C CG  . LYS A 1 78  ? 19.872  -11.013 -11.492 1.00 37.86 ? 78  LYS A CG  1 
ATOM   642  C CD  . LYS A 1 78  ? 21.129  -10.560 -12.351 1.00 41.30 ? 78  LYS A CD  1 
ATOM   643  C CE  . LYS A 1 78  ? 20.994  -9.113  -12.995 1.00 43.19 ? 78  LYS A CE  1 
ATOM   644  N NZ  . LYS A 1 78  ? 22.330  -8.477  -13.233 1.00 44.99 ? 78  LYS A NZ  1 
ATOM   645  N N   . ILE A 1 79  ? 19.457  -13.018 -7.867  1.00 32.27 ? 79  ILE A N   1 
ATOM   646  C CA  . ILE A 1 79  ? 18.881  -12.752 -6.556  1.00 32.01 ? 79  ILE A CA  1 
ATOM   647  C C   . ILE A 1 79  ? 19.980  -12.641 -5.483  1.00 32.34 ? 79  ILE A C   1 
ATOM   648  O O   . ILE A 1 79  ? 19.962  -11.739 -4.686  1.00 32.45 ? 79  ILE A O   1 
ATOM   649  C CB  . ILE A 1 79  ? 17.828  -13.850 -6.174  1.00 31.20 ? 79  ILE A CB  1 
ATOM   650  C CG1 . ILE A 1 79  ? 16.570  -13.730 -7.059  1.00 32.44 ? 79  ILE A CG1 1 
ATOM   651  C CG2 . ILE A 1 79  ? 17.456  -13.755 -4.679  1.00 30.80 ? 79  ILE A CG2 1 
ATOM   652  C CD1 . ILE A 1 79  ? 15.564  -14.869 -6.941  1.00 34.25 ? 79  ILE A CD1 1 
ATOM   653  N N   . ASN A 1 80  ? 20.954  -13.541 -5.503  1.00 32.02 ? 80  ASN A N   1 
ATOM   654  C CA  . ASN A 1 80  ? 22.084  -13.505 -4.576  1.00 31.83 ? 80  ASN A CA  1 
ATOM   655  C C   . ASN A 1 80  ? 22.981  -12.276 -4.790  1.00 30.59 ? 80  ASN A C   1 
ATOM   656  O O   . ASN A 1 80  ? 23.344  -11.605 -3.846  1.00 31.72 ? 80  ASN A O   1 
ATOM   657  C CB  . ASN A 1 80  ? 22.881  -14.846 -4.618  1.00 33.03 ? 80  ASN A CB  1 
ATOM   658  C CG  . ASN A 1 80  ? 22.076  -16.028 -4.077  1.00 35.12 ? 80  ASN A CG  1 
ATOM   659  O OD1 . ASN A 1 80  ? 21.178  -15.852 -3.268  1.00 39.77 ? 80  ASN A OD1 1 
ATOM   660  N ND2 . ASN A 1 80  ? 22.388  -17.233 -4.536  1.00 38.71 ? 80  ASN A ND2 1 
ATOM   661  N N   . TYR A 1 81  ? 23.313  -11.980 -6.042  1.00 29.88 ? 81  TYR A N   1 
ATOM   662  C CA  . TYR A 1 81  ? 24.015  -10.748 -6.410  1.00 29.16 ? 81  TYR A CA  1 
ATOM   663  C C   . TYR A 1 81  ? 23.327  -9.463  -5.856  1.00 29.34 ? 81  TYR A C   1 
ATOM   664  O O   . TYR A 1 81  ? 23.965  -8.623  -5.243  1.00 30.15 ? 81  TYR A O   1 
ATOM   665  C CB  . TYR A 1 81  ? 24.143  -10.716 -7.937  1.00 29.50 ? 81  TYR A CB  1 
ATOM   666  C CG  . TYR A 1 81  ? 24.463  -9.368  -8.546  1.00 30.30 ? 81  TYR A CG  1 
ATOM   667  C CD1 . TYR A 1 81  ? 25.773  -8.902  -8.633  1.00 30.92 ? 81  TYR A CD1 1 
ATOM   668  C CD2 . TYR A 1 81  ? 23.450  -8.560  -9.050  1.00 30.77 ? 81  TYR A CD2 1 
ATOM   669  C CE1 . TYR A 1 81  ? 26.068  -7.636  -9.205  1.00 31.97 ? 81  TYR A CE1 1 
ATOM   670  C CE2 . TYR A 1 81  ? 23.720  -7.321  -9.638  1.00 32.66 ? 81  TYR A CE2 1 
ATOM   671  C CZ  . TYR A 1 81  ? 25.020  -6.865  -9.713  1.00 31.91 ? 81  TYR A CZ  1 
ATOM   672  O OH  . TYR A 1 81  ? 25.237  -5.644  -10.266 1.00 33.74 ? 81  TYR A OH  1 
ATOM   673  N N   . PHE A 1 82  ? 22.015  -9.347  -6.055  1.00 28.75 ? 82  PHE A N   1 
ATOM   674  C CA  . PHE A 1 82  ? 21.242  -8.236  -5.524  1.00 28.01 ? 82  PHE A CA  1 
ATOM   675  C C   . PHE A 1 82  ? 21.212  -8.223  -3.998  1.00 27.36 ? 82  PHE A C   1 
ATOM   676  O O   . PHE A 1 82  ? 21.345  -7.166  -3.423  1.00 27.81 ? 82  PHE A O   1 
ATOM   677  C CB  . PHE A 1 82  ? 19.798  -8.247  -6.077  1.00 26.87 ? 82  PHE A CB  1 
ATOM   678  C CG  . PHE A 1 82  ? 19.666  -7.692  -7.462  1.00 24.49 ? 82  PHE A CG  1 
ATOM   679  C CD1 . PHE A 1 82  ? 20.265  -6.473  -7.817  1.00 26.27 ? 82  PHE A CD1 1 
ATOM   680  C CD2 . PHE A 1 82  ? 18.900  -8.348  -8.409  1.00 25.92 ? 82  PHE A CD2 1 
ATOM   681  C CE1 . PHE A 1 82  ? 20.121  -5.947  -9.083  1.00 24.74 ? 82  PHE A CE1 1 
ATOM   682  C CE2 . PHE A 1 82  ? 18.753  -7.816  -9.685  1.00 25.61 ? 82  PHE A CE2 1 
ATOM   683  C CZ  . PHE A 1 82  ? 19.363  -6.608  -10.015 1.00 24.33 ? 82  PHE A CZ  1 
ATOM   684  N N   . LYS A 1 83  ? 21.035  -9.386  -3.356  1.00 28.00 ? 83  LYS A N   1 
ATOM   685  C CA  . LYS A 1 83  ? 20.975  -9.447  -1.884  1.00 29.10 ? 83  LYS A CA  1 
ATOM   686  C C   . LYS A 1 83  ? 22.266  -8.919  -1.288  1.00 30.47 ? 83  LYS A C   1 
ATOM   687  O O   . LYS A 1 83  ? 22.242  -8.130  -0.363  1.00 29.98 ? 83  LYS A O   1 
ATOM   688  C CB  . LYS A 1 83  ? 20.679  -10.853 -1.326  1.00 29.90 ? 83  LYS A CB  1 
ATOM   689  C CG  . LYS A 1 83  ? 19.241  -11.299 -1.476  1.00 31.60 ? 83  LYS A CG  1 
ATOM   690  C CD  . LYS A 1 83  ? 18.827  -12.451 -0.559  1.00 34.10 ? 83  LYS A CD  1 
ATOM   691  C CE  . LYS A 1 83  ? 17.567  -13.104 -1.080  1.00 35.64 ? 83  LYS A CE  1 
ATOM   692  N NZ  . LYS A 1 83  ? 16.693  -13.693 -0.033  1.00 37.87 ? 83  LYS A NZ  1 
ATOM   693  N N   . GLU A 1 84  ? 23.392  -9.310  -1.845  1.00 32.20 ? 84  GLU A N   1 
ATOM   694  C CA  . GLU A 1 84  ? 24.665  -8.893  -1.290  1.00 32.60 ? 84  GLU A CA  1 
ATOM   695  C C   . GLU A 1 84  ? 25.039  -7.418  -1.575  1.00 32.06 ? 84  GLU A C   1 
ATOM   696  O O   . GLU A 1 84  ? 25.500  -6.728  -0.685  1.00 33.29 ? 84  GLU A O   1 
ATOM   697  C CB  . GLU A 1 84  ? 25.794  -9.827  -1.746  1.00 33.96 ? 84  GLU A CB  1 
ATOM   698  C CG  . GLU A 1 84  ? 27.006  -9.729  -0.817  1.00 38.06 ? 84  GLU A CG  1 
ATOM   699  C CD  . GLU A 1 84  ? 28.320  -9.573  -1.566  1.00 44.30 ? 84  GLU A CD  1 
ATOM   700  O OE1 . GLU A 1 84  ? 28.312  -8.940  -2.661  1.00 46.99 ? 84  GLU A OE1 1 
ATOM   701  O OE2 . GLU A 1 84  ? 29.353  -10.098 -1.053  1.00 48.13 ? 84  GLU A OE2 1 
ATOM   702  N N   . LYS A 1 85  ? 24.823  -6.971  -2.811  1.00 31.09 ? 85  LYS A N   1 
ATOM   703  C CA  . LYS A 1 85  ? 25.165  -5.631  -3.257  1.00 29.94 ? 85  LYS A CA  1 
ATOM   704  C C   . LYS A 1 85  ? 24.332  -4.519  -2.623  1.00 29.58 ? 85  LYS A C   1 
ATOM   705  O O   . LYS A 1 85  ? 24.861  -3.487  -2.290  1.00 29.80 ? 85  LYS A O   1 
ATOM   706  C CB  . LYS A 1 85  ? 25.033  -5.568  -4.774  1.00 29.31 ? 85  LYS A CB  1 
ATOM   707  C CG  . LYS A 1 85  ? 25.394  -4.255  -5.368  1.00 29.59 ? 85  LYS A CG  1 
ATOM   708  C CD  . LYS A 1 85  ? 25.489  -4.376  -6.877  1.00 29.40 ? 85  LYS A CD  1 
ATOM   709  C CE  . LYS A 1 85  ? 25.972  -3.078  -7.513  1.00 29.85 ? 85  LYS A CE  1 
ATOM   710  N NZ  . LYS A 1 85  ? 25.878  -3.180  -8.990  1.00 31.32 ? 85  LYS A NZ  1 
ATOM   711  N N   . TYR A 1 86  ? 23.031  -4.742  -2.485  1.00 28.80 ? 86  TYR A N   1 
ATOM   712  C CA  . TYR A 1 86  ? 22.103  -3.712  -2.004  1.00 27.91 ? 86  TYR A CA  1 
ATOM   713  C C   . TYR A 1 86  ? 21.598  -3.980  -0.595  1.00 29.42 ? 86  TYR A C   1 
ATOM   714  O O   . TYR A 1 86  ? 20.848  -3.192  -0.063  1.00 29.70 ? 86  TYR A O   1 
ATOM   715  C CB  . TYR A 1 86  ? 20.955  -3.519  -3.006  1.00 26.77 ? 86  TYR A CB  1 
ATOM   716  C CG  . TYR A 1 86  ? 21.430  -2.956  -4.328  1.00 24.68 ? 86  TYR A CG  1 
ATOM   717  C CD1 . TYR A 1 86  ? 21.505  -3.760  -5.462  1.00 23.42 ? 86  TYR A CD1 1 
ATOM   718  C CD2 . TYR A 1 86  ? 21.839  -1.632  -4.442  1.00 23.93 ? 86  TYR A CD2 1 
ATOM   719  C CE1 . TYR A 1 86  ? 21.947  -3.249  -6.687  1.00 22.77 ? 86  TYR A CE1 1 
ATOM   720  C CE2 . TYR A 1 86  ? 22.308  -1.119  -5.654  1.00 21.55 ? 86  TYR A CE2 1 
ATOM   721  C CZ  . TYR A 1 86  ? 22.357  -1.934  -6.773  1.00 23.17 ? 86  TYR A CZ  1 
ATOM   722  O OH  . TYR A 1 86  ? 22.813  -1.478  -7.977  1.00 26.48 ? 86  TYR A OH  1 
ATOM   723  N N   . ASN A 1 87  ? 22.102  -5.047  0.025   1.00 31.39 ? 87  ASN A N   1 
ATOM   724  C CA  . ASN A 1 87  ? 21.668  -5.511  1.357   1.00 32.30 ? 87  ASN A CA  1 
ATOM   725  C C   . ASN A 1 87  ? 20.152  -5.571  1.559   1.00 31.55 ? 87  ASN A C   1 
ATOM   726  O O   . ASN A 1 87  ? 19.646  -5.048  2.487   1.00 32.36 ? 87  ASN A O   1 
ATOM   727  C CB  . ASN A 1 87  ? 22.369  -4.748  2.505   1.00 34.38 ? 87  ASN A CB  1 
ATOM   728  C CG  . ASN A 1 87  ? 23.909  -4.702  2.324   1.00 38.50 ? 87  ASN A CG  1 
ATOM   729  O OD1 . ASN A 1 87  ? 24.593  -5.759  2.183   1.00 44.31 ? 87  ASN A OD1 1 
ATOM   730  N ND2 . ASN A 1 87  ? 24.468  -3.468  2.300   1.00 44.58 ? 87  ASN A ND2 1 
ATOM   731  N N   . VAL A 1 88  ? 19.454  -6.249  0.671   1.00 29.51 ? 88  VAL A N   1 
ATOM   732  C CA  . VAL A 1 88  ? 18.026  -6.467  0.804   1.00 27.94 ? 88  VAL A CA  1 
ATOM   733  C C   . VAL A 1 88  ? 17.754  -7.918  1.238   1.00 27.86 ? 88  VAL A C   1 
ATOM   734  O O   . VAL A 1 88  ? 18.532  -8.829  0.980   1.00 27.99 ? 88  VAL A O   1 
ATOM   735  C CB  . VAL A 1 88  ? 17.238  -6.086  -0.490  1.00 26.65 ? 88  VAL A CB  1 
ATOM   736  C CG1 . VAL A 1 88  ? 17.379  -4.602  -0.765  1.00 25.48 ? 88  VAL A CG1 1 
ATOM   737  C CG2 . VAL A 1 88  ? 17.713  -6.854  -1.696  1.00 26.13 ? 88  VAL A CG2 1 
ATOM   738  N N   . ASP A 1 89  ? 16.627  -8.092  1.902   1.00 27.69 ? 89  ASP A N   1 
ATOM   739  C CA  . ASP A 1 89  ? 16.214  -9.373  2.447   1.00 28.11 ? 89  ASP A CA  1 
ATOM   740  C C   . ASP A 1 89  ? 15.621  -10.292 1.404   1.00 27.88 ? 89  ASP A C   1 
ATOM   741  O O   . ASP A 1 89  ? 15.815  -11.520 1.455   1.00 26.81 ? 89  ASP A O   1 
ATOM   742  C CB  . ASP A 1 89  ? 15.200  -9.138  3.565   1.00 28.98 ? 89  ASP A CB  1 
ATOM   743  C CG  . ASP A 1 89  ? 15.787  -8.336  4.719   1.00 31.78 ? 89  ASP A CG  1 
ATOM   744  O OD1 . ASP A 1 89  ? 15.050  -7.456  5.222   1.00 30.73 ? 89  ASP A OD1 1 
ATOM   745  O OD2 . ASP A 1 89  ? 16.964  -8.531  5.153   1.00 36.17 ? 89  ASP A OD2 1 
ATOM   746  N N   . TYR A 1 90  ? 14.874  -9.685  0.485   1.00 26.91 ? 90  TYR A N   1 
ATOM   747  C CA  . TYR A 1 90  ? 14.232  -10.400 -0.596  1.00 26.70 ? 90  TYR A CA  1 
ATOM   748  C C   . TYR A 1 90  ? 14.303  -9.632  -1.908  1.00 25.96 ? 90  TYR A C   1 
ATOM   749  O O   . TYR A 1 90  ? 14.393  -8.410  -1.945  1.00 25.66 ? 90  TYR A O   1 
ATOM   750  C CB  . TYR A 1 90  ? 12.766  -10.674 -0.269  1.00 27.60 ? 90  TYR A CB  1 
ATOM   751  C CG  . TYR A 1 90  ? 12.535  -11.443 0.997   1.00 26.75 ? 90  TYR A CG  1 
ATOM   752  C CD1 . TYR A 1 90  ? 12.373  -10.781 2.212   1.00 28.91 ? 90  TYR A CD1 1 
ATOM   753  C CD2 . TYR A 1 90  ? 12.462  -12.816 0.988   1.00 28.22 ? 90  TYR A CD2 1 
ATOM   754  C CE1 . TYR A 1 90  ? 12.150  -11.448 3.351   1.00 27.59 ? 90  TYR A CE1 1 
ATOM   755  C CE2 . TYR A 1 90  ? 12.238  -13.511 2.125   1.00 28.71 ? 90  TYR A CE2 1 
ATOM   756  C CZ  . TYR A 1 90  ? 12.071  -12.832 3.327   1.00 29.74 ? 90  TYR A CZ  1 
ATOM   757  O OH  . TYR A 1 90  ? 11.847  -13.543 4.497   1.00 29.98 ? 90  TYR A OH  1 
ATOM   758  N N   . VAL A 1 91  ? 14.232  -10.393 -2.983  1.00 25.18 ? 91  VAL A N   1 
ATOM   759  C CA  . VAL A 1 91  ? 14.169  -9.883  -4.326  1.00 24.28 ? 91  VAL A CA  1 
ATOM   760  C C   . VAL A 1 91  ? 12.987  -10.535 -5.014  1.00 24.84 ? 91  VAL A C   1 
ATOM   761  O O   . VAL A 1 91  ? 12.920  -11.713 -5.125  1.00 25.71 ? 91  VAL A O   1 
ATOM   762  C CB  . VAL A 1 91  ? 15.463  -10.172 -5.130  1.00 23.57 ? 91  VAL A CB  1 
ATOM   763  C CG1 . VAL A 1 91  ? 15.435  -9.416  -6.455  1.00 23.26 ? 91  VAL A CG1 1 
ATOM   764  C CG2 . VAL A 1 91  ? 16.687  -9.795  -4.336  1.00 22.85 ? 91  VAL A CG2 1 
ATOM   765  N N   . VAL A 1 92  ? 12.054  -9.725  -5.466  1.00 23.63 ? 92  VAL A N   1 
ATOM   766  C CA  . VAL A 1 92  ? 10.845  -10.185 -6.138  1.00 24.28 ? 92  VAL A CA  1 
ATOM   767  C C   . VAL A 1 92  ? 10.758  -9.511  -7.463  1.00 23.67 ? 92  VAL A C   1 
ATOM   768  O O   . VAL A 1 92  ? 11.455  -8.528  -7.733  1.00 23.54 ? 92  VAL A O   1 
ATOM   769  C CB  . VAL A 1 92  ? 9.581   -9.917  -5.332  1.00 25.00 ? 92  VAL A CB  1 
ATOM   770  C CG1 . VAL A 1 92  ? 9.658   -10.678 -4.008  1.00 24.77 ? 92  VAL A CG1 1 
ATOM   771  C CG2 . VAL A 1 92  ? 9.350   -8.428  -5.085  1.00 29.28 ? 92  VAL A CG2 1 
ATOM   772  N N   . GLU A 1 93  ? 9.911   -10.090 -8.293  1.00 23.40 ? 93  GLU A N   1 
ATOM   773  C CA  . GLU A 1 93  ? 9.756   -9.691  -9.673  1.00 23.05 ? 93  GLU A CA  1 
ATOM   774  C C   . GLU A 1 93  ? 8.270   -9.714  -9.976  1.00 22.51 ? 93  GLU A C   1 
ATOM   775  O O   . GLU A 1 93  ? 7.622   -10.677 -9.678  1.00 22.43 ? 93  GLU A O   1 
ATOM   776  C CB  . GLU A 1 93  ? 10.541  -10.679 -10.536 1.00 25.23 ? 93  GLU A CB  1 
ATOM   777  C CG  . GLU A 1 93  ? 9.923   -11.166 -11.835 1.00 28.24 ? 93  GLU A CG  1 
ATOM   778  C CD  . GLU A 1 93  ? 10.906  -11.983 -12.705 1.00 36.83 ? 93  GLU A CD  1 
ATOM   779  O OE1 . GLU A 1 93  ? 11.861  -12.590 -12.183 1.00 46.03 ? 93  GLU A OE1 1 
ATOM   780  O OE2 . GLU A 1 93  ? 10.699  -12.043 -13.944 1.00 39.77 ? 93  GLU A OE2 1 
ATOM   781  N N   . GLY A 1 94  ? 7.727   -8.671  -10.587 1.00 21.08 ? 94  GLY A N   1 
ATOM   782  C CA  . GLY A 1 94  ? 6.323   -8.687  -10.958 1.00 20.29 ? 94  GLY A CA  1 
ATOM   783  C C   . GLY A 1 94  ? 5.471   -8.127  -9.841  1.00 20.13 ? 94  GLY A C   1 
ATOM   784  O O   . GLY A 1 94  ? 5.903   -7.284  -9.046  1.00 19.86 ? 94  GLY A O   1 
ATOM   785  N N   . GLY A 1 95  ? 4.235   -8.577  -9.786  1.00 20.10 ? 95  GLY A N   1 
ATOM   786  C CA  . GLY A 1 95  ? 3.299   -8.100  -8.786  1.00 19.64 ? 95  GLY A CA  1 
ATOM   787  C C   . GLY A 1 95  ? 3.641   -8.647  -7.431  1.00 20.14 ? 95  GLY A C   1 
ATOM   788  O O   . GLY A 1 95  ? 3.859   -9.814  -7.294  1.00 21.63 ? 95  GLY A O   1 
ATOM   789  N N   . VAL A 1 96  ? 3.722   -7.793  -6.435  1.00 19.22 ? 96  VAL A N   1 
ATOM   790  C CA  . VAL A 1 96  ? 3.752   -8.238  -5.075  1.00 19.09 ? 96  VAL A CA  1 
ATOM   791  C C   . VAL A 1 96  ? 2.667   -7.483  -4.288  1.00 19.46 ? 96  VAL A C   1 
ATOM   792  O O   . VAL A 1 96  ? 2.497   -6.299  -4.449  1.00 19.25 ? 96  VAL A O   1 
ATOM   793  C CB  . VAL A 1 96  ? 5.163   -8.094  -4.488  1.00 19.44 ? 96  VAL A CB  1 
ATOM   794  C CG1 . VAL A 1 96  ? 5.585   -6.671  -4.412  1.00 16.73 ? 96  VAL A CG1 1 
ATOM   795  C CG2 . VAL A 1 96  ? 5.209   -8.675  -3.134  1.00 19.79 ? 96  VAL A CG2 1 
ATOM   796  N N   . LEU A 1 97  ? 1.914   -8.215  -3.468  1.00 18.40 ? 97  LEU A N   1 
ATOM   797  C CA  . LEU A 1 97  ? 0.899   -7.640  -2.601  1.00 18.16 ? 97  LEU A CA  1 
ATOM   798  C C   . LEU A 1 97  ? 1.465   -7.355  -1.251  1.00 18.72 ? 97  LEU A C   1 
ATOM   799  O O   . LEU A 1 97  ? 2.091   -8.188  -0.635  1.00 19.01 ? 97  LEU A O   1 
ATOM   800  C CB  . LEU A 1 97  ? -0.284  -8.570  -2.441  1.00 18.01 ? 97  LEU A CB  1 
ATOM   801  C CG  . LEU A 1 97  ? -1.182  -8.870  -3.669  1.00 21.65 ? 97  LEU A CG  1 
ATOM   802  C CD1 . LEU A 1 97  ? -2.340  -9.780  -3.262  1.00 25.55 ? 97  LEU A CD1 1 
ATOM   803  C CD2 . LEU A 1 97  ? -1.704  -7.597  -4.293  1.00 21.65 ? 97  LEU A CD2 1 
ATOM   804  N N   . GLY A 1 98  ? 1.272   -6.142  -0.782  1.00 19.01 ? 98  GLY A N   1 
ATOM   805  C CA  . GLY A 1 98  ? 1.580   -5.834  0.600   1.00 17.82 ? 98  GLY A CA  1 
ATOM   806  C C   . GLY A 1 98  ? 0.397   -5.228  1.316   1.00 18.37 ? 98  GLY A C   1 
ATOM   807  O O   . GLY A 1 98  ? -0.742  -5.399  0.909   1.00 18.32 ? 98  GLY A O   1 
ATOM   808  N N   . THR A 1 99  ? 0.689   -4.517  2.398   1.00 18.03 ? 99  THR A N   1 
ATOM   809  C CA  . THR A 1 99  ? -0.347  -3.916  3.247   1.00 18.70 ? 99  THR A CA  1 
ATOM   810  C C   . THR A 1 99  ? 0.174   -2.694  3.954   1.00 18.68 ? 99  THR A C   1 
ATOM   811  O O   . THR A 1 99  ? 1.365   -2.572  4.233   1.00 19.14 ? 99  THR A O   1 
ATOM   812  C CB  . THR A 1 99  ? -0.849  -4.940  4.284   1.00 19.34 ? 99  THR A CB  1 
ATOM   813  O OG1 . THR A 1 99  ? -1.895  -4.365  5.097   1.00 20.00 ? 99  THR A OG1 1 
ATOM   814  C CG2 . THR A 1 99  ? 0.255   -5.274  5.309   1.00 21.99 ? 99  THR A CG2 1 
ATOM   815  N N   . THR A 1 100 ? -0.705  -1.761  4.274   1.00 18.51 ? 100 THR A N   1 
ATOM   816  C CA  . THR A 1 100 ? -0.304  -0.680  5.175   1.00 17.19 ? 100 THR A CA  1 
ATOM   817  C C   . THR A 1 100 ? -0.131  -1.198  6.607   1.00 17.37 ? 100 THR A C   1 
ATOM   818  O O   . THR A 1 100 ? -0.708  -2.172  6.987   1.00 18.50 ? 100 THR A O   1 
ATOM   819  C CB  . THR A 1 100 ? -1.330  0.453   5.141   1.00 17.35 ? 100 THR A CB  1 
ATOM   820  O OG1 . THR A 1 100 ? -2.633  -0.090  5.379   1.00 16.58 ? 100 THR A OG1 1 
ATOM   821  C CG2 . THR A 1 100 ? -1.430  1.077   3.750   1.00 18.79 ? 100 THR A CG2 1 
ATOM   822  N N   . ASN A 1 101 ? 0.682   -0.528  7.407   1.00 16.93 ? 101 ASN A N   1 
ATOM   823  C CA  . ASN A 1 101 ? 0.641   -0.748  8.846   1.00 17.12 ? 101 ASN A CA  1 
ATOM   824  C C   . ASN A 1 101 ? -0.699  -0.311  9.399   1.00 17.16 ? 101 ASN A C   1 
ATOM   825  O O   . ASN A 1 101 ? -1.190  -0.929  10.335  1.00 16.87 ? 101 ASN A O   1 
ATOM   826  C CB  . ASN A 1 101 ? 1.728   0.043   9.551   1.00 17.59 ? 101 ASN A CB  1 
ATOM   827  C CG  . ASN A 1 101 ? 3.076   -0.585  9.416   1.00 17.50 ? 101 ASN A CG  1 
ATOM   828  O OD1 . ASN A 1 101 ? 3.231   -1.767  9.702   1.00 18.46 ? 101 ASN A OD1 1 
ATOM   829  N ND2 . ASN A 1 101 ? 4.066   0.194   8.992   1.00 19.55 ? 101 ASN A ND2 1 
ATOM   830  N N   . GLU A 1 102 ? -1.299  0.735   8.799   1.00 16.67 ? 102 GLU A N   1 
ATOM   831  C CA  . GLU A 1 102 ? -2.474  1.391   9.379   1.00 16.34 ? 102 GLU A CA  1 
ATOM   832  C C   . GLU A 1 102 ? -3.757  0.623   9.110   1.00 16.14 ? 102 GLU A C   1 
ATOM   833  O O   . GLU A 1 102 ? -4.025  0.183   7.959   1.00 16.39 ? 102 GLU A O   1 
ATOM   834  C CB  . GLU A 1 102 ? -2.612  2.827   8.866   1.00 16.99 ? 102 GLU A CB  1 
ATOM   835  C CG  . GLU A 1 102 ? -1.455  3.719   9.304   1.00 15.51 ? 102 GLU A CG  1 
ATOM   836  C CD  . GLU A 1 102 ? -0.154  3.548   8.511   1.00 17.87 ? 102 GLU A CD  1 
ATOM   837  O OE1 . GLU A 1 102 ? -0.118  2.843   7.481   1.00 16.81 ? 102 GLU A OE1 1 
ATOM   838  O OE2 . GLU A 1 102 ? 0.847   4.164   8.910   1.00 17.62 ? 102 GLU A OE2 1 
ATOM   839  N N   . TYR A 1 103 ? -4.538  0.459   10.182  1.00 15.61 ? 103 TYR A N   1 
ATOM   840  C CA  . TYR A 1 103 ? -5.885  -0.095  10.119  1.00 16.18 ? 103 TYR A CA  1 
ATOM   841  C C   . TYR A 1 103 ? -6.860  1.085   10.083  1.00 15.57 ? 103 TYR A C   1 
ATOM   842  O O   . TYR A 1 103 ? -6.722  2.011   10.846  1.00 16.67 ? 103 TYR A O   1 
ATOM   843  C CB  . TYR A 1 103 ? -6.140  -1.025  11.344  1.00 16.52 ? 103 TYR A CB  1 
ATOM   844  C CG  . TYR A 1 103 ? -7.592  -1.470  11.523  1.00 17.35 ? 103 TYR A CG  1 
ATOM   845  C CD1 . TYR A 1 103 ? -8.087  -2.635  10.913  1.00 18.86 ? 103 TYR A CD1 1 
ATOM   846  C CD2 . TYR A 1 103 ? -8.478  -0.725  12.333  1.00 16.23 ? 103 TYR A CD2 1 
ATOM   847  C CE1 . TYR A 1 103 ? -9.401  -3.034  11.092  1.00 20.56 ? 103 TYR A CE1 1 
ATOM   848  C CE2 . TYR A 1 103 ? -9.810  -1.125  12.512  1.00 18.82 ? 103 TYR A CE2 1 
ATOM   849  C CZ  . TYR A 1 103 ? -10.244 -2.269  11.879  1.00 18.47 ? 103 TYR A CZ  1 
ATOM   850  O OH  . TYR A 1 103 ? -11.539 -2.625  12.062  1.00 18.34 ? 103 TYR A OH  1 
ATOM   851  N N   . ILE A 1 104 ? -7.844  1.057   9.198   1.00 16.09 ? 104 ILE A N   1 
ATOM   852  C CA  . ILE A 1 104 ? -8.789  2.160   9.097   1.00 15.21 ? 104 ILE A CA  1 
ATOM   853  C C   . ILE A 1 104 ? -10.228 1.708   9.197   1.00 15.75 ? 104 ILE A C   1 
ATOM   854  O O   . ILE A 1 104 ? -10.571 0.581   8.814   1.00 14.49 ? 104 ILE A O   1 
ATOM   855  C CB  . ILE A 1 104 ? -8.561  3.009   7.812   1.00 16.82 ? 104 ILE A CB  1 
ATOM   856  C CG1 . ILE A 1 104 ? -8.984  2.276   6.559   1.00 17.64 ? 104 ILE A CG1 1 
ATOM   857  C CG2 . ILE A 1 104 ? -7.082  3.481   7.660   1.00 18.21 ? 104 ILE A CG2 1 
ATOM   858  C CD1 . ILE A 1 104 ? -9.356  3.276   5.437   1.00 18.94 ? 104 ILE A CD1 1 
ATOM   859  N N   . GLU A 1 105 ? -11.071 2.581   9.737   1.00 14.69 ? 105 GLU A N   1 
ATOM   860  C CA  . GLU A 1 105 ? -12.532 2.431   9.636   1.00 15.21 ? 105 GLU A CA  1 
ATOM   861  C C   . GLU A 1 105 ? -13.089 3.762   9.173   1.00 15.09 ? 105 GLU A C   1 
ATOM   862  O O   . GLU A 1 105 ? -12.725 4.807   9.695   1.00 15.60 ? 105 GLU A O   1 
ATOM   863  C CB  . GLU A 1 105 ? -13.178 2.016   10.959  1.00 15.27 ? 105 GLU A CB  1 
ATOM   864  C CG  . GLU A 1 105 ? -12.501 0.822   11.601  1.00 16.22 ? 105 GLU A CG  1 
ATOM   865  C CD  . GLU A 1 105 ? -13.263 0.207   12.787  1.00 21.26 ? 105 GLU A CD  1 
ATOM   866  O OE1 . GLU A 1 105 ? -14.170 0.896   13.325  1.00 20.56 ? 105 GLU A OE1 1 
ATOM   867  O OE2 . GLU A 1 105 ? -12.950 -0.971  13.174  1.00 19.80 ? 105 GLU A OE2 1 
ATOM   868  N N   . LEU A 1 106 ? -13.941 3.697   8.170   1.00 15.18 ? 106 LEU A N   1 
ATOM   869  C CA  . LEU A 1 106 ? -14.584 4.838   7.569   1.00 15.31 ? 106 LEU A CA  1 
ATOM   870  C C   . LEU A 1 106 ? -16.029 4.784   7.935   1.00 16.40 ? 106 LEU A C   1 
ATOM   871  O O   . LEU A 1 106 ? -16.672 3.717   7.906   1.00 16.44 ? 106 LEU A O   1 
ATOM   872  C CB  . LEU A 1 106 ? -14.526 4.732   6.042   1.00 15.56 ? 106 LEU A CB  1 
ATOM   873  C CG  . LEU A 1 106 ? -13.128 4.743   5.428   1.00 16.03 ? 106 LEU A CG  1 
ATOM   874  C CD1 . LEU A 1 106 ? -13.284 4.688   3.960   1.00 18.32 ? 106 LEU A CD1 1 
ATOM   875  C CD2 . LEU A 1 106 ? -12.364 5.968   5.831   1.00 15.89 ? 106 LEU A CD2 1 
ATOM   876  N N   . PRO A 1 107 ? -16.579 5.935   8.237   1.00 14.84 ? 107 PRO A N   1 
ATOM   877  C CA  . PRO A 1 107 ? -17.994 6.012   8.584   1.00 14.87 ? 107 PRO A CA  1 
ATOM   878  C C   . PRO A 1 107 ? -18.852 6.047   7.322   1.00 16.05 ? 107 PRO A C   1 
ATOM   879  O O   . PRO A 1 107 ? -18.346 5.972   6.204   1.00 15.90 ? 107 PRO A O   1 
ATOM   880  C CB  . PRO A 1 107 ? -18.063 7.313   9.361   1.00 15.43 ? 107 PRO A CB  1 
ATOM   881  C CG  . PRO A 1 107 ? -17.019 8.204   8.617   1.00 14.62 ? 107 PRO A CG  1 
ATOM   882  C CD  . PRO A 1 107 ? -15.894 7.246   8.280   1.00 15.68 ? 107 PRO A CD  1 
ATOM   883  N N   . ASN A 1 108 ? -20.163 6.192   7.507   1.00 15.85 ? 108 ASN A N   1 
ATOM   884  C CA  . ASN A 1 108 ? -21.130 6.092   6.408   1.00 14.81 ? 108 ASN A CA  1 
ATOM   885  C C   . ASN A 1 108 ? -21.171 7.312   5.510   1.00 16.34 ? 108 ASN A C   1 
ATOM   886  O O   . ASN A 1 108 ? -21.819 7.269   4.488   1.00 15.90 ? 108 ASN A O   1 
ATOM   887  C CB  . ASN A 1 108 ? -22.535 5.764   6.924   1.00 15.95 ? 108 ASN A CB  1 
ATOM   888  C CG  . ASN A 1 108 ? -23.160 6.900   7.824   1.00 17.78 ? 108 ASN A CG  1 
ATOM   889  O OD1 . ASN A 1 108 ? -22.646 8.024   7.948   1.00 19.64 ? 108 ASN A OD1 1 
ATOM   890  N ND2 . ASN A 1 108 ? -24.264 6.575   8.443   1.00 20.95 ? 108 ASN A ND2 1 
ATOM   891  N N   . ASP A 1 109 ? -20.452 8.373   5.860   1.00 15.70 ? 109 ASP A N   1 
ATOM   892  C CA  . ASP A 1 109 ? -20.459 9.642   5.110   1.00 15.76 ? 109 ASP A CA  1 
ATOM   893  C C   . ASP A 1 109 ? -19.088 10.022  4.552   1.00 15.92 ? 109 ASP A C   1 
ATOM   894  O O   . ASP A 1 109 ? -18.886 11.149  4.098   1.00 15.52 ? 109 ASP A O   1 
ATOM   895  C CB  . ASP A 1 109 ? -21.014 10.776  5.987   1.00 16.20 ? 109 ASP A CB  1 
ATOM   896  C CG  . ASP A 1 109 ? -20.168 11.042  7.233   1.00 17.34 ? 109 ASP A CG  1 
ATOM   897  O OD1 . ASP A 1 109 ? -19.574 10.053  7.780   1.00 18.22 ? 109 ASP A OD1 1 
ATOM   898  O OD2 . ASP A 1 109 ? -20.029 12.206  7.729   1.00 18.93 ? 109 ASP A OD2 1 
ATOM   899  N N   . ILE A 1 110 ? -18.146 9.088   4.547   1.00 15.02 ? 110 ILE A N   1 
ATOM   900  C CA  . ILE A 1 110 ? -16.812 9.336   4.016   1.00 14.77 ? 110 ILE A CA  1 
ATOM   901  C C   . ILE A 1 110 ? -16.392 8.202   3.081   1.00 15.11 ? 110 ILE A C   1 
ATOM   902  O O   . ILE A 1 110 ? -16.568 7.038   3.396   1.00 16.52 ? 110 ILE A O   1 
ATOM   903  C CB  . ILE A 1 110 ? -15.799 9.396   5.157   1.00 13.61 ? 110 ILE A CB  1 
ATOM   904  C CG1 . ILE A 1 110 ? -16.008 10.644  6.011   1.00 14.83 ? 110 ILE A CG1 1 
ATOM   905  C CG2 . ILE A 1 110 ? -14.362 9.345   4.598   1.00 15.67 ? 110 ILE A CG2 1 
ATOM   906  C CD1 . ILE A 1 110 ? -15.409 11.943  5.452   1.00 16.41 ? 110 ILE A CD1 1 
ATOM   907  N N   . SER A 1 111 ? -15.858 8.543   1.923   1.00 14.81 ? 111 SER A N   1 
ATOM   908  C CA  . SER A 1 111 ? -15.113 7.584   1.097   1.00 14.87 ? 111 SER A CA  1 
ATOM   909  C C   . SER A 1 111 ? -13.664 8.068   1.044   1.00 15.06 ? 111 SER A C   1 
ATOM   910  O O   . SER A 1 111 ? -13.389 9.283   1.082   1.00 17.08 ? 111 SER A O   1 
ATOM   911  C CB  . SER A 1 111 ? -15.688 7.518   -0.304  1.00 16.28 ? 111 SER A CB  1 
ATOM   912  O OG  . SER A 1 111 ? -15.111 6.419   -1.029  1.00 18.04 ? 111 SER A OG  1 
ATOM   913  N N   . ALA A 1 112 ? -12.739 7.132   1.008   1.00 14.35 ? 112 ALA A N   1 
ATOM   914  C CA  . ALA A 1 112 ? -11.307 7.462   0.950   1.00 13.27 ? 112 ALA A CA  1 
ATOM   915  C C   . ALA A 1 112 ? -10.722 6.916   -0.310  1.00 14.39 ? 112 ALA A C   1 
ATOM   916  O O   . ALA A 1 112 ? -11.216 5.942   -0.865  1.00 16.86 ? 112 ALA A O   1 
ATOM   917  C CB  . ALA A 1 112 ? -10.614 6.832   2.087   1.00 14.40 ? 112 ALA A CB  1 
ATOM   918  N N   . GLN A 1 113 ? -9.632  7.508   -0.743  1.00 14.44 ? 113 GLN A N   1 
ATOM   919  C CA  . GLN A 1 113 ? -8.948  7.023   -1.922  1.00 15.04 ? 113 GLN A CA  1 
ATOM   920  C C   . GLN A 1 113 ? -7.454  6.878   -1.589  1.00 14.53 ? 113 GLN A C   1 
ATOM   921  O O   . GLN A 1 113 ? -6.813  7.854   -1.161  1.00 15.11 ? 113 GLN A O   1 
ATOM   922  C CB  . GLN A 1 113 ? -9.138  7.983   -3.098  1.00 15.96 ? 113 GLN A CB  1 
ATOM   923  C CG  . GLN A 1 113 ? -8.408  7.468   -4.379  1.00 18.72 ? 113 GLN A CG  1 
ATOM   924  C CD  . GLN A 1 113 ? -8.603  8.351   -5.624  1.00 22.28 ? 113 GLN A CD  1 
ATOM   925  O OE1 . GLN A 1 113 ? -9.239  9.395   -5.549  1.00 22.52 ? 113 GLN A OE1 1 
ATOM   926  N NE2 . GLN A 1 113 ? -8.079  7.901   -6.769  1.00 25.09 ? 113 GLN A NE2 1 
ATOM   927  N N   . TYR A 1 114 ? -6.917  5.674   -1.771  1.00 14.58 ? 114 TYR A N   1 
ATOM   928  C CA  . TYR A 1 114 ? -5.483  5.440   -1.619  1.00 15.36 ? 114 TYR A CA  1 
ATOM   929  C C   . TYR A 1 114 ? -4.734  5.807   -2.903  1.00 15.74 ? 114 TYR A C   1 
ATOM   930  O O   . TYR A 1 114 ? -5.135  5.443   -4.001  1.00 15.71 ? 114 TYR A O   1 
ATOM   931  C CB  . TYR A 1 114 ? -5.150  3.982   -1.218  1.00 15.50 ? 114 TYR A CB  1 
ATOM   932  C CG  . TYR A 1 114 ? -3.642  3.749   -1.172  1.00 16.69 ? 114 TYR A CG  1 
ATOM   933  C CD1 . TYR A 1 114 ? -2.950  3.288   -2.290  1.00 15.54 ? 114 TYR A CD1 1 
ATOM   934  C CD2 . TYR A 1 114 ? -2.910  4.053   -0.056  1.00 16.68 ? 114 TYR A CD2 1 
ATOM   935  C CE1 . TYR A 1 114 ? -1.581  3.103   -2.273  1.00 15.54 ? 114 TYR A CE1 1 
ATOM   936  C CE2 . TYR A 1 114 ? -1.556  3.882   -0.037  1.00 15.19 ? 114 TYR A CE2 1 
ATOM   937  C CZ  . TYR A 1 114 ? -0.887  3.404   -1.141  1.00 15.19 ? 114 TYR A CZ  1 
ATOM   938  O OH  . TYR A 1 114 ? 0.483   3.250   -1.116  1.00 16.24 ? 114 TYR A OH  1 
ATOM   939  N N   . GLN A 1 115 ? -3.626  6.523   -2.749  1.00 16.11 ? 115 GLN A N   1 
ATOM   940  C CA  . GLN A 1 115 ? -2.734  6.754   -3.868  1.00 18.13 ? 115 GLN A CA  1 
ATOM   941  C C   . GLN A 1 115 ? -1.300  6.589   -3.373  1.00 17.17 ? 115 GLN A C   1 
ATOM   942  O O   . GLN A 1 115 ? -0.972  6.910   -2.223  1.00 16.85 ? 115 GLN A O   1 
ATOM   943  C CB  . GLN A 1 115 ? -3.012  8.118   -4.486  1.00 19.14 ? 115 GLN A CB  1 
ATOM   944  C CG  . GLN A 1 115 ? -2.114  9.289   -3.989  1.00 24.43 ? 115 GLN A CG  1 
ATOM   945  C CD  . GLN A 1 115 ? -2.102  10.506  -4.964  1.00 25.55 ? 115 GLN A CD  1 
ATOM   946  O OE1 . GLN A 1 115 ? -2.994  10.622  -5.865  1.00 22.47 ? 115 GLN A OE1 1 
ATOM   947  N NE2 . GLN A 1 115 ? -1.124  11.405  -4.799  1.00 34.80 ? 115 GLN A NE2 1 
ATOM   948  N N   . GLY A 1 116 ? -0.440  6.070   -4.226  1.00 16.28 ? 116 GLY A N   1 
ATOM   949  C CA  . GLY A 1 116 ? 0.936   5.869   -3.864  1.00 16.04 ? 116 GLY A CA  1 
ATOM   950  C C   . GLY A 1 116 ? 1.653   7.196   -3.840  1.00 16.95 ? 116 GLY A C   1 
ATOM   951  O O   . GLY A 1 116 ? 1.276   8.129   -4.523  1.00 15.70 ? 116 GLY A O   1 
ATOM   952  N N   . ARG A 1 117 ? 2.702   7.260   -3.050  1.00 18.03 ? 117 ARG A N   1 
ATOM   953  C CA  . ARG A 1 117 ? 3.495   8.456   -2.827  1.00 19.57 ? 117 ARG A CA  1 
ATOM   954  C C   . ARG A 1 117 ? 4.085   8.981   -4.124  1.00 18.57 ? 117 ARG A C   1 
ATOM   955  O O   . ARG A 1 117 ? 4.455   8.211   -5.001  1.00 17.56 ? 117 ARG A O   1 
ATOM   956  C CB  . ARG A 1 117 ? 4.608   8.069   -1.864  1.00 21.29 ? 117 ARG A CB  1 
ATOM   957  C CG  . ARG A 1 117 ? 5.403   9.174   -1.314  1.00 29.44 ? 117 ARG A CG  1 
ATOM   958  C CD  . ARG A 1 117 ? 6.263   8.725   -0.206  1.00 30.01 ? 117 ARG A CD  1 
ATOM   959  N NE  . ARG A 1 117 ? 7.435   9.565   -0.063  1.00 33.71 ? 117 ARG A NE  1 
ATOM   960  C CZ  . ARG A 1 117 ? 8.524   9.214   0.625   1.00 36.28 ? 117 ARG A CZ  1 
ATOM   961  N NH1 . ARG A 1 117 ? 8.605   8.037   1.246   1.00 34.60 ? 117 ARG A NH1 1 
ATOM   962  N NH2 . ARG A 1 117 ? 9.549   10.038  0.698   1.00 37.11 ? 117 ARG A NH2 1 
ATOM   963  N N   . SER A 1 118 ? 4.210   10.285  -4.283  1.00 18.22 ? 118 SER A N   1 
ATOM   964  C CA  . SER A 1 118 ? 4.541   10.760  -5.619  1.00 19.20 ? 118 SER A CA  1 
ATOM   965  C C   . SER A 1 118 ? 6.034   10.605  -5.895  1.00 18.55 ? 118 SER A C   1 
ATOM   966  O O   . SER A 1 118 ? 6.403   10.398  -7.034  1.00 18.13 ? 118 SER A O   1 
ATOM   967  C CB  . SER A 1 118 ? 4.052   12.190  -5.850  1.00 20.23 ? 118 SER A CB  1 
ATOM   968  O OG  . SER A 1 118 ? 4.776   12.989  -4.943  1.00 22.10 ? 118 SER A OG  1 
ATOM   969  N N   . SER A 1 119 ? 6.889   10.633  -4.869  1.00 18.01 ? 119 SER A N   1 
ATOM   970  C CA  . SER A 1 119 ? 8.324   10.371  -5.105  1.00 18.96 ? 119 SER A CA  1 
ATOM   971  C C   . SER A 1 119 ? 8.554   8.930   -5.603  1.00 19.33 ? 119 SER A C   1 
ATOM   972  O O   . SER A 1 119 ? 9.488   8.687   -6.349  1.00 19.64 ? 119 SER A O   1 
ATOM   973  C CB  . SER A 1 119 ? 9.172   10.646  -3.864  1.00 19.91 ? 119 SER A CB  1 
ATOM   974  O OG  . SER A 1 119 ? 8.741   9.830   -2.777  1.00 21.71 ? 119 SER A OG  1 
ATOM   975  N N   . LEU A 1 120 ? 7.707   7.979   -5.203  1.00 19.41 ? 120 LEU A N   1 
ATOM   976  C CA  . LEU A 1 120 ? 7.813   6.588   -5.722  1.00 18.93 ? 120 LEU A CA  1 
ATOM   977  C C   . LEU A 1 120 ? 7.295   6.470   -7.141  1.00 18.45 ? 120 LEU A C   1 
ATOM   978  O O   . LEU A 1 120 ? 7.845   5.732   -7.930  1.00 16.94 ? 120 LEU A O   1 
ATOM   979  C CB  . LEU A 1 120 ? 7.135   5.583   -4.792  1.00 19.80 ? 120 LEU A CB  1 
ATOM   980  C CG  . LEU A 1 120 ? 7.962   5.435   -3.499  1.00 20.68 ? 120 LEU A CG  1 
ATOM   981  C CD1 . LEU A 1 120 ? 7.172   4.770   -2.396  1.00 20.47 ? 120 LEU A CD1 1 
ATOM   982  C CD2 . LEU A 1 120 ? 9.281   4.708   -3.716  1.00 18.55 ? 120 LEU A CD2 1 
ATOM   983  N N   . GLY A 1 121 ? 6.276   7.265   -7.468  1.00 18.03 ? 121 GLY A N   1 
ATOM   984  C CA  . GLY A 1 121 ? 5.759   7.345   -8.812  1.00 18.78 ? 121 GLY A CA  1 
ATOM   985  C C   . GLY A 1 121 ? 6.798   7.895   -9.761  1.00 19.05 ? 121 GLY A C   1 
ATOM   986  O O   . GLY A 1 121 ? 6.884   7.485   -10.907 1.00 19.04 ? 121 GLY A O   1 
ATOM   987  N N   . ARG A 1 122 ? 7.624   8.789   -9.276  1.00 19.76 ? 122 ARG A N   1 
ATOM   988  C CA  . ARG A 1 122 ? 8.678   9.362   -10.115 1.00 21.28 ? 122 ARG A CA  1 
ATOM   989  C C   . ARG A 1 122 ? 9.807   8.375   -10.386 1.00 20.41 ? 122 ARG A C   1 
ATOM   990  O O   . ARG A 1 122 ? 10.502  8.518   -11.371 1.00 21.26 ? 122 ARG A O   1 
ATOM   991  C CB  . ARG A 1 122 ? 9.181   10.699  -9.549  1.00 23.98 ? 122 ARG A CB  1 
ATOM   992  C CG  . ARG A 1 122 ? 8.150   11.818  -9.653  1.00 32.78 ? 122 ARG A CG  1 
ATOM   993  C CD  . ARG A 1 122 ? 8.703   13.217  -9.277  1.00 39.47 ? 122 ARG A CD  1 
ATOM   994  N NE  . ARG A 1 122 ? 8.247   13.652  -7.949  1.00 42.80 ? 122 ARG A NE  1 
ATOM   995  C CZ  . ARG A 1 122 ? 9.020   13.787  -6.866  1.00 46.67 ? 122 ARG A CZ  1 
ATOM   996  N NH1 . ARG A 1 122 ? 10.336  13.570  -6.898  1.00 50.30 ? 122 ARG A NH1 1 
ATOM   997  N NH2 . ARG A 1 122 ? 8.451   14.160  -5.729  1.00 45.69 ? 122 ARG A NH2 1 
ATOM   998  N N   . VAL A 1 123 ? 9.933   7.324   -9.585  1.00 18.46 ? 123 VAL A N   1 
ATOM   999  C CA  . VAL A 1 123 ? 10.794  6.176   -9.981  1.00 18.80 ? 123 VAL A CA  1 
ATOM   1000 C C   . VAL A 1 123 ? 10.016  4.934   -10.469 1.00 19.43 ? 123 VAL A C   1 
ATOM   1001 O O   . VAL A 1 123 ? 10.536  3.814   -10.506 1.00 20.12 ? 123 VAL A O   1 
ATOM   1002 C CB  . VAL A 1 123 ? 11.809  5.814   -8.862  1.00 18.80 ? 123 VAL A CB  1 
ATOM   1003 C CG1 . VAL A 1 123 ? 12.606  7.070   -8.480  1.00 19.82 ? 123 VAL A CG1 1 
ATOM   1004 C CG2 . VAL A 1 123 ? 11.130  5.204   -7.626  1.00 16.92 ? 123 VAL A CG2 1 
ATOM   1005 N N   . PHE A 1 124 ? 8.757   5.148   -10.827 1.00 18.96 ? 124 PHE A N   1 
ATOM   1006 C CA  . PHE A 1 124 ? 7.935   4.144   -11.491 1.00 18.82 ? 124 PHE A CA  1 
ATOM   1007 C C   . PHE A 1 124 ? 7.572   2.945   -10.625 1.00 18.24 ? 124 PHE A C   1 
ATOM   1008 O O   . PHE A 1 124 ? 7.360   1.851   -11.107 1.00 19.08 ? 124 PHE A O   1 
ATOM   1009 C CB  . PHE A 1 124 ? 8.530   3.744   -12.847 1.00 19.11 ? 124 PHE A CB  1 
ATOM   1010 C CG  . PHE A 1 124 ? 8.732   4.909   -13.752 1.00 19.64 ? 124 PHE A CG  1 
ATOM   1011 C CD1 . PHE A 1 124 ? 7.673   5.391   -14.524 1.00 20.99 ? 124 PHE A CD1 1 
ATOM   1012 C CD2 . PHE A 1 124 ? 9.974   5.566   -13.790 1.00 22.52 ? 124 PHE A CD2 1 
ATOM   1013 C CE1 . PHE A 1 124 ? 7.854   6.495   -15.354 1.00 19.96 ? 124 PHE A CE1 1 
ATOM   1014 C CE2 . PHE A 1 124 ? 10.181  6.642   -14.588 1.00 23.02 ? 124 PHE A CE2 1 
ATOM   1015 C CZ  . PHE A 1 124 ? 9.125   7.131   -15.378 1.00 21.15 ? 124 PHE A CZ  1 
ATOM   1016 N N   . LEU A 1 125 ? 7.438   3.215   -9.348  1.00 17.82 ? 125 LEU A N   1 
ATOM   1017 C CA  . LEU A 1 125 ? 6.988   2.261   -8.382  1.00 18.29 ? 125 LEU A CA  1 
ATOM   1018 C C   . LEU A 1 125 ? 5.531   2.616   -8.003  1.00 18.50 ? 125 LEU A C   1 
ATOM   1019 O O   . LEU A 1 125 ? 5.256   3.709   -7.507  1.00 18.61 ? 125 LEU A O   1 
ATOM   1020 C CB  . LEU A 1 125 ? 7.928   2.320   -7.153  1.00 17.98 ? 125 LEU A CB  1 
ATOM   1021 C CG  . LEU A 1 125 ? 7.839   1.199   -6.102  1.00 18.84 ? 125 LEU A CG  1 
ATOM   1022 C CD1 . LEU A 1 125 ? 6.572   1.366   -5.188  1.00 17.31 ? 125 LEU A CD1 1 
ATOM   1023 C CD2 . LEU A 1 125 ? 7.854   -0.184  -6.755  1.00 20.67 ? 125 LEU A CD2 1 
ATOM   1024 N N   . THR A 1 126 ? 4.606   1.690   -8.287  1.00 18.16 ? 126 THR A N   1 
ATOM   1025 C CA  . THR A 1 126 ? 3.199   1.822   -7.897  1.00 18.86 ? 126 THR A CA  1 
ATOM   1026 C C   . THR A 1 126 ? 2.872   0.859   -6.757  1.00 17.58 ? 126 THR A C   1 
ATOM   1027 O O   . THR A 1 126 ? 3.397   -0.246  -6.701  1.00 17.52 ? 126 THR A O   1 
ATOM   1028 C CB  . THR A 1 126 ? 2.264   1.572   -9.100  1.00 19.46 ? 126 THR A CB  1 
ATOM   1029 O OG1 . THR A 1 126 ? 2.393   0.223   -9.595  1.00 21.92 ? 126 THR A OG1 1 
ATOM   1030 C CG2 . THR A 1 126 ? 2.728   2.410   -10.273 1.00 23.15 ? 126 THR A CG2 1 
ATOM   1031 N N   . SER A 1 127 ? 2.007   1.320   -5.859  1.00 16.46 ? 127 SER A N   1 
ATOM   1032 C CA  . SER A 1 127 ? 1.461   0.526   -4.764  1.00 15.85 ? 127 SER A CA  1 
ATOM   1033 C C   . SER A 1 127 ? -0.048  0.351   -4.932  1.00 16.16 ? 127 SER A C   1 
ATOM   1034 O O   . SER A 1 127 ? -0.728  -0.125  -4.018  1.00 16.90 ? 127 SER A O   1 
ATOM   1035 C CB  . SER A 1 127 ? 1.776   1.199   -3.411  1.00 16.83 ? 127 SER A CB  1 
ATOM   1036 O OG  . SER A 1 127 ? 1.543   2.603   -3.432  1.00 15.37 ? 127 SER A OG  1 
ATOM   1037 N N   . HIS A 1 128 ? -0.569  0.789   -6.082  1.00 17.41 ? 128 HIS A N   1 
ATOM   1038 C CA  . HIS A 1 128 ? -1.955  0.561   -6.455  1.00 19.29 ? 128 HIS A CA  1 
ATOM   1039 C C   . HIS A 1 128 ? -2.164  0.538   -7.962  1.00 21.06 ? 128 HIS A C   1 
ATOM   1040 O O   . HIS A 1 128 ? -1.612  1.320   -8.694  1.00 23.00 ? 128 HIS A O   1 
ATOM   1041 C CB  . HIS A 1 128 ? -2.933  1.579   -5.832  1.00 18.66 ? 128 HIS A CB  1 
ATOM   1042 C CG  . HIS A 1 128 ? -4.068  0.911   -5.103  1.00 20.11 ? 128 HIS A CG  1 
ATOM   1043 N ND1 . HIS A 1 128 ? -5.344  0.795   -5.638  1.00 24.37 ? 128 HIS A ND1 1 
ATOM   1044 C CD2 . HIS A 1 128 ? -4.093  0.247   -3.910  1.00 18.29 ? 128 HIS A CD2 1 
ATOM   1045 C CE1 . HIS A 1 128 ? -6.105  0.082   -4.808  1.00 20.65 ? 128 HIS A CE1 1 
ATOM   1046 N NE2 . HIS A 1 128 ? -5.375  -0.242  -3.741  1.00 24.42 ? 128 HIS A NE2 1 
ATOM   1047 N N   . GLN A 1 129 ? -3.024  -0.365  -8.393  1.00 22.68 ? 129 GLN A N   1 
ATOM   1048 C CA  . GLN A 1 129 ? -3.315  -0.576  -9.802  1.00 23.42 ? 129 GLN A CA  1 
ATOM   1049 C C   . GLN A 1 129 ? -4.606  0.236   -10.216 1.00 23.97 ? 129 GLN A C   1 
ATOM   1050 O O   . GLN A 1 129 ? -4.579  1.127   -11.102 1.00 26.68 ? 129 GLN A O   1 
ATOM   1051 C CB  . GLN A 1 129 ? -3.456  -2.113  -10.018 1.00 25.40 ? 129 GLN A CB  1 
ATOM   1052 C CG  . GLN A 1 129 ? -2.124  -2.954  -9.873  1.00 24.56 ? 129 GLN A CG  1 
ATOM   1053 C CD  . GLN A 1 129 ? -0.873  -2.124  -10.195 1.00 30.37 ? 129 GLN A CD  1 
ATOM   1054 O OE1 . GLN A 1 129 ? -0.132  -1.709  -9.271  1.00 25.93 ? 129 GLN A OE1 1 
ATOM   1055 N NE2 . GLN A 1 129 ? -0.665  -1.825  -11.488 1.00 27.43 ? 129 GLN A NE2 1 
ATOM   1056 N N   . THR A 1 130 ? -5.690  -0.001  -9.511  1.00 22.85 ? 130 THR A N   1 
ATOM   1057 C CA  . THR A 1 130 ? -6.911  0.763   -9.683  1.00 21.67 ? 130 THR A CA  1 
ATOM   1058 C C   . THR A 1 130 ? -6.839  2.185   -9.075  1.00 20.98 ? 130 THR A C   1 
ATOM   1059 O O   . THR A 1 130 ? -6.005  2.513   -8.250  1.00 20.01 ? 130 THR A O   1 
ATOM   1060 C CB  . THR A 1 130 ? -8.066  -0.011  -8.971  1.00 21.12 ? 130 THR A CB  1 
ATOM   1061 O OG1 . THR A 1 130 ? -7.924  0.104   -7.531  1.00 20.45 ? 130 THR A OG1 1 
ATOM   1062 C CG2 . THR A 1 130 ? -7.978  -1.511  -9.261  1.00 22.72 ? 130 THR A CG2 1 
ATOM   1063 N N   . ALA A 1 131 ? -7.765  3.034   -9.452  1.00 20.74 ? 131 ALA A N   1 
ATOM   1064 C CA  . ALA A 1 131 ? -7.863  4.336   -8.815  1.00 20.70 ? 131 ALA A CA  1 
ATOM   1065 C C   . ALA A 1 131 ? -8.060  4.240   -7.264  1.00 21.06 ? 131 ALA A C   1 
ATOM   1066 O O   . ALA A 1 131 ? -7.773  5.198   -6.513  1.00 24.03 ? 131 ALA A O   1 
ATOM   1067 C CB  . ALA A 1 131 ? -9.014  5.114   -9.441  1.00 19.95 ? 131 ALA A CB  1 
ATOM   1068 N N   . GLY A 1 132 ? -8.540  3.100   -6.781  1.00 20.48 ? 132 GLY A N   1 
ATOM   1069 C CA  . GLY A 1 132 ? -8.499  2.824   -5.339  1.00 20.90 ? 132 GLY A CA  1 
ATOM   1070 C C   . GLY A 1 132 ? -9.452  3.576   -4.386  1.00 18.90 ? 132 GLY A C   1 
ATOM   1071 O O   . GLY A 1 132 ? -9.045  3.881   -3.227  1.00 19.29 ? 132 GLY A O   1 
ATOM   1072 N N   . TRP A 1 133 ? -10.672 3.887   -4.835  1.00 19.25 ? 133 TRP A N   1 
ATOM   1073 C CA  . TRP A 1 133 ? -11.679 4.394   -3.904  1.00 18.14 ? 133 TRP A CA  1 
ATOM   1074 C C   . TRP A 1 133 ? -12.040 3.244   -3.003  1.00 17.84 ? 133 TRP A C   1 
ATOM   1075 O O   . TRP A 1 133 ? -11.993 2.085   -3.403  1.00 19.23 ? 133 TRP A O   1 
ATOM   1076 C CB  . TRP A 1 133 ? -12.933 4.938   -4.555  1.00 18.52 ? 133 TRP A CB  1 
ATOM   1077 C CG  . TRP A 1 133 ? -12.731 6.280   -5.165  1.00 19.82 ? 133 TRP A CG  1 
ATOM   1078 C CD1 . TRP A 1 133 ? -12.464 6.540   -6.472  1.00 21.23 ? 133 TRP A CD1 1 
ATOM   1079 C CD2 . TRP A 1 133 ? -12.785 7.552   -4.512  1.00 21.24 ? 133 TRP A CD2 1 
ATOM   1080 N NE1 . TRP A 1 133 ? -12.309 7.895   -6.669  1.00 26.04 ? 133 TRP A NE1 1 
ATOM   1081 C CE2 . TRP A 1 133 ? -12.511 8.540   -5.487  1.00 26.23 ? 133 TRP A CE2 1 
ATOM   1082 C CE3 . TRP A 1 133 ? -13.000 7.962   -3.196  1.00 23.58 ? 133 TRP A CE3 1 
ATOM   1083 C CZ2 . TRP A 1 133 ? -12.488 9.903   -5.198  1.00 28.62 ? 133 TRP A CZ2 1 
ATOM   1084 C CZ3 . TRP A 1 133 ? -12.943 9.304   -2.903  1.00 26.32 ? 133 TRP A CZ3 1 
ATOM   1085 C CH2 . TRP A 1 133 ? -12.683 10.263  -3.902  1.00 28.87 ? 133 TRP A CH2 1 
ATOM   1086 N N   . ILE A 1 134 ? -12.366 3.589   -1.775  1.00 16.12 ? 134 ILE A N   1 
ATOM   1087 C CA  . ILE A 1 134 ? -12.676 2.648   -0.733  1.00 17.19 ? 134 ILE A CA  1 
ATOM   1088 C C   . ILE A 1 134 ? -14.031 3.061   -0.200  1.00 16.52 ? 134 ILE A C   1 
ATOM   1089 O O   . ILE A 1 134 ? -14.263 4.219   0.049   1.00 16.31 ? 134 ILE A O   1 
ATOM   1090 C CB  . ILE A 1 134 ? -11.664 2.776   0.359   1.00 16.70 ? 134 ILE A CB  1 
ATOM   1091 C CG1 . ILE A 1 134 ? -10.291 2.402   -0.165  1.00 18.56 ? 134 ILE A CG1 1 
ATOM   1092 C CG2 . ILE A 1 134 ? -12.084 1.890   1.573   1.00 18.04 ? 134 ILE A CG2 1 
ATOM   1093 C CD1 . ILE A 1 134 ? -9.185  2.825   0.788   1.00 19.28 ? 134 ILE A CD1 1 
ATOM   1094 N N   . ASP A 1 135 ? -14.914 2.102   -0.049  1.00 17.75 ? 135 ASP A N   1 
ATOM   1095 C CA  . ASP A 1 135 ? -16.314 2.338   0.282   1.00 17.42 ? 135 ASP A CA  1 
ATOM   1096 C C   . ASP A 1 135 ? -16.466 2.944   1.643   1.00 16.87 ? 135 ASP A C   1 
ATOM   1097 O O   . ASP A 1 135 ? -15.742 2.587   2.574   1.00 16.70 ? 135 ASP A O   1 
ATOM   1098 C CB  . ASP A 1 135 ? -17.069 1.009   0.377   1.00 18.00 ? 135 ASP A CB  1 
ATOM   1099 C CG  . ASP A 1 135 ? -17.232 0.308   -0.970  1.00 22.59 ? 135 ASP A CG  1 
ATOM   1100 O OD1 . ASP A 1 135 ? -16.949 0.920   -2.042  1.00 22.56 ? 135 ASP A OD1 1 
ATOM   1101 O OD2 . ASP A 1 135 ? -17.689 -0.850  -1.020  1.00 26.45 ? 135 ASP A OD2 1 
ATOM   1102 N N   . ALA A 1 136 ? -17.451 3.823   1.766   1.00 16.03 ? 136 ALA A N   1 
ATOM   1103 C CA  . ALA A 1 136 ? -17.943 4.209   3.070   1.00 16.19 ? 136 ALA A CA  1 
ATOM   1104 C C   . ALA A 1 136 ? -18.234 2.947   3.875   1.00 15.87 ? 136 ALA A C   1 
ATOM   1105 O O   . ALA A 1 136 ? -18.703 1.967   3.325   1.00 15.49 ? 136 ALA A O   1 
ATOM   1106 C CB  . ALA A 1 136 ? -19.193 5.069   2.897   1.00 16.45 ? 136 ALA A CB  1 
ATOM   1107 N N   . GLY A 1 137 ? -17.934 2.948   5.169   1.00 15.48 ? 137 GLY A N   1 
ATOM   1108 C CA  . GLY A 1 137 ? -18.136 1.760   6.019   1.00 15.70 ? 137 GLY A CA  1 
ATOM   1109 C C   . GLY A 1 137 ? -17.013 0.711   5.996   1.00 16.78 ? 137 GLY A C   1 
ATOM   1110 O O   . GLY A 1 137 ? -17.058 -0.252  6.746   1.00 15.67 ? 137 GLY A O   1 
ATOM   1111 N N   . PHE A 1 138 ? -15.995 0.888   5.144   1.00 16.44 ? 138 PHE A N   1 
ATOM   1112 C CA  . PHE A 1 138 ? -14.855 -0.016  5.107   1.00 16.97 ? 138 PHE A CA  1 
ATOM   1113 C C   . PHE A 1 138 ? -14.138 -0.137  6.452   1.00 16.33 ? 138 PHE A C   1 
ATOM   1114 O O   . PHE A 1 138 ? -13.984 0.854   7.190   1.00 16.87 ? 138 PHE A O   1 
ATOM   1115 C CB  . PHE A 1 138 ? -13.836 0.462   4.086   1.00 16.78 ? 138 PHE A CB  1 
ATOM   1116 C CG  . PHE A 1 138 ? -12.610 -0.397  3.985   1.00 15.15 ? 138 PHE A CG  1 
ATOM   1117 C CD1 . PHE A 1 138 ? -12.624 -1.567  3.226   1.00 17.50 ? 138 PHE A CD1 1 
ATOM   1118 C CD2 . PHE A 1 138 ? -11.420 -0.009  4.619   1.00 15.27 ? 138 PHE A CD2 1 
ATOM   1119 C CE1 . PHE A 1 138 ? -11.478 -2.382  3.107   1.00 20.24 ? 138 PHE A CE1 1 
ATOM   1120 C CE2 . PHE A 1 138 ? -10.253 -0.802  4.524   1.00 16.15 ? 138 PHE A CE2 1 
ATOM   1121 C CZ  . PHE A 1 138 ? -10.283 -1.997  3.748   1.00 17.64 ? 138 PHE A CZ  1 
ATOM   1122 N N   . LYS A 1 139 ? -13.659 -1.352  6.716   1.00 15.80 ? 139 LYS A N   1 
ATOM   1123 C CA  . LYS A 1 139 ? -12.794 -1.658  7.864   1.00 16.65 ? 139 LYS A CA  1 
ATOM   1124 C C   . LYS A 1 139 ? -11.670 -2.560  7.422   1.00 17.71 ? 139 LYS A C   1 
ATOM   1125 O O   . LYS A 1 139 ? -11.923 -3.617  6.855   1.00 16.78 ? 139 LYS A O   1 
ATOM   1126 C CB  . LYS A 1 139 ? -13.591 -2.399  8.939   1.00 17.74 ? 139 LYS A CB  1 
ATOM   1127 C CG  . LYS A 1 139 ? -14.774 -1.608  9.364   1.00 19.78 ? 139 LYS A CG  1 
ATOM   1128 C CD  . LYS A 1 139 ? -15.393 -2.209  10.596  1.00 23.48 ? 139 LYS A CD  1 
ATOM   1129 C CE  . LYS A 1 139 ? -16.722 -1.452  10.899  1.00 26.83 ? 139 LYS A CE  1 
ATOM   1130 N NZ  . LYS A 1 139 ? -16.988 -1.610  12.320  1.00 30.06 ? 139 LYS A NZ  1 
ATOM   1131 N N   . GLY A 1 140 ? -10.444 -2.174  7.732   1.00 16.47 ? 140 GLY A N   1 
ATOM   1132 C CA  . GLY A 1 140 ? -9.288  -2.998  7.467   1.00 16.46 ? 140 GLY A CA  1 
ATOM   1133 C C   . GLY A 1 140 ? -8.036  -2.168  7.237   1.00 17.10 ? 140 GLY A C   1 
ATOM   1134 O O   . GLY A 1 140 ? -8.065  -0.952  7.137   1.00 16.19 ? 140 GLY A O   1 
ATOM   1135 N N   . LYS A 1 141 ? -6.917  -2.870  7.107   1.00 17.62 ? 141 LYS A N   1 
ATOM   1136 C CA  . LYS A 1 141 ? -5.720  -2.340  6.513   1.00 17.27 ? 141 LYS A CA  1 
ATOM   1137 C C   . LYS A 1 141 ? -5.924  -2.323  5.007   1.00 17.22 ? 141 LYS A C   1 
ATOM   1138 O O   . LYS A 1 141 ? -6.807  -2.972  4.479   1.00 17.52 ? 141 LYS A O   1 
ATOM   1139 C CB  . LYS A 1 141 ? -4.537  -3.218  6.871   1.00 18.61 ? 141 LYS A CB  1 
ATOM   1140 C CG  . LYS A 1 141 ? -4.407  -3.503  8.353   1.00 20.42 ? 141 LYS A CG  1 
ATOM   1141 C CD  . LYS A 1 141 ? -3.123  -4.233  8.683   1.00 23.22 ? 141 LYS A CD  1 
ATOM   1142 C CE  . LYS A 1 141 ? -2.737  -3.998  10.116  1.00 28.13 ? 141 LYS A CE  1 
ATOM   1143 N NZ  . LYS A 1 141 ? -1.739  -4.969  10.509  1.00 32.79 ? 141 LYS A NZ  1 
ATOM   1144 N N   . ILE A 1 142 ? -5.099  -1.549  4.322   1.00 16.85 ? 142 ILE A N   1 
ATOM   1145 C CA  . ILE A 1 142 ? -5.223  -1.382  2.893   1.00 16.99 ? 142 ILE A CA  1 
ATOM   1146 C C   . ILE A 1 142 ? -4.230  -2.257  2.219   1.00 17.01 ? 142 ILE A C   1 
ATOM   1147 O O   . ILE A 1 142 ? -3.095  -2.320  2.604   1.00 17.07 ? 142 ILE A O   1 
ATOM   1148 C CB  . ILE A 1 142 ? -5.002  0.082   2.539   1.00 17.16 ? 142 ILE A CB  1 
ATOM   1149 C CG1 . ILE A 1 142 ? -6.092  0.919   3.225   1.00 19.39 ? 142 ILE A CG1 1 
ATOM   1150 C CG2 . ILE A 1 142 ? -4.969  0.337   1.008   1.00 16.38 ? 142 ILE A CG2 1 
ATOM   1151 C CD1 . ILE A 1 142 ? -5.450  2.133   3.783   1.00 20.39 ? 142 ILE A CD1 1 
ATOM   1152 N N   . THR A 1 143 ? -4.692  -2.946  1.191   1.00 17.63 ? 143 THR A N   1 
ATOM   1153 C CA  . THR A 1 143 ? -3.875  -3.856  0.423   1.00 17.89 ? 143 THR A CA  1 
ATOM   1154 C C   . THR A 1 143 ? -3.178  -3.024  -0.595  1.00 18.68 ? 143 THR A C   1 
ATOM   1155 O O   . THR A 1 143 ? -3.783  -2.137  -1.186  1.00 19.13 ? 143 THR A O   1 
ATOM   1156 C CB  . THR A 1 143 ? -4.746  -4.942  -0.204  1.00 19.18 ? 143 THR A CB  1 
ATOM   1157 O OG1 . THR A 1 143 ? -5.267  -5.768  0.842   1.00 21.88 ? 143 THR A OG1 1 
ATOM   1158 C CG2 . THR A 1 143 ? -3.912  -5.891  -1.043  1.00 21.31 ? 143 THR A CG2 1 
ATOM   1159 N N   . LEU A 1 144 ? -1.879  -3.247  -0.704  1.00 16.66 ? 144 LEU A N   1 
ATOM   1160 C CA  . LEU A 1 144 ? -1.030  -2.605  -1.691  1.00 16.86 ? 144 LEU A CA  1 
ATOM   1161 C C   . LEU A 1 144 ? -0.712  -3.553  -2.808  1.00 17.38 ? 144 LEU A C   1 
ATOM   1162 O O   . LEU A 1 144 ? -0.357  -4.699  -2.573  1.00 18.81 ? 144 LEU A O   1 
ATOM   1163 C CB  . LEU A 1 144 ? 0.270   -2.164  -1.041  1.00 16.61 ? 144 LEU A CB  1 
ATOM   1164 C CG  . LEU A 1 144 ? 0.021   -1.284  0.177   1.00 18.37 ? 144 LEU A CG  1 
ATOM   1165 C CD1 . LEU A 1 144 ? 1.342   -0.987  0.856   1.00 19.90 ? 144 LEU A CD1 1 
ATOM   1166 C CD2 . LEU A 1 144 ? -0.700  -0.016  -0.197  1.00 20.01 ? 144 LEU A CD2 1 
ATOM   1167 N N   . GLU A 1 145 ? -0.832  -3.053  -4.024  1.00 16.63 ? 145 GLU A N   1 
ATOM   1168 C CA  . GLU A 1 145 ? -0.518  -3.795  -5.209  1.00 17.74 ? 145 GLU A CA  1 
ATOM   1169 C C   . GLU A 1 145 ? 0.702   -3.170  -5.830  1.00 16.93 ? 145 GLU A C   1 
ATOM   1170 O O   . GLU A 1 145 ? 0.604   -2.240  -6.580  1.00 18.45 ? 145 GLU A O   1 
ATOM   1171 C CB  . GLU A 1 145 ? -1.703  -3.772  -6.157  1.00 18.74 ? 145 GLU A CB  1 
ATOM   1172 C CG  . GLU A 1 145 ? -2.967  -4.281  -5.494  1.00 22.13 ? 145 GLU A CG  1 
ATOM   1173 C CD  . GLU A 1 145 ? -4.184  -3.419  -5.701  1.00 28.22 ? 145 GLU A CD  1 
ATOM   1174 O OE1 . GLU A 1 145 ? -4.191  -2.472  -6.535  1.00 28.10 ? 145 GLU A OE1 1 
ATOM   1175 O OE2 . GLU A 1 145 ? -5.187  -3.756  -5.041  1.00 29.93 ? 145 GLU A OE2 1 
ATOM   1176 N N   . ILE A 1 146 ? 1.856   -3.735  -5.493  1.00 17.41 ? 146 ILE A N   1 
ATOM   1177 C CA  . ILE A 1 146 ? 3.143   -3.128  -5.777  1.00 17.41 ? 146 ILE A CA  1 
ATOM   1178 C C   . ILE A 1 146 ? 3.712   -3.691  -7.082  1.00 18.18 ? 146 ILE A C   1 
ATOM   1179 O O   . ILE A 1 146 ? 3.808   -4.921  -7.258  1.00 18.54 ? 146 ILE A O   1 
ATOM   1180 C CB  . ILE A 1 146 ? 4.092   -3.323  -4.591  1.00 17.88 ? 146 ILE A CB  1 
ATOM   1181 C CG1 . ILE A 1 146 ? 3.471   -2.660  -3.342  1.00 18.30 ? 146 ILE A CG1 1 
ATOM   1182 C CG2 . ILE A 1 146 ? 5.480   -2.764  -4.935  1.00 17.71 ? 146 ILE A CG2 1 
ATOM   1183 C CD1 . ILE A 1 146 ? 4.182   -2.997  -1.993  1.00 17.76 ? 146 ILE A CD1 1 
ATOM   1184 N N   . VAL A 1 147 ? 3.987   -2.784  -8.022  1.00 18.25 ? 147 VAL A N   1 
ATOM   1185 C CA  . VAL A 1 147 ? 4.623   -3.146  -9.271  1.00 18.98 ? 147 VAL A CA  1 
ATOM   1186 C C   . VAL A 1 147 ? 5.598   -2.059  -9.623  1.00 19.30 ? 147 VAL A C   1 
ATOM   1187 O O   . VAL A 1 147 ? 5.254   -0.899  -9.528  1.00 19.08 ? 147 VAL A O   1 
ATOM   1188 C CB  . VAL A 1 147 ? 3.612   -3.282  -10.475 1.00 19.58 ? 147 VAL A CB  1 
ATOM   1189 C CG1 . VAL A 1 147 ? 4.341   -3.684  -11.779 1.00 22.65 ? 147 VAL A CG1 1 
ATOM   1190 C CG2 . VAL A 1 147 ? 2.529   -4.256  -10.184 1.00 20.13 ? 147 VAL A CG2 1 
ATOM   1191 N N   . ALA A 1 148 ? 6.798   -2.442  -10.022 1.00 19.28 ? 148 ALA A N   1 
ATOM   1192 C CA  . ALA A 1 148 ? 7.801   -1.525  -10.576 1.00 19.24 ? 148 ALA A CA  1 
ATOM   1193 C C   . ALA A 1 148 ? 7.764   -1.591  -12.114 1.00 19.64 ? 148 ALA A C   1 
ATOM   1194 O O   . ALA A 1 148 ? 7.762   -2.665  -12.703 1.00 22.35 ? 148 ALA A O   1 
ATOM   1195 C CB  . ALA A 1 148 ? 9.197   -1.877  -10.041 1.00 19.84 ? 148 ALA A CB  1 
ATOM   1196 N N   . PHE A 1 149 ? 7.730   -0.427  -12.755 1.00 20.29 ? 149 PHE A N   1 
ATOM   1197 C CA  . PHE A 1 149 ? 7.599   -0.344  -14.223 1.00 20.91 ? 149 PHE A CA  1 
ATOM   1198 C C   . PHE A 1 149 ? 8.841   0.090   -15.022 1.00 22.12 ? 149 PHE A C   1 
ATOM   1199 O O   . PHE A 1 149 ? 8.808   0.093   -16.228 1.00 23.63 ? 149 PHE A O   1 
ATOM   1200 C CB  . PHE A 1 149 ? 6.442   0.588   -14.546 1.00 21.86 ? 149 PHE A CB  1 
ATOM   1201 C CG  . PHE A 1 149 ? 5.103   0.029   -14.174 1.00 23.52 ? 149 PHE A CG  1 
ATOM   1202 C CD1 . PHE A 1 149 ? 4.671   -1.176  -14.712 1.00 26.25 ? 149 PHE A CD1 1 
ATOM   1203 C CD2 . PHE A 1 149 ? 4.267   0.709   -13.292 1.00 27.25 ? 149 PHE A CD2 1 
ATOM   1204 C CE1 . PHE A 1 149 ? 3.455   -1.695  -14.380 1.00 28.76 ? 149 PHE A CE1 1 
ATOM   1205 C CE2 . PHE A 1 149 ? 3.020   0.201   -12.975 1.00 26.91 ? 149 PHE A CE2 1 
ATOM   1206 C CZ  . PHE A 1 149 ? 2.618   -1.018  -13.517 1.00 26.59 ? 149 PHE A CZ  1 
ATOM   1207 N N   . ASP A 1 150 ? 9.928   0.475   -14.346 1.00 20.55 ? 150 ASP A N   1 
ATOM   1208 C CA  . ASP A 1 150 ? 11.134  0.918   -15.041 1.00 20.42 ? 150 ASP A CA  1 
ATOM   1209 C C   . ASP A 1 150 ? 12.365  0.093   -14.678 1.00 20.78 ? 150 ASP A C   1 
ATOM   1210 O O   . ASP A 1 150 ? 12.820  -0.614  -15.511 1.00 20.44 ? 150 ASP A O   1 
ATOM   1211 C CB  . ASP A 1 150 ? 11.405  2.414   -14.811 1.00 19.32 ? 150 ASP A CB  1 
ATOM   1212 C CG  . ASP A 1 150 ? 12.554  2.936   -15.656 1.00 22.24 ? 150 ASP A CG  1 
ATOM   1213 O OD1 . ASP A 1 150 ? 12.652  2.583   -16.850 1.00 20.25 ? 150 ASP A OD1 1 
ATOM   1214 O OD2 . ASP A 1 150 ? 13.410  3.720   -15.201 1.00 22.78 ? 150 ASP A OD2 1 
ATOM   1215 N N   . LYS A 1 151 ? 12.938  0.249   -13.492 1.00 20.33 ? 151 LYS A N   1 
ATOM   1216 C CA  . LYS A 1 151 ? 13.999  -0.620  -12.998 1.00 20.08 ? 151 LYS A CA  1 
ATOM   1217 C C   . LYS A 1 151 ? 13.676  -1.056  -11.558 1.00 19.39 ? 151 LYS A C   1 
ATOM   1218 O O   . LYS A 1 151 ? 12.801  -0.505  -10.920 1.00 19.08 ? 151 LYS A O   1 
ATOM   1219 C CB  . LYS A 1 151 ? 15.343  0.114   -13.069 1.00 21.16 ? 151 LYS A CB  1 
ATOM   1220 C CG  . LYS A 1 151 ? 15.699  0.593   -14.481 1.00 23.60 ? 151 LYS A CG  1 
ATOM   1221 C CD  . LYS A 1 151 ? 17.180  0.433   -14.848 1.00 28.20 ? 151 LYS A CD  1 
ATOM   1222 C CE  . LYS A 1 151 ? 17.538  1.151   -16.180 1.00 29.87 ? 151 LYS A CE  1 
ATOM   1223 N NZ  . LYS A 1 151 ? 18.195  2.477   -15.925 1.00 33.30 ? 151 LYS A NZ  1 
ATOM   1224 N N   . PRO A 1 152 ? 14.408  -2.009  -11.008 1.00 18.31 ? 152 PRO A N   1 
ATOM   1225 C CA  . PRO A 1 152 ? 14.156  -2.417  -9.620  1.00 18.15 ? 152 PRO A CA  1 
ATOM   1226 C C   . PRO A 1 152 ? 14.226  -1.244  -8.613  1.00 18.16 ? 152 PRO A C   1 
ATOM   1227 O O   . PRO A 1 152 ? 15.031  -0.333  -8.822  1.00 18.44 ? 152 PRO A O   1 
ATOM   1228 C CB  . PRO A 1 152 ? 15.239  -3.460  -9.347  1.00 18.75 ? 152 PRO A CB  1 
ATOM   1229 C CG  . PRO A 1 152 ? 15.636  -3.960  -10.744 1.00 17.55 ? 152 PRO A CG  1 
ATOM   1230 C CD  . PRO A 1 152 ? 15.542  -2.749  -11.608 1.00 19.25 ? 152 PRO A CD  1 
ATOM   1231 N N   . VAL A 1 153 ? 13.371  -1.295  -7.581  1.00 17.94 ? 153 VAL A N   1 
ATOM   1232 C CA  . VAL A 1 153 ? 13.259  -0.275  -6.551  1.00 17.36 ? 153 VAL A CA  1 
ATOM   1233 C C   . VAL A 1 153 ? 13.369  -0.910  -5.166  1.00 16.69 ? 153 VAL A C   1 
ATOM   1234 O O   . VAL A 1 153 ? 12.724  -1.937  -4.875  1.00 16.76 ? 153 VAL A O   1 
ATOM   1235 C CB  . VAL A 1 153 ? 11.898  0.503   -6.652  1.00 16.96 ? 153 VAL A CB  1 
ATOM   1236 C CG1 . VAL A 1 153 ? 11.865  1.677   -5.703  1.00 17.61 ? 153 VAL A CG1 1 
ATOM   1237 C CG2 . VAL A 1 153 ? 11.644  0.988   -8.046  1.00 18.37 ? 153 VAL A CG2 1 
ATOM   1238 N N   . ILE A 1 154 ? 14.206  -0.326  -4.309  1.00 17.30 ? 154 ILE A N   1 
ATOM   1239 C CA  . ILE A 1 154 ? 14.303  -0.764  -2.921  1.00 17.73 ? 154 ILE A CA  1 
ATOM   1240 C C   . ILE A 1 154 ? 13.225  -0.061  -2.093  1.00 17.23 ? 154 ILE A C   1 
ATOM   1241 O O   . ILE A 1 154 ? 13.080  1.138   -2.170  1.00 17.29 ? 154 ILE A O   1 
ATOM   1242 C CB  . ILE A 1 154 ? 15.664  -0.425  -2.321  1.00 17.60 ? 154 ILE A CB  1 
ATOM   1243 C CG1 . ILE A 1 154 ? 16.782  -1.006  -3.189  1.00 21.20 ? 154 ILE A CG1 1 
ATOM   1244 C CG2 . ILE A 1 154 ? 15.752  -0.961  -0.870  1.00 19.31 ? 154 ILE A CG2 1 
ATOM   1245 C CD1 . ILE A 1 154 ? 18.206  -0.816  -2.606  1.00 21.99 ? 154 ILE A CD1 1 
ATOM   1246 N N   . LEU A 1 155 ? 12.473  -0.825  -1.316  1.00 16.53 ? 155 LEU A N   1 
ATOM   1247 C CA  . LEU A 1 155 ? 11.527  -0.286  -0.346  1.00 17.71 ? 155 LEU A CA  1 
ATOM   1248 C C   . LEU A 1 155 ? 11.927  -0.729  1.047   1.00 18.41 ? 155 LEU A C   1 
ATOM   1249 O O   . LEU A 1 155 ? 12.509  -1.779  1.238   1.00 19.62 ? 155 LEU A O   1 
ATOM   1250 C CB  . LEU A 1 155 ? 10.126  -0.778  -0.635  1.00 18.45 ? 155 LEU A CB  1 
ATOM   1251 C CG  . LEU A 1 155 ? 9.525   -0.476  -2.011  1.00 18.02 ? 155 LEU A CG  1 
ATOM   1252 C CD1 . LEU A 1 155 ? 8.233   -1.255  -2.187  1.00 19.42 ? 155 LEU A CD1 1 
ATOM   1253 C CD2 . LEU A 1 155 ? 9.270   1.008   -2.136  1.00 19.86 ? 155 LEU A CD2 1 
ATOM   1254 N N   . TYR A 1 156 ? 11.596  0.120   2.015   1.00 18.58 ? 156 TYR A N   1 
ATOM   1255 C CA  . TYR A 1 156 ? 11.992  -0.059  3.401   1.00 19.82 ? 156 TYR A CA  1 
ATOM   1256 C C   . TYR A 1 156 ? 10.757  -0.319  4.267   1.00 20.50 ? 156 TYR A C   1 
ATOM   1257 O O   . TYR A 1 156 ? 9.685   0.243   4.073   1.00 19.59 ? 156 TYR A O   1 
ATOM   1258 C CB  . TYR A 1 156 ? 12.788  1.159   3.889   1.00 21.20 ? 156 TYR A CB  1 
ATOM   1259 C CG  . TYR A 1 156 ? 14.035  1.417   3.071   1.00 25.63 ? 156 TYR A CG  1 
ATOM   1260 C CD1 . TYR A 1 156 ? 15.222  0.704   3.303   1.00 32.49 ? 156 TYR A CD1 1 
ATOM   1261 C CD2 . TYR A 1 156 ? 14.026  2.385   2.049   1.00 31.03 ? 156 TYR A CD2 1 
ATOM   1262 C CE1 . TYR A 1 156 ? 16.361  0.949   2.514   1.00 30.93 ? 156 TYR A CE1 1 
ATOM   1263 C CE2 . TYR A 1 156 ? 15.141  2.622   1.254   1.00 33.52 ? 156 TYR A CE2 1 
ATOM   1264 C CZ  . TYR A 1 156 ? 16.303  1.923   1.483   1.00 33.21 ? 156 TYR A CZ  1 
ATOM   1265 O OH  . TYR A 1 156 ? 17.391  2.212   0.670   1.00 39.39 ? 156 TYR A OH  1 
ATOM   1266 N N   . LYS A 1 157 ? 10.924  -1.248  5.195   1.00 20.37 ? 157 LYS A N   1 
ATOM   1267 C CA  . LYS A 1 157 ? 9.945   -1.509  6.247   1.00 20.68 ? 157 LYS A CA  1 
ATOM   1268 C C   . LYS A 1 157 ? 9.559   -0.185  6.920   1.00 19.90 ? 157 LYS A C   1 
ATOM   1269 O O   . LYS A 1 157 ? 10.429  0.599   7.281   1.00 18.61 ? 157 LYS A O   1 
ATOM   1270 C CB  . LYS A 1 157 ? 10.577  -2.476  7.242   1.00 22.15 ? 157 LYS A CB  1 
ATOM   1271 C CG  . LYS A 1 157 ? 9.688   -3.077  8.343   1.00 26.57 ? 157 LYS A CG  1 
ATOM   1272 C CD  . LYS A 1 157 ? 10.525  -3.078  9.607   1.00 25.36 ? 157 LYS A CD  1 
ATOM   1273 C CE  . LYS A 1 157 ? 10.249  -4.162  10.630  1.00 27.88 ? 157 LYS A CE  1 
ATOM   1274 N NZ  . LYS A 1 157 ? 11.614  -4.293  11.342  1.00 27.19 ? 157 LYS A NZ  1 
ATOM   1275 N N   . ASN A 1 158 ? 8.244   0.066   7.005   1.00 19.70 ? 158 ASN A N   1 
ATOM   1276 C CA  . ASN A 1 158 ? 7.661   1.228   7.677   1.00 20.46 ? 158 ASN A CA  1 
ATOM   1277 C C   . ASN A 1 158 ? 7.873   2.571   6.946   1.00 20.74 ? 158 ASN A C   1 
ATOM   1278 O O   . ASN A 1 158 ? 7.515   3.616   7.470   1.00 22.29 ? 158 ASN A O   1 
ATOM   1279 C CB  . ASN A 1 158 ? 8.112   1.337   9.160   1.00 22.14 ? 158 ASN A CB  1 
ATOM   1280 C CG  . ASN A 1 158 ? 7.733   0.101   10.021  1.00 24.40 ? 158 ASN A CG  1 
ATOM   1281 O OD1 . ASN A 1 158 ? 6.694   -0.544  9.843   1.00 23.46 ? 158 ASN A OD1 1 
ATOM   1282 N ND2 . ASN A 1 158 ? 8.582   -0.211  10.960  1.00 27.05 ? 158 ASN A ND2 1 
ATOM   1283 N N   . GLN A 1 159 ? 8.418   2.596   5.735   1.00 20.10 ? 159 GLN A N   1 
ATOM   1284 C CA  . GLN A 1 159 ? 8.527   3.880   5.071   1.00 20.05 ? 159 GLN A CA  1 
ATOM   1285 C C   . GLN A 1 159 ? 7.103   4.424   4.761   1.00 19.01 ? 159 GLN A C   1 
ATOM   1286 O O   . GLN A 1 159 ? 6.115   3.665   4.676   1.00 16.82 ? 159 GLN A O   1 
ATOM   1287 C CB  . GLN A 1 159 ? 9.391   3.771   3.839   1.00 20.29 ? 159 GLN A CB  1 
ATOM   1288 C CG  . GLN A 1 159 ? 8.744   3.041   2.646   1.00 20.08 ? 159 GLN A CG  1 
ATOM   1289 C CD  . GLN A 1 159 ? 9.461   3.338   1.362   1.00 26.97 ? 159 GLN A CD  1 
ATOM   1290 O OE1 . GLN A 1 159 ? 10.467  2.712   1.049   1.00 22.95 ? 159 GLN A OE1 1 
ATOM   1291 N NE2 . GLN A 1 159 ? 8.983   4.328   0.649   1.00 26.44 ? 159 GLN A NE2 1 
ATOM   1292 N N   . ARG A 1 160 ? 6.977   5.738   4.629   1.00 19.11 ? 160 ARG A N   1 
ATOM   1293 C CA  . ARG A 1 160 ? 5.818   6.277   3.922   1.00 19.09 ? 160 ARG A CA  1 
ATOM   1294 C C   . ARG A 1 160 ? 5.728   5.659   2.507   1.00 18.67 ? 160 ARG A C   1 
ATOM   1295 O O   . ARG A 1 160 ? 6.683   5.683   1.735   1.00 19.61 ? 160 ARG A O   1 
ATOM   1296 C CB  . ARG A 1 160 ? 5.889   7.798   3.851   1.00 20.16 ? 160 ARG A CB  1 
ATOM   1297 C CG  . ARG A 1 160 ? 5.665   8.502   5.199   1.00 22.33 ? 160 ARG A CG  1 
ATOM   1298 C CD  . ARG A 1 160 ? 5.871   10.044  5.115   1.00 28.64 ? 160 ARG A CD  1 
ATOM   1299 N NE  . ARG A 1 160 ? 6.293   10.579  6.422   1.00 30.79 ? 160 ARG A NE  1 
ATOM   1300 C CZ  . ARG A 1 160 ? 5.847   11.718  7.024   1.00 31.82 ? 160 ARG A CZ  1 
ATOM   1301 N NH1 . ARG A 1 160 ? 4.914   12.498  6.452   1.00 31.11 ? 160 ARG A NH1 1 
ATOM   1302 N NH2 . ARG A 1 160 ? 6.359   12.084  8.212   1.00 34.29 ? 160 ARG A NH2 1 
ATOM   1303 N N   . ILE A 1 161 ? 4.583   5.058   2.205   1.00 16.53 ? 161 ILE A N   1 
ATOM   1304 C CA  . ILE A 1 161 ? 4.363   4.351   0.939   1.00 16.79 ? 161 ILE A CA  1 
ATOM   1305 C C   . ILE A 1 161 ? 3.318   5.058   0.112   1.00 15.42 ? 161 ILE A C   1 
ATOM   1306 O O   . ILE A 1 161 ? 3.327   4.986   -1.126  1.00 16.90 ? 161 ILE A O   1 
ATOM   1307 C CB  . ILE A 1 161 ? 3.944   2.886   1.214   1.00 16.44 ? 161 ILE A CB  1 
ATOM   1308 C CG1 . ILE A 1 161 ? 3.941   2.035   -0.068  1.00 18.34 ? 161 ILE A CG1 1 
ATOM   1309 C CG2 . ILE A 1 161 ? 2.571   2.791   1.881   1.00 18.26 ? 161 ILE A CG2 1 
ATOM   1310 C CD1 . ILE A 1 161 ? 5.345   1.817   -0.672  1.00 21.93 ? 161 ILE A CD1 1 
ATOM   1311 N N   . GLY A 1 162 ? 2.403   5.742   0.787   1.00 15.71 ? 162 GLY A N   1 
ATOM   1312 C CA  . GLY A 1 162 ? 1.319   6.407   0.097   1.00 15.65 ? 162 GLY A CA  1 
ATOM   1313 C C   . GLY A 1 162 ? 0.478   7.229   1.038   1.00 14.99 ? 162 GLY A C   1 
ATOM   1314 O O   . GLY A 1 162 ? 0.882   7.598   2.147   1.00 16.09 ? 162 GLY A O   1 
ATOM   1315 N N   . GLN A 1 163 ? -0.729  7.511   0.587   1.00 15.00 ? 163 GLN A N   1 
ATOM   1316 C CA  . GLN A 1 163 ? -1.565  8.425   1.334   1.00 16.08 ? 163 GLN A CA  1 
ATOM   1317 C C   . GLN A 1 163 ? -3.030  8.252   1.008   1.00 16.39 ? 163 GLN A C   1 
ATOM   1318 O O   . GLN A 1 163 ? -3.366  7.792   -0.095  1.00 16.05 ? 163 GLN A O   1 
ATOM   1319 C CB  . GLN A 1 163 ? -1.092  9.877   1.093   1.00 18.03 ? 163 GLN A CB  1 
ATOM   1320 C CG  . GLN A 1 163 ? -1.510  10.413  -0.217  1.00 22.28 ? 163 GLN A CG  1 
ATOM   1321 C CD  . GLN A 1 163 ? -0.368  10.983  -0.997  1.00 29.33 ? 163 GLN A CD  1 
ATOM   1322 O OE1 . GLN A 1 163 ? 0.803   10.657  -0.734  1.00 23.91 ? 163 GLN A OE1 1 
ATOM   1323 N NE2 . GLN A 1 163 ? -0.688  11.795  -2.008  1.00 29.91 ? 163 GLN A NE2 1 
ATOM   1324 N N   . LEU A 1 164 ? -3.862  8.546   2.012   1.00 16.30 ? 164 LEU A N   1 
ATOM   1325 C CA  . LEU A 1 164 ? -5.322  8.527   1.913   1.00 16.47 ? 164 LEU A CA  1 
ATOM   1326 C C   . LEU A 1 164 ? -5.862  9.951   1.755   1.00 17.20 ? 164 LEU A C   1 
ATOM   1327 O O   . LEU A 1 164 ? -5.470  10.874  2.464   1.00 16.65 ? 164 LEU A O   1 
ATOM   1328 C CB  . LEU A 1 164 ? -5.934  7.937   3.156   1.00 16.32 ? 164 LEU A CB  1 
ATOM   1329 C CG  . LEU A 1 164 ? -5.606  6.483   3.381   1.00 16.21 ? 164 LEU A CG  1 
ATOM   1330 C CD1 . LEU A 1 164 ? -6.036  6.025   4.803   1.00 18.68 ? 164 LEU A CD1 1 
ATOM   1331 C CD2 . LEU A 1 164 ? -6.257  5.589   2.321   1.00 17.70 ? 164 LEU A CD2 1 
ATOM   1332 N N   . ILE A 1 165 ? -6.751  10.098  0.798   1.00 16.78 ? 165 ILE A N   1 
ATOM   1333 C CA  . ILE A 1 165 ? -7.503  11.316  0.592   1.00 16.66 ? 165 ILE A CA  1 
ATOM   1334 C C   . ILE A 1 165 ? -8.919  10.999  0.958   1.00 16.80 ? 165 ILE A C   1 
ATOM   1335 O O   . ILE A 1 165 ? -9.436  10.004  0.503   1.00 17.12 ? 165 ILE A O   1 
ATOM   1336 C CB  . ILE A 1 165 ? -7.410  11.703  -0.870  1.00 17.25 ? 165 ILE A CB  1 
ATOM   1337 C CG1 . ILE A 1 165 ? -6.102  12.475  -1.112  1.00 21.47 ? 165 ILE A CG1 1 
ATOM   1338 C CG2 . ILE A 1 165 ? -8.568  12.559  -1.282  1.00 18.86 ? 165 ILE A CG2 1 
ATOM   1339 C CD1 . ILE A 1 165 ? -4.995  11.662  -1.668  1.00 28.40 ? 165 ILE A CD1 1 
ATOM   1340 N N   . PHE A 1 166 ? -9.555  11.829  1.779   1.00 15.16 ? 166 PHE A N   1 
ATOM   1341 C CA  . PHE A 1 166 ? -10.901 11.524  2.293   1.00 15.07 ? 166 PHE A CA  1 
ATOM   1342 C C   . PHE A 1 166 ? -11.875 12.504  1.670   1.00 15.50 ? 166 PHE A C   1 
ATOM   1343 O O   . PHE A 1 166 ? -11.613 13.685  1.586   1.00 14.98 ? 166 PHE A O   1 
ATOM   1344 C CB  . PHE A 1 166 ? -10.967 11.657  3.793   1.00 15.30 ? 166 PHE A CB  1 
ATOM   1345 C CG  . PHE A 1 166 ? -10.015 10.763  4.520   1.00 14.89 ? 166 PHE A CG  1 
ATOM   1346 C CD1 . PHE A 1 166 ? -10.401 9.485   4.894   1.00 14.00 ? 166 PHE A CD1 1 
ATOM   1347 C CD2 . PHE A 1 166 ? -8.744  11.210  4.845   1.00 16.05 ? 166 PHE A CD2 1 
ATOM   1348 C CE1 . PHE A 1 166 ? -9.540  8.675   5.562   1.00 14.95 ? 166 PHE A CE1 1 
ATOM   1349 C CE2 . PHE A 1 166 ? -7.887  10.409  5.514   1.00 17.24 ? 166 PHE A CE2 1 
ATOM   1350 C CZ  . PHE A 1 166 ? -8.270  9.124   5.876   1.00 14.47 ? 166 PHE A CZ  1 
ATOM   1351 N N   . SER A 1 167 ? -13.004 12.002  1.228   1.00 15.52 ? 167 SER A N   1 
ATOM   1352 C CA  . SER A 1 167 ? -13.962 12.831  0.580   1.00 15.13 ? 167 SER A CA  1 
ATOM   1353 C C   . SER A 1 167 ? -15.339 12.599  1.219   1.00 15.03 ? 167 SER A C   1 
ATOM   1354 O O   . SER A 1 167 ? -15.711 11.455  1.544   1.00 14.67 ? 167 SER A O   1 
ATOM   1355 C CB  . SER A 1 167 ? -13.980 12.494  -0.896  1.00 16.33 ? 167 SER A CB  1 
ATOM   1356 O OG  . SER A 1 167 ? -15.230 12.901  -1.396  1.00 14.71 ? 167 SER A OG  1 
ATOM   1357 N N   . LYS A 1 168 ? -16.082 13.689  1.406   1.00 13.27 ? 168 LYS A N   1 
ATOM   1358 C CA  . LYS A 1 168 ? -17.456 13.607  1.910   1.00 14.82 ? 168 LYS A CA  1 
ATOM   1359 C C   . LYS A 1 168 ? -18.368 12.993  0.873   1.00 14.55 ? 168 LYS A C   1 
ATOM   1360 O O   . LYS A 1 168 ? -18.208 13.245  -0.334  1.00 15.52 ? 168 LYS A O   1 
ATOM   1361 C CB  . LYS A 1 168 ? -18.008 14.981  2.274   1.00 14.90 ? 168 LYS A CB  1 
ATOM   1362 C CG  . LYS A 1 168 ? -17.424 15.538  3.574   1.00 15.51 ? 168 LYS A CG  1 
ATOM   1363 C CD  . LYS A 1 168 ? -18.486 15.668  4.735   1.00 17.93 ? 168 LYS A CD  1 
ATOM   1364 C CE  . LYS A 1 168 ? -18.896 14.322  5.320   1.00 17.15 ? 168 LYS A CE  1 
ATOM   1365 N NZ  . LYS A 1 168 ? -19.379 14.437  6.748   1.00 14.03 ? 168 LYS A NZ  1 
ATOM   1366 N N   . LEU A 1 169 ? -19.293 12.166  1.352   1.00 15.01 ? 169 LEU A N   1 
ATOM   1367 C CA  . LEU A 1 169 ? -20.420 11.732  0.540   1.00 15.36 ? 169 LEU A CA  1 
ATOM   1368 C C   . LEU A 1 169 ? -21.517 12.783  0.577   1.00 15.84 ? 169 LEU A C   1 
ATOM   1369 O O   . LEU A 1 169 ? -21.624 13.541  1.522   1.00 14.53 ? 169 LEU A O   1 
ATOM   1370 C CB  . LEU A 1 169 ? -20.989 10.416  1.069   1.00 15.74 ? 169 LEU A CB  1 
ATOM   1371 C CG  . LEU A 1 169 ? -20.116 9.171   0.996   1.00 17.90 ? 169 LEU A CG  1 
ATOM   1372 C CD1 . LEU A 1 169 ? -20.992 7.979   1.106   1.00 19.75 ? 169 LEU A CD1 1 
ATOM   1373 C CD2 . LEU A 1 169 ? -19.358 9.141   -0.270  1.00 17.72 ? 169 LEU A CD2 1 
ATOM   1374 N N   . LEU A 1 170 ? -22.348 12.802  -0.457  1.00 14.98 ? 170 LEU A N   1 
ATOM   1375 C CA  . LEU A 1 170 ? -23.478 13.735  -0.530  1.00 15.41 ? 170 LEU A CA  1 
ATOM   1376 C C   . LEU A 1 170 ? -24.511 13.491  0.573   1.00 15.12 ? 170 LEU A C   1 
ATOM   1377 O O   . LEU A 1 170 ? -25.157 14.397  1.044   1.00 14.65 ? 170 LEU A O   1 
ATOM   1378 C CB  . LEU A 1 170 ? -24.161 13.568  -1.885  1.00 15.31 ? 170 LEU A CB  1 
ATOM   1379 C CG  . LEU A 1 170 ? -25.119 14.658  -2.335  1.00 18.09 ? 170 LEU A CG  1 
ATOM   1380 C CD1 . LEU A 1 170 ? -24.584 16.042  -1.962  1.00 21.79 ? 170 LEU A CD1 1 
ATOM   1381 C CD2 . LEU A 1 170 ? -25.409 14.563  -3.812  1.00 19.61 ? 170 LEU A CD2 1 
ATOM   1382 N N   . SER A 1 171 ? -24.643 12.231  0.946   1.00 14.05 ? 171 SER A N   1 
ATOM   1383 C CA  . SER A 1 171 ? -25.677 11.739  1.825   1.00 15.49 ? 171 SER A CA  1 
ATOM   1384 C C   . SER A 1 171 ? -25.016 10.526  2.480   1.00 15.21 ? 171 SER A C   1 
ATOM   1385 O O   . SER A 1 171 ? -24.044 10.002  1.953   1.00 15.61 ? 171 SER A O   1 
ATOM   1386 C CB  . SER A 1 171 ? -26.911 11.270  1.009   1.00 15.23 ? 171 SER A CB  1 
ATOM   1387 O OG  . SER A 1 171 ? -27.326 12.196  -0.054  1.00 15.24 ? 171 SER A OG  1 
ATOM   1388 N N   . PRO A 1 172 ? -25.511 10.051  3.615   1.00 16.40 ? 172 PRO A N   1 
ATOM   1389 C CA  . PRO A 1 172 ? -24.990 8.789   4.176   1.00 17.02 ? 172 PRO A CA  1 
ATOM   1390 C C   . PRO A 1 172 ? -25.350 7.566   3.353   1.00 17.01 ? 172 PRO A C   1 
ATOM   1391 O O   . PRO A 1 172 ? -26.445 7.515   2.787   1.00 17.27 ? 172 PRO A O   1 
ATOM   1392 C CB  . PRO A 1 172 ? -25.693 8.687   5.546   1.00 18.38 ? 172 PRO A CB  1 
ATOM   1393 C CG  . PRO A 1 172 ? -26.912 9.458   5.373   1.00 19.56 ? 172 PRO A CG  1 
ATOM   1394 C CD  . PRO A 1 172 ? -26.548 10.660  4.472   1.00 16.77 ? 172 PRO A CD  1 
ATOM   1395 N N   . ALA A 1 173 ? -24.471 6.567   3.341   1.00 16.61 ? 173 ALA A N   1 
ATOM   1396 C CA  . ALA A 1 173 ? -24.733 5.304   2.692   1.00 16.67 ? 173 ALA A CA  1 
ATOM   1397 C C   . ALA A 1 173 ? -25.332 4.359   3.707   1.00 17.74 ? 173 ALA A C   1 
ATOM   1398 O O   . ALA A 1 173 ? -25.131 4.586   4.881   1.00 17.10 ? 173 ALA A O   1 
ATOM   1399 C CB  . ALA A 1 173 ? -23.439 4.734   2.210   1.00 16.95 ? 173 ALA A CB  1 
ATOM   1400 N N   . ASP A 1 174 ? -26.048 3.310   3.257   1.00 18.45 ? 174 ASP A N   1 
ATOM   1401 C CA  . ASP A 1 174 ? -26.493 2.185   4.102   1.00 20.64 ? 174 ASP A CA  1 
ATOM   1402 C C   . ASP A 1 174 ? -25.352 1.151   4.118   1.00 21.73 ? 174 ASP A C   1 
ATOM   1403 O O   . ASP A 1 174 ? -25.100 0.416   3.129   1.00 21.67 ? 174 ASP A O   1 
ATOM   1404 C CB  . ASP A 1 174 ? -27.788 1.579   3.536   1.00 20.23 ? 174 ASP A CB  1 
ATOM   1405 C CG  . ASP A 1 174 ? -28.874 2.707   3.224   1.00 25.80 ? 174 ASP A CG  1 
ATOM   1406 O OD1 . ASP A 1 174 ? -28.770 3.816   3.899   1.00 26.29 ? 174 ASP A OD1 1 
ATOM   1407 O OD2 . ASP A 1 174 ? -29.842 2.627   2.338   1.00 26.24 ? 174 ASP A OD2 1 
ATOM   1408 N N   . VAL A 1 175 ? -24.586 1.146   5.212   1.00 23.50 ? 175 VAL A N   1 
ATOM   1409 C CA  . VAL A 1 175 ? -23.320 0.386   5.235   1.00 24.80 ? 175 VAL A CA  1 
ATOM   1410 C C   . VAL A 1 175 ? -23.528 -1.164  5.454   1.00 26.46 ? 175 VAL A C   1 
ATOM   1411 O O   . VAL A 1 175 ? -22.902 -2.026  4.699   1.00 26.72 ? 175 VAL A O   1 
ATOM   1412 C CB  . VAL A 1 175 ? -22.381 0.946   6.341   1.00 24.02 ? 175 VAL A CB  1 
ATOM   1413 C CG1 . VAL A 1 175 ? -21.766 2.261   5.879   1.00 23.94 ? 175 VAL A CG1 1 
ATOM   1414 C CG2 . VAL A 1 175 ? -23.155 1.095   7.701   1.00 27.79 ? 175 VAL A CG2 1 
HETATM 1415 O O   . HOH B 2 .   ? 3.678   -4.924  3.095   1.00 15.33 ? 205 HOH A O   1 
HETATM 1416 O O   . HOH B 2 .   ? -10.081 10.532  -7.916  0.33 17.33 ? 206 HOH A O   1 
HETATM 1417 O O   . HOH B 2 .   ? -8.210  14.293  2.631   1.00 18.33 ? 207 HOH A O   1 
HETATM 1418 O O   . HOH B 2 .   ? 9.685   7.476   4.772   1.00 21.33 ? 208 HOH A O   1 
HETATM 1419 O O   . HOH B 2 .   ? 7.395   -5.248  -10.328 1.00 23.33 ? 209 HOH A O   1 
HETATM 1420 O O   . HOH B 2 .   ? 10.809  1.320   -11.539 1.00 29.33 ? 210 HOH A O   1 
HETATM 1421 O O   . HOH B 2 .   ? 3.815   3.575   -3.566  1.00 30.33 ? 211 HOH A O   1 
HETATM 1422 O O   . HOH B 2 .   ? 3.845   5.453   -5.756  1.00 31.33 ? 212 HOH A O   1 
HETATM 1423 O O   . HOH B 2 .   ? -18.995 10.767  10.367  1.00 32.33 ? 213 HOH A O   1 
HETATM 1424 O O   . HOH B 2 .   ? -2.025  16.401  1.195   1.00 32.33 ? 214 HOH A O   1 
HETATM 1425 O O   . HOH B 2 .   ? 24.453  -10.185 -12.402 1.00 36.33 ? 215 HOH A O   1 
HETATM 1426 O O   . HOH B 2 .   ? -14.183 -0.811  -0.549  1.00 37.33 ? 216 HOH A O   1 
HETATM 1427 O O   . HOH B 2 .   ? 5.107   -24.284 -5.646  1.00 37.33 ? 217 HOH A O   1 
HETATM 1428 O O   . HOH B 2 .   ? -10.112 7.732   15.271  1.00 38.33 ? 218 HOH A O   1 
HETATM 1429 O O   . HOH B 2 .   ? -6.134  -20.108 -10.178 1.00 38.33 ? 219 HOH A O   1 
HETATM 1430 O O   . HOH B 2 .   ? -2.179  -18.762 -0.331  1.00 40.33 ? 220 HOH A O   1 
HETATM 1431 O O   . HOH B 2 .   ? 0.044   5.986   10.743  1.00 40.33 ? 221 HOH A O   1 
HETATM 1432 O O   . HOH B 2 .   ? -1.874  -11.496 -6.559  1.00 41.33 ? 222 HOH A O   1 
HETATM 1433 O O   . HOH B 2 .   ? -8.968  20.074  13.763  1.00 41.33 ? 223 HOH A O   1 
HETATM 1434 O O   . HOH B 2 .   ? 6.654   -4.542  -14.463 1.00 43.33 ? 224 HOH A O   1 
HETATM 1435 O O   . HOH B 2 .   ? -0.130  13.533  3.806   1.00 44.33 ? 225 HOH A O   1 
HETATM 1436 O O   . HOH B 2 .   ? 22.281  1.075   -8.789  1.00 44.33 ? 226 HOH A O   1 
HETATM 1437 O O   . HOH B 2 .   ? 6.434   12.270  -2.173  1.00 44.33 ? 227 HOH A O   1 
HETATM 1438 O O   . HOH B 2 .   ? 21.108  -19.183 -11.095 1.00 45.55 ? 228 HOH A O   1 
HETATM 1439 O O   . HOH B 2 .   ? -7.238  -5.892  7.633   1.00 45.55 ? 229 HOH A O   1 
HETATM 1440 O O   . HOH B 2 .   ? 2.491   -12.014 -7.252  1.00 46.55 ? 230 HOH A O   1 
HETATM 1441 O O   . HOH B 2 .   ? 0.418   11.741  16.869  1.00 47.55 ? 231 HOH A O   1 
HETATM 1442 O O   . HOH B 2 .   ? 5.419   -3.589  9.926   1.00 50.55 ? 232 HOH A O   1 
HETATM 1443 O O   . HOH B 2 .   ? 9.877   -18.902 -4.473  0.50 53.55 ? 233 HOH A O   1 
HETATM 1444 O O   . HOH B 2 .   ? -5.727  5.927   16.592  1.00 53.55 ? 234 HOH A O   1 
HETATM 1445 O O   . HOH B 2 .   ? -10.033 -17.060 -5.954  1.00 54.55 ? 235 HOH A O   1 
HETATM 1446 O O   . HOH B 2 .   ? 28.032  -4.354  -10.581 1.00 48.99 ? 236 HOH A O   1 
HETATM 1447 O O   . HOH B 2 .   ? 26.257  -0.324  -10.160 1.00 50.99 ? 237 HOH A O   1 
HETATM 1448 O O   . HOH B 2 .   ? -3.573  1.850   -13.431 1.00 51.99 ? 238 HOH A O   1 
HETATM 1449 O O   . HOH B 2 .   ? 18.887  -10.035 4.651   1.00 55.99 ? 239 HOH A O   1 
HETATM 1450 O O   . HOH B 2 .   ? -8.207  5.833   15.683  1.00 56.99 ? 240 HOH A O   1 
HETATM 1451 O O   . HOH B 2 .   ? 18.729  -2.192  1.271   1.00 56.99 ? 241 HOH A O   1 
HETATM 1452 O O   . HOH B 2 .   ? -14.920 -2.199  14.533  1.00 58.99 ? 242 HOH A O   1 
HETATM 1453 O O   . HOH B 2 .   ? 26.850  -8.668  -5.203  1.00 59.99 ? 243 HOH A O   1 
HETATM 1454 O O   . HOH B 2 .   ? -18.727 -0.657  3.302   1.00 60.99 ? 244 HOH A O   1 
HETATM 1455 O O   . HOH B 2 .   ? -9.885  -24.491 -5.678  1.00 60.99 ? 245 HOH A O   1 
HETATM 1456 O O   . HOH B 2 .   ? 17.985  -19.997 -11.315 1.00 20.38 ? 246 HOH A O   1 
HETATM 1457 O O   . HOH B 2 .   ? 14.482  -18.282 -7.861  1.00 20.38 ? 247 HOH A O   1 
HETATM 1458 O O   . HOH B 2 .   ? -19.483 8.464   12.518  1.00 20.38 ? 248 HOH A O   1 
HETATM 1459 O O   . HOH B 2 .   ? -8.033  8.390   -9.486  0.33 20.38 ? 249 HOH A O   1 
HETATM 1460 O O   . HOH B 2 .   ? -16.534 1.403   9.240   1.00 20.38 ? 250 HOH A O   1 
# 
loop_
_pdbx_poly_seq_scheme.asym_id 
_pdbx_poly_seq_scheme.entity_id 
_pdbx_poly_seq_scheme.seq_id 
_pdbx_poly_seq_scheme.mon_id 
_pdbx_poly_seq_scheme.ndb_seq_num 
_pdbx_poly_seq_scheme.pdb_seq_num 
_pdbx_poly_seq_scheme.auth_seq_num 
_pdbx_poly_seq_scheme.pdb_mon_id 
_pdbx_poly_seq_scheme.auth_mon_id 
_pdbx_poly_seq_scheme.pdb_strand_id 
_pdbx_poly_seq_scheme.pdb_ins_code 
_pdbx_poly_seq_scheme.hetero 
A 1 1   MET 1   1   1   MET MET A . n 
A 1 2   ILE 2   2   2   ILE ILE A . n 
A 1 3   LEU 3   3   3   LEU LEU A . n 
A 1 4   SER 4   4   4   SER SER A . n 
A 1 5   ASP 5   5   5   ASP ASP A . n 
A 1 6   LYS 6   6   6   LYS LYS A . n 
A 1 7   ASP 7   7   7   ASP ASP A . n 
A 1 8   ILE 8   8   8   ILE ILE A . n 
A 1 9   ILE 9   9   9   ILE ILE A . n 
A 1 10  ASP 10  10  10  ASP ASP A . n 
A 1 11  TYR 11  11  11  TYR TYR A . n 
A 1 12  VAL 12  12  12  VAL VAL A . n 
A 1 13  THR 13  13  13  THR THR A . n 
A 1 14  SER 14  14  14  SER SER A . n 
A 1 15  LYS 15  15  15  LYS LYS A . n 
A 1 16  ARG 16  16  16  ARG ARG A . n 
A 1 17  ILE 17  17  17  ILE ILE A . n 
A 1 18  ILE 18  18  18  ILE ILE A . n 
A 1 19  ILE 19  19  19  ILE ILE A . n 
A 1 20  LYS 20  20  20  LYS LYS A . n 
A 1 21  PRO 21  21  21  PRO PRO A . n 
A 1 22  PHE 22  22  22  PHE PHE A . n 
A 1 23  ASN 23  23  23  ASN ASN A . n 
A 1 24  LYS 24  24  24  LYS LYS A . n 
A 1 25  ASP 25  25  25  ASP ASP A . n 
A 1 26  PHE 26  26  26  PHE PHE A . n 
A 1 27  VAL 27  27  27  VAL VAL A . n 
A 1 28  GLY 28  28  28  GLY GLY A . n 
A 1 29  PRO 29  29  29  PRO PRO A . n 
A 1 30  CYS 30  30  30  CYS CYS A . n 
A 1 31  SER 31  31  31  SER SER A . n 
A 1 32  TYR 32  32  32  TYR TYR A . n 
A 1 33  ASP 33  33  33  ASP ASP A . n 
A 1 34  VAL 34  34  34  VAL VAL A . n 
A 1 35  THR 35  35  35  THR THR A . n 
A 1 36  LEU 36  36  36  LEU LEU A . n 
A 1 37  GLY 37  37  37  GLY GLY A . n 
A 1 38  ASP 38  38  38  ASP ASP A . n 
A 1 39  GLU 39  39  39  GLU GLU A . n 
A 1 40  PHE 40  40  40  PHE PHE A . n 
A 1 41  ILE 41  41  41  ILE ILE A . n 
A 1 42  ILE 42  42  42  ILE ILE A . n 
A 1 43  TYR 43  43  43  TYR TYR A . n 
A 1 44  ASP 44  44  44  ASP ASP A . n 
A 1 45  ASP 45  45  45  ASP ASP A . n 
A 1 46  GLU 46  46  46  GLU GLU A . n 
A 1 47  VAL 47  47  47  VAL VAL A . n 
A 1 48  TYR 48  48  48  TYR TYR A . n 
A 1 49  ASP 49  49  49  ASP ASP A . n 
A 1 50  LEU 50  50  50  LEU LEU A . n 
A 1 51  SER 51  51  51  SER SER A . n 
A 1 52  LYS 52  52  52  LYS LYS A . n 
A 1 53  GLU 53  53  53  GLU GLU A . n 
A 1 54  LEU 54  54  54  LEU LEU A . n 
A 1 55  ASN 55  55  55  ASN ASN A . n 
A 1 56  TYR 56  56  56  TYR TYR A . n 
A 1 57  LYS 57  57  57  LYS LYS A . n 
A 1 58  ARG 58  58  58  ARG ARG A . n 
A 1 59  ILE 59  59  59  ILE ILE A . n 
A 1 60  LYS 60  60  60  LYS LYS A . n 
A 1 61  ILE 61  61  61  ILE ILE A . n 
A 1 62  LYS 62  62  62  LYS LYS A . n 
A 1 63  ASN 63  63  63  ASN ASN A . n 
A 1 64  SER 64  64  64  SER SER A . n 
A 1 65  ILE 65  65  65  ILE ILE A . n 
A 1 66  LEU 66  66  66  LEU LEU A . n 
A 1 67  VAL 67  67  67  VAL VAL A . n 
A 1 68  CYS 68  68  68  CYS CYS A . n 
A 1 69  PRO 69  69  69  PRO PRO A . n 
A 1 70  LEU 70  70  70  LEU LEU A . n 
A 1 71  ASN 71  71  71  ASN ASN A . n 
A 1 72  TYR 72  72  72  TYR TYR A . n 
A 1 73  ASN 73  73  73  ASN ASN A . n 
A 1 74  LEU 74  74  74  LEU LEU A . n 
A 1 75  THR 75  75  75  THR THR A . n 
A 1 76  GLU 76  76  76  GLU GLU A . n 
A 1 77  GLU 77  77  77  GLU GLU A . n 
A 1 78  LYS 78  78  78  LYS LYS A . n 
A 1 79  ILE 79  79  79  ILE ILE A . n 
A 1 80  ASN 80  80  80  ASN ASN A . n 
A 1 81  TYR 81  81  81  TYR TYR A . n 
A 1 82  PHE 82  82  82  PHE PHE A . n 
A 1 83  LYS 83  83  83  LYS LYS A . n 
A 1 84  GLU 84  84  84  GLU GLU A . n 
A 1 85  LYS 85  85  85  LYS LYS A . n 
A 1 86  TYR 86  86  86  TYR TYR A . n 
A 1 87  ASN 87  87  87  ASN ASN A . n 
A 1 88  VAL 88  88  88  VAL VAL A . n 
A 1 89  ASP 89  89  89  ASP ASP A . n 
A 1 90  TYR 90  90  90  TYR TYR A . n 
A 1 91  VAL 91  91  91  VAL VAL A . n 
A 1 92  VAL 92  92  92  VAL VAL A . n 
A 1 93  GLU 93  93  93  GLU GLU A . n 
A 1 94  GLY 94  94  94  GLY GLY A . n 
A 1 95  GLY 95  95  95  GLY GLY A . n 
A 1 96  VAL 96  96  96  VAL VAL A . n 
A 1 97  LEU 97  97  97  LEU LEU A . n 
A 1 98  GLY 98  98  98  GLY GLY A . n 
A 1 99  THR 99  99  99  THR THR A . n 
A 1 100 THR 100 100 100 THR THR A . n 
A 1 101 ASN 101 101 101 ASN ASN A . n 
A 1 102 GLU 102 102 102 GLU GLU A . n 
A 1 103 TYR 103 103 103 TYR TYR A . n 
A 1 104 ILE 104 104 104 ILE ILE A . n 
A 1 105 GLU 105 105 105 GLU GLU A . n 
A 1 106 LEU 106 106 106 LEU LEU A . n 
A 1 107 PRO 107 107 107 PRO PRO A . n 
A 1 108 ASN 108 108 108 ASN ASN A . n 
A 1 109 ASP 109 109 109 ASP ASP A . n 
A 1 110 ILE 110 110 110 ILE ILE A . n 
A 1 111 SER 111 111 111 SER SER A . n 
A 1 112 ALA 112 112 112 ALA ALA A . n 
A 1 113 GLN 113 113 113 GLN GLN A . n 
A 1 114 TYR 114 114 114 TYR TYR A . n 
A 1 115 GLN 115 115 115 GLN GLN A . n 
A 1 116 GLY 116 116 116 GLY GLY A . n 
A 1 117 ARG 117 117 117 ARG ARG A . n 
A 1 118 SER 118 118 118 SER SER A . n 
A 1 119 SER 119 119 119 SER SER A . n 
A 1 120 LEU 120 120 120 LEU LEU A . n 
A 1 121 GLY 121 121 121 GLY GLY A . n 
A 1 122 ARG 122 122 122 ARG ARG A . n 
A 1 123 VAL 123 123 123 VAL VAL A . n 
A 1 124 PHE 124 124 124 PHE PHE A . n 
A 1 125 LEU 125 125 125 LEU LEU A . n 
A 1 126 THR 126 126 126 THR THR A . n 
A 1 127 SER 127 127 127 SER SER A . n 
A 1 128 HIS 128 128 128 HIS HIS A . n 
A 1 129 GLN 129 129 129 GLN GLN A . n 
A 1 130 THR 130 130 130 THR THR A . n 
A 1 131 ALA 131 131 131 ALA ALA A . n 
A 1 132 GLY 132 132 132 GLY GLY A . n 
A 1 133 TRP 133 133 133 TRP TRP A . n 
A 1 134 ILE 134 134 134 ILE ILE A . n 
A 1 135 ASP 135 135 135 ASP ASP A . n 
A 1 136 ALA 136 136 136 ALA ALA A . n 
A 1 137 GLY 137 137 137 GLY GLY A . n 
A 1 138 PHE 138 138 138 PHE PHE A . n 
A 1 139 LYS 139 139 139 LYS LYS A . n 
A 1 140 GLY 140 140 140 GLY GLY A . n 
A 1 141 LYS 141 141 141 LYS LYS A . n 
A 1 142 ILE 142 142 142 ILE ILE A . n 
A 1 143 THR 143 143 143 THR THR A . n 
A 1 144 LEU 144 144 144 LEU LEU A . n 
A 1 145 GLU 145 145 145 GLU GLU A . n 
A 1 146 ILE 146 146 146 ILE ILE A . n 
A 1 147 VAL 147 147 147 VAL VAL A . n 
A 1 148 ALA 148 148 148 ALA ALA A . n 
A 1 149 PHE 149 149 149 PHE PHE A . n 
A 1 150 ASP 150 150 150 ASP ASP A . n 
A 1 151 LYS 151 151 151 LYS LYS A . n 
A 1 152 PRO 152 152 152 PRO PRO A . n 
A 1 153 VAL 153 153 153 VAL VAL A . n 
A 1 154 ILE 154 154 154 ILE ILE A . n 
A 1 155 LEU 155 155 155 LEU LEU A . n 
A 1 156 TYR 156 156 156 TYR TYR A . n 
A 1 157 LYS 157 157 157 LYS LYS A . n 
A 1 158 ASN 158 158 158 ASN ASN A . n 
A 1 159 GLN 159 159 159 GLN GLN A . n 
A 1 160 ARG 160 160 160 ARG ARG A . n 
A 1 161 ILE 161 161 161 ILE ILE A . n 
A 1 162 GLY 162 162 162 GLY GLY A . n 
A 1 163 GLN 163 163 163 GLN GLN A . n 
A 1 164 LEU 164 164 164 LEU LEU A . n 
A 1 165 ILE 165 165 165 ILE ILE A . n 
A 1 166 PHE 166 166 166 PHE PHE A . n 
A 1 167 SER 167 167 167 SER SER A . n 
A 1 168 LYS 168 168 168 LYS LYS A . n 
A 1 169 LEU 169 169 169 LEU LEU A . n 
A 1 170 LEU 170 170 170 LEU LEU A . n 
A 1 171 SER 171 171 171 SER SER A . n 
A 1 172 PRO 172 172 172 PRO PRO A . n 
A 1 173 ALA 173 173 173 ALA ALA A . n 
A 1 174 ASP 174 174 174 ASP ASP A . n 
A 1 175 VAL 175 175 175 VAL VAL A . n 
A 1 176 GLY 176 176 ?   ?   ?   A . n 
A 1 177 TYR 177 177 ?   ?   ?   A . n 
A 1 178 SER 178 178 ?   ?   ?   A . n 
A 1 179 GLU 179 179 ?   ?   ?   A . n 
A 1 180 ARG 180 180 ?   ?   ?   A . n 
A 1 181 LYS 181 181 ?   ?   ?   A . n 
A 1 182 THR 182 182 ?   ?   ?   A . n 
A 1 183 SER 183 183 ?   ?   ?   A . n 
A 1 184 LYS 184 184 ?   ?   ?   A . n 
A 1 185 TYR 185 185 ?   ?   ?   A . n 
A 1 186 ALA 186 186 ?   ?   ?   A . n 
A 1 187 TYR 187 187 ?   ?   ?   A . n 
A 1 188 GLN 188 188 ?   ?   ?   A . n 
A 1 189 LYS 189 189 ?   ?   ?   A . n 
A 1 190 SER 190 190 ?   ?   ?   A . n 
A 1 191 VAL 191 191 ?   ?   ?   A . n 
A 1 192 MET 192 192 ?   ?   ?   A . n 
A 1 193 PRO 193 193 ?   ?   ?   A . n 
A 1 194 SER 194 194 ?   ?   ?   A . n 
A 1 195 LEU 195 195 ?   ?   ?   A . n 
A 1 196 ILE 196 196 ?   ?   ?   A . n 
A 1 197 HIS 197 197 ?   ?   ?   A . n 
A 1 198 LEU 198 198 ?   ?   ?   A . n 
A 1 199 ASP 199 199 ?   ?   ?   A . n 
A 1 200 ASN 200 200 ?   ?   ?   A . n 
A 1 201 HIS 201 201 ?   ?   ?   A . n 
A 1 202 LYS 202 202 ?   ?   ?   A . n 
A 1 203 LYS 203 203 ?   ?   ?   A . n 
A 1 204 ASP 204 204 ?   ?   ?   A . n 
# 
loop_
_pdbx_nonpoly_scheme.asym_id 
_pdbx_nonpoly_scheme.entity_id 
_pdbx_nonpoly_scheme.mon_id 
_pdbx_nonpoly_scheme.ndb_seq_num 
_pdbx_nonpoly_scheme.pdb_seq_num 
_pdbx_nonpoly_scheme.auth_seq_num 
_pdbx_nonpoly_scheme.pdb_mon_id 
_pdbx_nonpoly_scheme.auth_mon_id 
_pdbx_nonpoly_scheme.pdb_strand_id 
_pdbx_nonpoly_scheme.pdb_ins_code 
B 2 HOH 1  205 1  HOH HOH A . 
B 2 HOH 2  206 2  HOH HOH A . 
B 2 HOH 3  207 3  HOH HOH A . 
B 2 HOH 4  208 4  HOH HOH A . 
B 2 HOH 5  209 5  HOH HOH A . 
B 2 HOH 6  210 7  HOH HOH A . 
B 2 HOH 7  211 8  HOH HOH A . 
B 2 HOH 8  212 9  HOH HOH A . 
B 2 HOH 9  213 10 HOH HOH A . 
B 2 HOH 10 214 11 HOH HOH A . 
B 2 HOH 11 215 12 HOH HOH A . 
B 2 HOH 12 216 13 HOH HOH A . 
B 2 HOH 13 217 14 HOH HOH A . 
B 2 HOH 14 218 15 HOH HOH A . 
B 2 HOH 15 219 16 HOH HOH A . 
B 2 HOH 16 220 17 HOH HOH A . 
B 2 HOH 17 221 18 HOH HOH A . 
B 2 HOH 18 222 19 HOH HOH A . 
B 2 HOH 19 223 20 HOH HOH A . 
B 2 HOH 20 224 23 HOH HOH A . 
B 2 HOH 21 225 24 HOH HOH A . 
B 2 HOH 22 226 26 HOH HOH A . 
B 2 HOH 23 227 27 HOH HOH A . 
B 2 HOH 24 228 29 HOH HOH A . 
B 2 HOH 25 229 30 HOH HOH A . 
B 2 HOH 26 230 32 HOH HOH A . 
B 2 HOH 27 231 33 HOH HOH A . 
B 2 HOH 28 232 41 HOH HOH A . 
B 2 HOH 29 233 42 HOH HOH A . 
B 2 HOH 30 234 44 HOH HOH A . 
B 2 HOH 31 235 46 HOH HOH A . 
B 2 HOH 32 236 57 HOH HOH A . 
B 2 HOH 33 237 59 HOH HOH A . 
B 2 HOH 34 238 63 HOH HOH A . 
B 2 HOH 35 239 69 HOH HOH A . 
B 2 HOH 36 240 70 HOH HOH A . 
B 2 HOH 37 241 72 HOH HOH A . 
B 2 HOH 38 242 76 HOH HOH A . 
B 2 HOH 39 243 77 HOH HOH A . 
B 2 HOH 40 244 79 HOH HOH A . 
B 2 HOH 41 245 80 HOH HOH A . 
B 2 HOH 42 246 83 HOH HOH A . 
B 2 HOH 43 247 85 HOH HOH A . 
B 2 HOH 44 248 86 HOH HOH A . 
B 2 HOH 45 249 88 HOH HOH A . 
B 2 HOH 46 250 89 HOH HOH A . 
# 
loop_
_pdbx_struct_assembly.id 
_pdbx_struct_assembly.details 
_pdbx_struct_assembly.method_details 
_pdbx_struct_assembly.oligomeric_details 
_pdbx_struct_assembly.oligomeric_count 
1 author_and_software_defined_assembly PISA     trimeric  3 
2 software_defined_assembly            PISA,PQS hexameric 6 
# 
loop_
_pdbx_struct_assembly_gen.assembly_id 
_pdbx_struct_assembly_gen.oper_expression 
_pdbx_struct_assembly_gen.asym_id_list 
1 1,2,3       A,B 
2 1,2,3,4,5,6 A,B 
# 
loop_
_pdbx_struct_assembly_prop.biol_id 
_pdbx_struct_assembly_prop.type 
_pdbx_struct_assembly_prop.value 
_pdbx_struct_assembly_prop.details 
1 'ABSA (A^2)' 9790  ? 
1 MORE         -61   ? 
1 'SSA (A^2)'  21220 ? 
2 'ABSA (A^2)' 23230 ? 
2 MORE         -131  ? 
2 'SSA (A^2)'  38780 ? 
# 
loop_
_pdbx_struct_oper_list.id 
_pdbx_struct_oper_list.type 
_pdbx_struct_oper_list.name 
_pdbx_struct_oper_list.symmetry_operation 
_pdbx_struct_oper_list.matrix[1][1] 
_pdbx_struct_oper_list.matrix[1][2] 
_pdbx_struct_oper_list.matrix[1][3] 
_pdbx_struct_oper_list.vector[1] 
_pdbx_struct_oper_list.matrix[2][1] 
_pdbx_struct_oper_list.matrix[2][2] 
_pdbx_struct_oper_list.matrix[2][3] 
_pdbx_struct_oper_list.vector[2] 
_pdbx_struct_oper_list.matrix[3][1] 
_pdbx_struct_oper_list.matrix[3][2] 
_pdbx_struct_oper_list.matrix[3][3] 
_pdbx_struct_oper_list.vector[3] 
1 'identity operation'         1_555  x,y,z                1.0000000000  0.0000000000  0.0000000000  0.0000000000   0.0000000000  1.0000000000  0.0000000000  0.0000000000  0.0000000000  0.0000000000  1.0000000000  0.0000000000   
2 'crystal symmetry operation' 8_656  -z+1,x,-y+1          0.1295838910  -0.9837593742 0.1241994723  2.5703635842   -0.2362346730 0.0910195196  0.9674237057  14.8476283089 -0.9630167156 -0.1547027497 -0.2206034105 -17.7362819577 
3 'crystal symmetry operation' 11_566 y,-z+1,-x+1          0.1295838910  -0.2362346730 -0.9630167156 -13.9058890938 -0.9837593742 0.0910195196  -0.1547027497 -1.5666563132 0.1241994723  0.9674237057  -0.2206034105 -18.5958696905 
4 'crystal symmetry operation' 38_556 -y+1/2,-x+1/2,-z+3/2 0.1588303943  0.8453684850  0.5100245391  -34.6960275929 0.8453684850  -0.3833024411 0.3720636549  46.7197684588 0.5100245391  0.3720636549  -0.7755279532 1.3948180935   
5 'crystal symmetry operation' 42_545 -x+1/2,z-1/2,y+1/2   -0.6702856436 -0.1582080545 0.7250430108  -30.7819977138 -0.1582080545 -0.9240864462 -0.3479000594 36.6025147630 0.7250430108  -0.3479000594 0.5943720899  21.9850118954  
6 'crystal symmetry operation' 46_455 z-1/2,-y+1/2,x+1/2   -0.7477125326 0.5328336167  -0.3962503066 -47.7134571825 0.5328336167  0.1253498482  -0.8368845514 28.6458240093 -0.3962503066 -0.8368845514 -0.3776373156 8.1411943025  
# 
loop_
_pdbx_struct_special_symmetry.id 
_pdbx_struct_special_symmetry.PDB_model_num 
_pdbx_struct_special_symmetry.auth_asym_id 
_pdbx_struct_special_symmetry.auth_comp_id 
_pdbx_struct_special_symmetry.auth_seq_id 
_pdbx_struct_special_symmetry.PDB_ins_code 
_pdbx_struct_special_symmetry.label_asym_id 
_pdbx_struct_special_symmetry.label_comp_id 
_pdbx_struct_special_symmetry.label_seq_id 
1 1 A HOH 206 ? B HOH . 
2 1 A HOH 233 ? B HOH . 
3 1 A HOH 249 ? B HOH . 
# 
loop_
_pdbx_audit_revision_history.ordinal 
_pdbx_audit_revision_history.data_content_type 
_pdbx_audit_revision_history.major_revision 
_pdbx_audit_revision_history.minor_revision 
_pdbx_audit_revision_history.revision_date 
1 'Structure model' 1 0 2007-08-14 
2 'Structure model' 1 1 2011-07-13 
3 'Structure model' 1 2 2018-05-23 
4 'Structure model' 1 3 2023-10-25 
# 
_pdbx_audit_revision_details.ordinal             1 
_pdbx_audit_revision_details.revision_ordinal    1 
_pdbx_audit_revision_details.data_content_type   'Structure model' 
_pdbx_audit_revision_details.provider            repository 
_pdbx_audit_revision_details.type                'Initial release' 
_pdbx_audit_revision_details.description         ? 
_pdbx_audit_revision_details.details             ? 
# 
loop_
_pdbx_audit_revision_group.ordinal 
_pdbx_audit_revision_group.revision_ordinal 
_pdbx_audit_revision_group.data_content_type 
_pdbx_audit_revision_group.group 
1 2 'Structure model' 'Derived calculations'      
2 2 'Structure model' 'Version format compliance' 
3 3 'Structure model' 'Data collection'           
4 4 'Structure model' 'Data collection'           
5 4 'Structure model' 'Database references'       
6 4 'Structure model' 'Derived calculations'      
7 4 'Structure model' 'Refinement description'    
# 
loop_
_pdbx_audit_revision_category.ordinal 
_pdbx_audit_revision_category.revision_ordinal 
_pdbx_audit_revision_category.data_content_type 
_pdbx_audit_revision_category.category 
1 3 'Structure model' diffrn_source                 
2 4 'Structure model' chem_comp_atom                
3 4 'Structure model' chem_comp_bond                
4 4 'Structure model' database_2                    
5 4 'Structure model' pdbx_initial_refinement_model 
6 4 'Structure model' pdbx_struct_special_symmetry  
# 
loop_
_pdbx_audit_revision_item.ordinal 
_pdbx_audit_revision_item.revision_ordinal 
_pdbx_audit_revision_item.data_content_type 
_pdbx_audit_revision_item.item 
1 3 'Structure model' '_diffrn_source.pdbx_synchrotron_site' 
2 4 'Structure model' '_database_2.pdbx_DOI'                 
3 4 'Structure model' '_database_2.pdbx_database_accession'  
# 
loop_
_software.name 
_software.version 
_software.date 
_software.type 
_software.contact_author 
_software.contact_author_email 
_software.classification 
_software.location 
_software.language 
_software.citation_id 
_software.pdbx_ordinal 
AMoRE       .      ?                program 'Jorge Navaza'    ccp4@dl.ac.uk            phasing           
http://www.ccp4.ac.uk/main.html  Fortran_77 ? 1 
REFMAC      5.1.24 ?                program 'Murshudov, G.N.' ccp4@dl.ac.uk            refinement        
http://www.ccp4.ac.uk/main.html  Fortran_77 ? 2 
PDB_EXTRACT 2.000  'April. 3, 2006' package PDB               sw-help@rcsb.rutgers.edu 'data extraction' 
http://pdb.rutgers.edu/software/ C++        ? 3 
DENZO       .      ?                ?       ?                 ?                        'data reduction'  ? ?          ? 4 
SCALEPACK   .      ?                ?       ?                 ?                        'data scaling'    ? ?          ? 5 
# 
loop_
_pdbx_validate_rmsd_angle.id 
_pdbx_validate_rmsd_angle.PDB_model_num 
_pdbx_validate_rmsd_angle.auth_atom_id_1 
_pdbx_validate_rmsd_angle.auth_asym_id_1 
_pdbx_validate_rmsd_angle.auth_comp_id_1 
_pdbx_validate_rmsd_angle.auth_seq_id_1 
_pdbx_validate_rmsd_angle.PDB_ins_code_1 
_pdbx_validate_rmsd_angle.label_alt_id_1 
_pdbx_validate_rmsd_angle.auth_atom_id_2 
_pdbx_validate_rmsd_angle.auth_asym_id_2 
_pdbx_validate_rmsd_angle.auth_comp_id_2 
_pdbx_validate_rmsd_angle.auth_seq_id_2 
_pdbx_validate_rmsd_angle.PDB_ins_code_2 
_pdbx_validate_rmsd_angle.label_alt_id_2 
_pdbx_validate_rmsd_angle.auth_atom_id_3 
_pdbx_validate_rmsd_angle.auth_asym_id_3 
_pdbx_validate_rmsd_angle.auth_comp_id_3 
_pdbx_validate_rmsd_angle.auth_seq_id_3 
_pdbx_validate_rmsd_angle.PDB_ins_code_3 
_pdbx_validate_rmsd_angle.label_alt_id_3 
_pdbx_validate_rmsd_angle.angle_value 
_pdbx_validate_rmsd_angle.angle_target_value 
_pdbx_validate_rmsd_angle.angle_deviation 
_pdbx_validate_rmsd_angle.angle_standard_deviation 
_pdbx_validate_rmsd_angle.linker_flag 
1 1 CB A ASP 5   ? ? CG A ASP 5   ? ? OD2 A ASP 5   ? ? 125.56 118.30 7.26 0.90 N 
2 1 CB A ASP 44  ? ? CG A ASP 44  ? ? OD2 A ASP 44  ? ? 123.75 118.30 5.45 0.90 N 
3 1 CB A ASP 174 ? ? CG A ASP 174 ? ? OD2 A ASP 174 ? ? 126.12 118.30 7.82 0.90 N 
# 
loop_
_pdbx_validate_torsion.id 
_pdbx_validate_torsion.PDB_model_num 
_pdbx_validate_torsion.auth_comp_id 
_pdbx_validate_torsion.auth_asym_id 
_pdbx_validate_torsion.auth_seq_id 
_pdbx_validate_torsion.PDB_ins_code 
_pdbx_validate_torsion.label_alt_id 
_pdbx_validate_torsion.phi 
_pdbx_validate_torsion.psi 
1 1 CYS A 30  ? ? -157.03 42.29  
2 1 ASN A 63  ? ? -131.58 -52.22 
3 1 ASN A 73  ? ? 57.28   74.01  
4 1 ASP A 150 ? ? -122.11 -73.49 
# 
loop_
_pdbx_unobs_or_zero_occ_residues.id 
_pdbx_unobs_or_zero_occ_residues.PDB_model_num 
_pdbx_unobs_or_zero_occ_residues.polymer_flag 
_pdbx_unobs_or_zero_occ_residues.occupancy_flag 
_pdbx_unobs_or_zero_occ_residues.auth_asym_id 
_pdbx_unobs_or_zero_occ_residues.auth_comp_id 
_pdbx_unobs_or_zero_occ_residues.auth_seq_id 
_pdbx_unobs_or_zero_occ_residues.PDB_ins_code 
_pdbx_unobs_or_zero_occ_residues.label_asym_id 
_pdbx_unobs_or_zero_occ_residues.label_comp_id 
_pdbx_unobs_or_zero_occ_residues.label_seq_id 
1  1 Y 1 A GLY 176 ? A GLY 176 
2  1 Y 1 A TYR 177 ? A TYR 177 
3  1 Y 1 A SER 178 ? A SER 178 
4  1 Y 1 A GLU 179 ? A GLU 179 
5  1 Y 1 A ARG 180 ? A ARG 180 
6  1 Y 1 A LYS 181 ? A LYS 181 
7  1 Y 1 A THR 182 ? A THR 182 
8  1 Y 1 A SER 183 ? A SER 183 
9  1 Y 1 A LYS 184 ? A LYS 184 
10 1 Y 1 A TYR 185 ? A TYR 185 
11 1 Y 1 A ALA 186 ? A ALA 186 
12 1 Y 1 A TYR 187 ? A TYR 187 
13 1 Y 1 A GLN 188 ? A GLN 188 
14 1 Y 1 A LYS 189 ? A LYS 189 
15 1 Y 1 A SER 190 ? A SER 190 
16 1 Y 1 A VAL 191 ? A VAL 191 
17 1 Y 1 A MET 192 ? A MET 192 
18 1 Y 1 A PRO 193 ? A PRO 193 
19 1 Y 1 A SER 194 ? A SER 194 
20 1 Y 1 A LEU 195 ? A LEU 195 
21 1 Y 1 A ILE 196 ? A ILE 196 
22 1 Y 1 A HIS 197 ? A HIS 197 
23 1 Y 1 A LEU 198 ? A LEU 198 
24 1 Y 1 A ASP 199 ? A ASP 199 
25 1 Y 1 A ASN 200 ? A ASN 200 
26 1 Y 1 A HIS 201 ? A HIS 201 
27 1 Y 1 A LYS 202 ? A LYS 202 
28 1 Y 1 A LYS 203 ? A LYS 203 
29 1 Y 1 A ASP 204 ? A ASP 204 
# 
loop_
_chem_comp_atom.comp_id 
_chem_comp_atom.atom_id 
_chem_comp_atom.type_symbol 
_chem_comp_atom.pdbx_aromatic_flag 
_chem_comp_atom.pdbx_stereo_config 
_chem_comp_atom.pdbx_ordinal 
ALA N    N N N 1   
ALA CA   C N S 2   
ALA C    C N N 3   
ALA O    O N N 4   
ALA CB   C N N 5   
ALA OXT  O N N 6   
ALA H    H N N 7   
ALA H2   H N N 8   
ALA HA   H N N 9   
ALA HB1  H N N 10  
ALA HB2  H N N 11  
ALA HB3  H N N 12  
ALA HXT  H N N 13  
ARG N    N N N 14  
ARG CA   C N S 15  
ARG C    C N N 16  
ARG O    O N N 17  
ARG CB   C N N 18  
ARG CG   C N N 19  
ARG CD   C N N 20  
ARG NE   N N N 21  
ARG CZ   C N N 22  
ARG NH1  N N N 23  
ARG NH2  N N N 24  
ARG OXT  O N N 25  
ARG H    H N N 26  
ARG H2   H N N 27  
ARG HA   H N N 28  
ARG HB2  H N N 29  
ARG HB3  H N N 30  
ARG HG2  H N N 31  
ARG HG3  H N N 32  
ARG HD2  H N N 33  
ARG HD3  H N N 34  
ARG HE   H N N 35  
ARG HH11 H N N 36  
ARG HH12 H N N 37  
ARG HH21 H N N 38  
ARG HH22 H N N 39  
ARG HXT  H N N 40  
ASN N    N N N 41  
ASN CA   C N S 42  
ASN C    C N N 43  
ASN O    O N N 44  
ASN CB   C N N 45  
ASN CG   C N N 46  
ASN OD1  O N N 47  
ASN ND2  N N N 48  
ASN OXT  O N N 49  
ASN H    H N N 50  
ASN H2   H N N 51  
ASN HA   H N N 52  
ASN HB2  H N N 53  
ASN HB3  H N N 54  
ASN HD21 H N N 55  
ASN HD22 H N N 56  
ASN HXT  H N N 57  
ASP N    N N N 58  
ASP CA   C N S 59  
ASP C    C N N 60  
ASP O    O N N 61  
ASP CB   C N N 62  
ASP CG   C N N 63  
ASP OD1  O N N 64  
ASP OD2  O N N 65  
ASP OXT  O N N 66  
ASP H    H N N 67  
ASP H2   H N N 68  
ASP HA   H N N 69  
ASP HB2  H N N 70  
ASP HB3  H N N 71  
ASP HD2  H N N 72  
ASP HXT  H N N 73  
CYS N    N N N 74  
CYS CA   C N R 75  
CYS C    C N N 76  
CYS O    O N N 77  
CYS CB   C N N 78  
CYS SG   S N N 79  
CYS OXT  O N N 80  
CYS H    H N N 81  
CYS H2   H N N 82  
CYS HA   H N N 83  
CYS HB2  H N N 84  
CYS HB3  H N N 85  
CYS HG   H N N 86  
CYS HXT  H N N 87  
GLN N    N N N 88  
GLN CA   C N S 89  
GLN C    C N N 90  
GLN O    O N N 91  
GLN CB   C N N 92  
GLN CG   C N N 93  
GLN CD   C N N 94  
GLN OE1  O N N 95  
GLN NE2  N N N 96  
GLN OXT  O N N 97  
GLN H    H N N 98  
GLN H2   H N N 99  
GLN HA   H N N 100 
GLN HB2  H N N 101 
GLN HB3  H N N 102 
GLN HG2  H N N 103 
GLN HG3  H N N 104 
GLN HE21 H N N 105 
GLN HE22 H N N 106 
GLN HXT  H N N 107 
GLU N    N N N 108 
GLU CA   C N S 109 
GLU C    C N N 110 
GLU O    O N N 111 
GLU CB   C N N 112 
GLU CG   C N N 113 
GLU CD   C N N 114 
GLU OE1  O N N 115 
GLU OE2  O N N 116 
GLU OXT  O N N 117 
GLU H    H N N 118 
GLU H2   H N N 119 
GLU HA   H N N 120 
GLU HB2  H N N 121 
GLU HB3  H N N 122 
GLU HG2  H N N 123 
GLU HG3  H N N 124 
GLU HE2  H N N 125 
GLU HXT  H N N 126 
GLY N    N N N 127 
GLY CA   C N N 128 
GLY C    C N N 129 
GLY O    O N N 130 
GLY OXT  O N N 131 
GLY H    H N N 132 
GLY H2   H N N 133 
GLY HA2  H N N 134 
GLY HA3  H N N 135 
GLY HXT  H N N 136 
HIS N    N N N 137 
HIS CA   C N S 138 
HIS C    C N N 139 
HIS O    O N N 140 
HIS CB   C N N 141 
HIS CG   C Y N 142 
HIS ND1  N Y N 143 
HIS CD2  C Y N 144 
HIS CE1  C Y N 145 
HIS NE2  N Y N 146 
HIS OXT  O N N 147 
HIS H    H N N 148 
HIS H2   H N N 149 
HIS HA   H N N 150 
HIS HB2  H N N 151 
HIS HB3  H N N 152 
HIS HD1  H N N 153 
HIS HD2  H N N 154 
HIS HE1  H N N 155 
HIS HE2  H N N 156 
HIS HXT  H N N 157 
HOH O    O N N 158 
HOH H1   H N N 159 
HOH H2   H N N 160 
ILE N    N N N 161 
ILE CA   C N S 162 
ILE C    C N N 163 
ILE O    O N N 164 
ILE CB   C N S 165 
ILE CG1  C N N 166 
ILE CG2  C N N 167 
ILE CD1  C N N 168 
ILE OXT  O N N 169 
ILE H    H N N 170 
ILE H2   H N N 171 
ILE HA   H N N 172 
ILE HB   H N N 173 
ILE HG12 H N N 174 
ILE HG13 H N N 175 
ILE HG21 H N N 176 
ILE HG22 H N N 177 
ILE HG23 H N N 178 
ILE HD11 H N N 179 
ILE HD12 H N N 180 
ILE HD13 H N N 181 
ILE HXT  H N N 182 
LEU N    N N N 183 
LEU CA   C N S 184 
LEU C    C N N 185 
LEU O    O N N 186 
LEU CB   C N N 187 
LEU CG   C N N 188 
LEU CD1  C N N 189 
LEU CD2  C N N 190 
LEU OXT  O N N 191 
LEU H    H N N 192 
LEU H2   H N N 193 
LEU HA   H N N 194 
LEU HB2  H N N 195 
LEU HB3  H N N 196 
LEU HG   H N N 197 
LEU HD11 H N N 198 
LEU HD12 H N N 199 
LEU HD13 H N N 200 
LEU HD21 H N N 201 
LEU HD22 H N N 202 
LEU HD23 H N N 203 
LEU HXT  H N N 204 
LYS N    N N N 205 
LYS CA   C N S 206 
LYS C    C N N 207 
LYS O    O N N 208 
LYS CB   C N N 209 
LYS CG   C N N 210 
LYS CD   C N N 211 
LYS CE   C N N 212 
LYS NZ   N N N 213 
LYS OXT  O N N 214 
LYS H    H N N 215 
LYS H2   H N N 216 
LYS HA   H N N 217 
LYS HB2  H N N 218 
LYS HB3  H N N 219 
LYS HG2  H N N 220 
LYS HG3  H N N 221 
LYS HD2  H N N 222 
LYS HD3  H N N 223 
LYS HE2  H N N 224 
LYS HE3  H N N 225 
LYS HZ1  H N N 226 
LYS HZ2  H N N 227 
LYS HZ3  H N N 228 
LYS HXT  H N N 229 
MET N    N N N 230 
MET CA   C N S 231 
MET C    C N N 232 
MET O    O N N 233 
MET CB   C N N 234 
MET CG   C N N 235 
MET SD   S N N 236 
MET CE   C N N 237 
MET OXT  O N N 238 
MET H    H N N 239 
MET H2   H N N 240 
MET HA   H N N 241 
MET HB2  H N N 242 
MET HB3  H N N 243 
MET HG2  H N N 244 
MET HG3  H N N 245 
MET HE1  H N N 246 
MET HE2  H N N 247 
MET HE3  H N N 248 
MET HXT  H N N 249 
PHE N    N N N 250 
PHE CA   C N S 251 
PHE C    C N N 252 
PHE O    O N N 253 
PHE CB   C N N 254 
PHE CG   C Y N 255 
PHE CD1  C Y N 256 
PHE CD2  C Y N 257 
PHE CE1  C Y N 258 
PHE CE2  C Y N 259 
PHE CZ   C Y N 260 
PHE OXT  O N N 261 
PHE H    H N N 262 
PHE H2   H N N 263 
PHE HA   H N N 264 
PHE HB2  H N N 265 
PHE HB3  H N N 266 
PHE HD1  H N N 267 
PHE HD2  H N N 268 
PHE HE1  H N N 269 
PHE HE2  H N N 270 
PHE HZ   H N N 271 
PHE HXT  H N N 272 
PRO N    N N N 273 
PRO CA   C N S 274 
PRO C    C N N 275 
PRO O    O N N 276 
PRO CB   C N N 277 
PRO CG   C N N 278 
PRO CD   C N N 279 
PRO OXT  O N N 280 
PRO H    H N N 281 
PRO HA   H N N 282 
PRO HB2  H N N 283 
PRO HB3  H N N 284 
PRO HG2  H N N 285 
PRO HG3  H N N 286 
PRO HD2  H N N 287 
PRO HD3  H N N 288 
PRO HXT  H N N 289 
SER N    N N N 290 
SER CA   C N S 291 
SER C    C N N 292 
SER O    O N N 293 
SER CB   C N N 294 
SER OG   O N N 295 
SER OXT  O N N 296 
SER H    H N N 297 
SER H2   H N N 298 
SER HA   H N N 299 
SER HB2  H N N 300 
SER HB3  H N N 301 
SER HG   H N N 302 
SER HXT  H N N 303 
THR N    N N N 304 
THR CA   C N S 305 
THR C    C N N 306 
THR O    O N N 307 
THR CB   C N R 308 
THR OG1  O N N 309 
THR CG2  C N N 310 
THR OXT  O N N 311 
THR H    H N N 312 
THR H2   H N N 313 
THR HA   H N N 314 
THR HB   H N N 315 
THR HG1  H N N 316 
THR HG21 H N N 317 
THR HG22 H N N 318 
THR HG23 H N N 319 
THR HXT  H N N 320 
TRP N    N N N 321 
TRP CA   C N S 322 
TRP C    C N N 323 
TRP O    O N N 324 
TRP CB   C N N 325 
TRP CG   C Y N 326 
TRP CD1  C Y N 327 
TRP CD2  C Y N 328 
TRP NE1  N Y N 329 
TRP CE2  C Y N 330 
TRP CE3  C Y N 331 
TRP CZ2  C Y N 332 
TRP CZ3  C Y N 333 
TRP CH2  C Y N 334 
TRP OXT  O N N 335 
TRP H    H N N 336 
TRP H2   H N N 337 
TRP HA   H N N 338 
TRP HB2  H N N 339 
TRP HB3  H N N 340 
TRP HD1  H N N 341 
TRP HE1  H N N 342 
TRP HE3  H N N 343 
TRP HZ2  H N N 344 
TRP HZ3  H N N 345 
TRP HH2  H N N 346 
TRP HXT  H N N 347 
TYR N    N N N 348 
TYR CA   C N S 349 
TYR C    C N N 350 
TYR O    O N N 351 
TYR CB   C N N 352 
TYR CG   C Y N 353 
TYR CD1  C Y N 354 
TYR CD2  C Y N 355 
TYR CE1  C Y N 356 
TYR CE2  C Y N 357 
TYR CZ   C Y N 358 
TYR OH   O N N 359 
TYR OXT  O N N 360 
TYR H    H N N 361 
TYR H2   H N N 362 
TYR HA   H N N 363 
TYR HB2  H N N 364 
TYR HB3  H N N 365 
TYR HD1  H N N 366 
TYR HD2  H N N 367 
TYR HE1  H N N 368 
TYR HE2  H N N 369 
TYR HH   H N N 370 
TYR HXT  H N N 371 
VAL N    N N N 372 
VAL CA   C N S 373 
VAL C    C N N 374 
VAL O    O N N 375 
VAL CB   C N N 376 
VAL CG1  C N N 377 
VAL CG2  C N N 378 
VAL OXT  O N N 379 
VAL H    H N N 380 
VAL H2   H N N 381 
VAL HA   H N N 382 
VAL HB   H N N 383 
VAL HG11 H N N 384 
VAL HG12 H N N 385 
VAL HG13 H N N 386 
VAL HG21 H N N 387 
VAL HG22 H N N 388 
VAL HG23 H N N 389 
VAL HXT  H N N 390 
# 
loop_
_chem_comp_bond.comp_id 
_chem_comp_bond.atom_id_1 
_chem_comp_bond.atom_id_2 
_chem_comp_bond.value_order 
_chem_comp_bond.pdbx_aromatic_flag 
_chem_comp_bond.pdbx_stereo_config 
_chem_comp_bond.pdbx_ordinal 
ALA N   CA   sing N N 1   
ALA N   H    sing N N 2   
ALA N   H2   sing N N 3   
ALA CA  C    sing N N 4   
ALA CA  CB   sing N N 5   
ALA CA  HA   sing N N 6   
ALA C   O    doub N N 7   
ALA C   OXT  sing N N 8   
ALA CB  HB1  sing N N 9   
ALA CB  HB2  sing N N 10  
ALA CB  HB3  sing N N 11  
ALA OXT HXT  sing N N 12  
ARG N   CA   sing N N 13  
ARG N   H    sing N N 14  
ARG N   H2   sing N N 15  
ARG CA  C    sing N N 16  
ARG CA  CB   sing N N 17  
ARG CA  HA   sing N N 18  
ARG C   O    doub N N 19  
ARG C   OXT  sing N N 20  
ARG CB  CG   sing N N 21  
ARG CB  HB2  sing N N 22  
ARG CB  HB3  sing N N 23  
ARG CG  CD   sing N N 24  
ARG CG  HG2  sing N N 25  
ARG CG  HG3  sing N N 26  
ARG CD  NE   sing N N 27  
ARG CD  HD2  sing N N 28  
ARG CD  HD3  sing N N 29  
ARG NE  CZ   sing N N 30  
ARG NE  HE   sing N N 31  
ARG CZ  NH1  sing N N 32  
ARG CZ  NH2  doub N N 33  
ARG NH1 HH11 sing N N 34  
ARG NH1 HH12 sing N N 35  
ARG NH2 HH21 sing N N 36  
ARG NH2 HH22 sing N N 37  
ARG OXT HXT  sing N N 38  
ASN N   CA   sing N N 39  
ASN N   H    sing N N 40  
ASN N   H2   sing N N 41  
ASN CA  C    sing N N 42  
ASN CA  CB   sing N N 43  
ASN CA  HA   sing N N 44  
ASN C   O    doub N N 45  
ASN C   OXT  sing N N 46  
ASN CB  CG   sing N N 47  
ASN CB  HB2  sing N N 48  
ASN CB  HB3  sing N N 49  
ASN CG  OD1  doub N N 50  
ASN CG  ND2  sing N N 51  
ASN ND2 HD21 sing N N 52  
ASN ND2 HD22 sing N N 53  
ASN OXT HXT  sing N N 54  
ASP N   CA   sing N N 55  
ASP N   H    sing N N 56  
ASP N   H2   sing N N 57  
ASP CA  C    sing N N 58  
ASP CA  CB   sing N N 59  
ASP CA  HA   sing N N 60  
ASP C   O    doub N N 61  
ASP C   OXT  sing N N 62  
ASP CB  CG   sing N N 63  
ASP CB  HB2  sing N N 64  
ASP CB  HB3  sing N N 65  
ASP CG  OD1  doub N N 66  
ASP CG  OD2  sing N N 67  
ASP OD2 HD2  sing N N 68  
ASP OXT HXT  sing N N 69  
CYS N   CA   sing N N 70  
CYS N   H    sing N N 71  
CYS N   H2   sing N N 72  
CYS CA  C    sing N N 73  
CYS CA  CB   sing N N 74  
CYS CA  HA   sing N N 75  
CYS C   O    doub N N 76  
CYS C   OXT  sing N N 77  
CYS CB  SG   sing N N 78  
CYS CB  HB2  sing N N 79  
CYS CB  HB3  sing N N 80  
CYS SG  HG   sing N N 81  
CYS OXT HXT  sing N N 82  
GLN N   CA   sing N N 83  
GLN N   H    sing N N 84  
GLN N   H2   sing N N 85  
GLN CA  C    sing N N 86  
GLN CA  CB   sing N N 87  
GLN CA  HA   sing N N 88  
GLN C   O    doub N N 89  
GLN C   OXT  sing N N 90  
GLN CB  CG   sing N N 91  
GLN CB  HB2  sing N N 92  
GLN CB  HB3  sing N N 93  
GLN CG  CD   sing N N 94  
GLN CG  HG2  sing N N 95  
GLN CG  HG3  sing N N 96  
GLN CD  OE1  doub N N 97  
GLN CD  NE2  sing N N 98  
GLN NE2 HE21 sing N N 99  
GLN NE2 HE22 sing N N 100 
GLN OXT HXT  sing N N 101 
GLU N   CA   sing N N 102 
GLU N   H    sing N N 103 
GLU N   H2   sing N N 104 
GLU CA  C    sing N N 105 
GLU CA  CB   sing N N 106 
GLU CA  HA   sing N N 107 
GLU C   O    doub N N 108 
GLU C   OXT  sing N N 109 
GLU CB  CG   sing N N 110 
GLU CB  HB2  sing N N 111 
GLU CB  HB3  sing N N 112 
GLU CG  CD   sing N N 113 
GLU CG  HG2  sing N N 114 
GLU CG  HG3  sing N N 115 
GLU CD  OE1  doub N N 116 
GLU CD  OE2  sing N N 117 
GLU OE2 HE2  sing N N 118 
GLU OXT HXT  sing N N 119 
GLY N   CA   sing N N 120 
GLY N   H    sing N N 121 
GLY N   H2   sing N N 122 
GLY CA  C    sing N N 123 
GLY CA  HA2  sing N N 124 
GLY CA  HA3  sing N N 125 
GLY C   O    doub N N 126 
GLY C   OXT  sing N N 127 
GLY OXT HXT  sing N N 128 
HIS N   CA   sing N N 129 
HIS N   H    sing N N 130 
HIS N   H2   sing N N 131 
HIS CA  C    sing N N 132 
HIS CA  CB   sing N N 133 
HIS CA  HA   sing N N 134 
HIS C   O    doub N N 135 
HIS C   OXT  sing N N 136 
HIS CB  CG   sing N N 137 
HIS CB  HB2  sing N N 138 
HIS CB  HB3  sing N N 139 
HIS CG  ND1  sing Y N 140 
HIS CG  CD2  doub Y N 141 
HIS ND1 CE1  doub Y N 142 
HIS ND1 HD1  sing N N 143 
HIS CD2 NE2  sing Y N 144 
HIS CD2 HD2  sing N N 145 
HIS CE1 NE2  sing Y N 146 
HIS CE1 HE1  sing N N 147 
HIS NE2 HE2  sing N N 148 
HIS OXT HXT  sing N N 149 
HOH O   H1   sing N N 150 
HOH O   H2   sing N N 151 
ILE N   CA   sing N N 152 
ILE N   H    sing N N 153 
ILE N   H2   sing N N 154 
ILE CA  C    sing N N 155 
ILE CA  CB   sing N N 156 
ILE CA  HA   sing N N 157 
ILE C   O    doub N N 158 
ILE C   OXT  sing N N 159 
ILE CB  CG1  sing N N 160 
ILE CB  CG2  sing N N 161 
ILE CB  HB   sing N N 162 
ILE CG1 CD1  sing N N 163 
ILE CG1 HG12 sing N N 164 
ILE CG1 HG13 sing N N 165 
ILE CG2 HG21 sing N N 166 
ILE CG2 HG22 sing N N 167 
ILE CG2 HG23 sing N N 168 
ILE CD1 HD11 sing N N 169 
ILE CD1 HD12 sing N N 170 
ILE CD1 HD13 sing N N 171 
ILE OXT HXT  sing N N 172 
LEU N   CA   sing N N 173 
LEU N   H    sing N N 174 
LEU N   H2   sing N N 175 
LEU CA  C    sing N N 176 
LEU CA  CB   sing N N 177 
LEU CA  HA   sing N N 178 
LEU C   O    doub N N 179 
LEU C   OXT  sing N N 180 
LEU CB  CG   sing N N 181 
LEU CB  HB2  sing N N 182 
LEU CB  HB3  sing N N 183 
LEU CG  CD1  sing N N 184 
LEU CG  CD2  sing N N 185 
LEU CG  HG   sing N N 186 
LEU CD1 HD11 sing N N 187 
LEU CD1 HD12 sing N N 188 
LEU CD1 HD13 sing N N 189 
LEU CD2 HD21 sing N N 190 
LEU CD2 HD22 sing N N 191 
LEU CD2 HD23 sing N N 192 
LEU OXT HXT  sing N N 193 
LYS N   CA   sing N N 194 
LYS N   H    sing N N 195 
LYS N   H2   sing N N 196 
LYS CA  C    sing N N 197 
LYS CA  CB   sing N N 198 
LYS CA  HA   sing N N 199 
LYS C   O    doub N N 200 
LYS C   OXT  sing N N 201 
LYS CB  CG   sing N N 202 
LYS CB  HB2  sing N N 203 
LYS CB  HB3  sing N N 204 
LYS CG  CD   sing N N 205 
LYS CG  HG2  sing N N 206 
LYS CG  HG3  sing N N 207 
LYS CD  CE   sing N N 208 
LYS CD  HD2  sing N N 209 
LYS CD  HD3  sing N N 210 
LYS CE  NZ   sing N N 211 
LYS CE  HE2  sing N N 212 
LYS CE  HE3  sing N N 213 
LYS NZ  HZ1  sing N N 214 
LYS NZ  HZ2  sing N N 215 
LYS NZ  HZ3  sing N N 216 
LYS OXT HXT  sing N N 217 
MET N   CA   sing N N 218 
MET N   H    sing N N 219 
MET N   H2   sing N N 220 
MET CA  C    sing N N 221 
MET CA  CB   sing N N 222 
MET CA  HA   sing N N 223 
MET C   O    doub N N 224 
MET C   OXT  sing N N 225 
MET CB  CG   sing N N 226 
MET CB  HB2  sing N N 227 
MET CB  HB3  sing N N 228 
MET CG  SD   sing N N 229 
MET CG  HG2  sing N N 230 
MET CG  HG3  sing N N 231 
MET SD  CE   sing N N 232 
MET CE  HE1  sing N N 233 
MET CE  HE2  sing N N 234 
MET CE  HE3  sing N N 235 
MET OXT HXT  sing N N 236 
PHE N   CA   sing N N 237 
PHE N   H    sing N N 238 
PHE N   H2   sing N N 239 
PHE CA  C    sing N N 240 
PHE CA  CB   sing N N 241 
PHE CA  HA   sing N N 242 
PHE C   O    doub N N 243 
PHE C   OXT  sing N N 244 
PHE CB  CG   sing N N 245 
PHE CB  HB2  sing N N 246 
PHE CB  HB3  sing N N 247 
PHE CG  CD1  doub Y N 248 
PHE CG  CD2  sing Y N 249 
PHE CD1 CE1  sing Y N 250 
PHE CD1 HD1  sing N N 251 
PHE CD2 CE2  doub Y N 252 
PHE CD2 HD2  sing N N 253 
PHE CE1 CZ   doub Y N 254 
PHE CE1 HE1  sing N N 255 
PHE CE2 CZ   sing Y N 256 
PHE CE2 HE2  sing N N 257 
PHE CZ  HZ   sing N N 258 
PHE OXT HXT  sing N N 259 
PRO N   CA   sing N N 260 
PRO N   CD   sing N N 261 
PRO N   H    sing N N 262 
PRO CA  C    sing N N 263 
PRO CA  CB   sing N N 264 
PRO CA  HA   sing N N 265 
PRO C   O    doub N N 266 
PRO C   OXT  sing N N 267 
PRO CB  CG   sing N N 268 
PRO CB  HB2  sing N N 269 
PRO CB  HB3  sing N N 270 
PRO CG  CD   sing N N 271 
PRO CG  HG2  sing N N 272 
PRO CG  HG3  sing N N 273 
PRO CD  HD2  sing N N 274 
PRO CD  HD3  sing N N 275 
PRO OXT HXT  sing N N 276 
SER N   CA   sing N N 277 
SER N   H    sing N N 278 
SER N   H2   sing N N 279 
SER CA  C    sing N N 280 
SER CA  CB   sing N N 281 
SER CA  HA   sing N N 282 
SER C   O    doub N N 283 
SER C   OXT  sing N N 284 
SER CB  OG   sing N N 285 
SER CB  HB2  sing N N 286 
SER CB  HB3  sing N N 287 
SER OG  HG   sing N N 288 
SER OXT HXT  sing N N 289 
THR N   CA   sing N N 290 
THR N   H    sing N N 291 
THR N   H2   sing N N 292 
THR CA  C    sing N N 293 
THR CA  CB   sing N N 294 
THR CA  HA   sing N N 295 
THR C   O    doub N N 296 
THR C   OXT  sing N N 297 
THR CB  OG1  sing N N 298 
THR CB  CG2  sing N N 299 
THR CB  HB   sing N N 300 
THR OG1 HG1  sing N N 301 
THR CG2 HG21 sing N N 302 
THR CG2 HG22 sing N N 303 
THR CG2 HG23 sing N N 304 
THR OXT HXT  sing N N 305 
TRP N   CA   sing N N 306 
TRP N   H    sing N N 307 
TRP N   H2   sing N N 308 
TRP CA  C    sing N N 309 
TRP CA  CB   sing N N 310 
TRP CA  HA   sing N N 311 
TRP C   O    doub N N 312 
TRP C   OXT  sing N N 313 
TRP CB  CG   sing N N 314 
TRP CB  HB2  sing N N 315 
TRP CB  HB3  sing N N 316 
TRP CG  CD1  doub Y N 317 
TRP CG  CD2  sing Y N 318 
TRP CD1 NE1  sing Y N 319 
TRP CD1 HD1  sing N N 320 
TRP CD2 CE2  doub Y N 321 
TRP CD2 CE3  sing Y N 322 
TRP NE1 CE2  sing Y N 323 
TRP NE1 HE1  sing N N 324 
TRP CE2 CZ2  sing Y N 325 
TRP CE3 CZ3  doub Y N 326 
TRP CE3 HE3  sing N N 327 
TRP CZ2 CH2  doub Y N 328 
TRP CZ2 HZ2  sing N N 329 
TRP CZ3 CH2  sing Y N 330 
TRP CZ3 HZ3  sing N N 331 
TRP CH2 HH2  sing N N 332 
TRP OXT HXT  sing N N 333 
TYR N   CA   sing N N 334 
TYR N   H    sing N N 335 
TYR N   H2   sing N N 336 
TYR CA  C    sing N N 337 
TYR CA  CB   sing N N 338 
TYR CA  HA   sing N N 339 
TYR C   O    doub N N 340 
TYR C   OXT  sing N N 341 
TYR CB  CG   sing N N 342 
TYR CB  HB2  sing N N 343 
TYR CB  HB3  sing N N 344 
TYR CG  CD1  doub Y N 345 
TYR CG  CD2  sing Y N 346 
TYR CD1 CE1  sing Y N 347 
TYR CD1 HD1  sing N N 348 
TYR CD2 CE2  doub Y N 349 
TYR CD2 HD2  sing N N 350 
TYR CE1 CZ   doub Y N 351 
TYR CE1 HE1  sing N N 352 
TYR CE2 CZ   sing Y N 353 
TYR CE2 HE2  sing N N 354 
TYR CZ  OH   sing N N 355 
TYR OH  HH   sing N N 356 
TYR OXT HXT  sing N N 357 
VAL N   CA   sing N N 358 
VAL N   H    sing N N 359 
VAL N   H2   sing N N 360 
VAL CA  C    sing N N 361 
VAL CA  CB   sing N N 362 
VAL CA  HA   sing N N 363 
VAL C   O    doub N N 364 
VAL C   OXT  sing N N 365 
VAL CB  CG1  sing N N 366 
VAL CB  CG2  sing N N 367 
VAL CB  HB   sing N N 368 
VAL CG1 HG11 sing N N 369 
VAL CG1 HG12 sing N N 370 
VAL CG1 HG13 sing N N 371 
VAL CG2 HG21 sing N N 372 
VAL CG2 HG22 sing N N 373 
VAL CG2 HG23 sing N N 374 
VAL OXT HXT  sing N N 375 
# 
_pdbx_entity_nonpoly.entity_id   2 
_pdbx_entity_nonpoly.name        water 
_pdbx_entity_nonpoly.comp_id     HOH 
# 
_pdbx_initial_refinement_model.id               1 
_pdbx_initial_refinement_model.entity_id_list   ? 
_pdbx_initial_refinement_model.type             'experimental model' 
_pdbx_initial_refinement_model.source_name      PDB 
_pdbx_initial_refinement_model.accession_code   1OGH 
_pdbx_initial_refinement_model.details          'PDB ENTRY 1OGH' 
# 
